data_3SL8
#
_entry.id   3SL8
#
_cell.length_a   99.140
_cell.length_b   111.650
_cell.length_c   161.740
_cell.angle_alpha   90.000
_cell.angle_beta   90.000
_cell.angle_gamma   90.000
#
_symmetry.space_group_name_H-M   'P 21 21 21'
#
loop_
_entity.id
_entity.type
_entity.pdbx_description
1 polymer "cAMP-specific 3',5'-cyclic phosphodiesterase 4D"
2 non-polymer 1,2-ETHANEDIOL
3 non-polymer 'ZINC ION'
4 non-polymer DI(HYDROXYETHYL)ETHER
5 non-polymer '3-cyclopentyl 6-ethenyl 2-[(thiophen-2-ylacetyl)amino]-4,7-dihydrothieno[2,3-c]pyridine-3,6(5H)-dicarboxylate'
6 non-polymer 'PHOSPHATE ION'
7 non-polymer 'DIMETHYL SULFOXIDE'
8 water water
#
_entity_poly.entity_id   1
_entity_poly.type   'polypeptide(L)'
_entity_poly.pdbx_seq_one_letter_code
;IPRFGVKTEQEDVLAKELEDVNKWGLHVFRIAELSGNRPLTVIMHTIFQERDLLKTFKIPVDTLITYLMTLEDHYHADVA
YHNNIHAADVVQSTHVLLSTPALEAVFTDLEILAAIFASAIHDVDHPGVSNQFLINTNSELALMYNDSSVLENHHLAVGF
KLLQEENCDIFQNLTKKQRQSLRKMVIDIVLATDMSKHMNLLADLKTMVETKKVTSSGVLLLDNYSDRIQVLQNMVHCAD
LSNPTKPLQLYRQWTDRIMEEFFRQGDRERERGMEISPMCDKHNASVEKSQVGFIDYIVHPLWETWADLVHPDAQDILDT
LEDNREWYQSTIPQSPSPAPDDPEEGRQGQTEKFQFELTLE
;
_entity_poly.pdbx_strand_id   A,B,C,D
#
loop_
_chem_comp.id
_chem_comp.type
_chem_comp.name
_chem_comp.formula
DMS non-polymer 'DIMETHYL SULFOXIDE' 'C2 H6 O S'
EDO non-polymer 1,2-ETHANEDIOL 'C2 H6 O2'
JN7 non-polymer '3-cyclopentyl 6-ethenyl 2-[(thiophen-2-ylacetyl)amino]-4,7-dihydrothieno[2,3-c]pyridine-3,6(5H)-dicarboxylate' 'C22 H24 N2 O5 S2'
PEG non-polymer DI(HYDROXYETHYL)ETHER 'C4 H10 O3'
PO4 non-polymer 'PHOSPHATE ION' 'O4 P -3'
ZN non-polymer 'ZINC ION' 'Zn 2'
#
# COMPACT_ATOMS: atom_id res chain seq x y z
N VAL A 6 42.92 0.52 17.99
CA VAL A 6 41.66 0.00 17.48
C VAL A 6 40.89 1.09 16.76
N LYS A 7 40.20 1.93 17.53
CA LYS A 7 39.45 3.06 16.98
C LYS A 7 40.30 3.92 16.07
N THR A 8 39.66 4.48 15.05
CA THR A 8 40.25 5.56 14.28
C THR A 8 40.22 6.76 15.20
N GLU A 9 40.98 7.79 14.86
CA GLU A 9 41.01 8.95 15.72
C GLU A 9 39.66 9.67 15.66
N GLN A 10 38.99 9.59 14.51
CA GLN A 10 37.64 10.12 14.41
C GLN A 10 36.67 9.42 15.38
N GLU A 11 36.67 8.09 15.36
CA GLU A 11 35.87 7.27 16.28
C GLU A 11 36.13 7.66 17.73
N ASP A 12 37.37 8.07 18.02
CA ASP A 12 37.79 8.38 19.38
C ASP A 12 37.18 9.70 19.81
N VAL A 13 37.27 10.67 18.91
CA VAL A 13 36.64 11.96 19.14
C VAL A 13 35.15 11.74 19.34
N LEU A 14 34.55 10.92 18.48
CA LEU A 14 33.13 10.56 18.59
C LEU A 14 32.83 10.00 19.97
N ALA A 15 33.63 9.03 20.38
CA ALA A 15 33.40 8.35 21.65
C ALA A 15 33.45 9.30 22.84
N LYS A 16 34.35 10.28 22.80
CA LYS A 16 34.44 11.19 23.93
C LYS A 16 33.20 12.08 24.03
N GLU A 17 32.66 12.50 22.89
CA GLU A 17 31.42 13.31 22.90
C GLU A 17 30.26 12.51 23.45
N LEU A 18 30.16 11.25 23.01
CA LEU A 18 29.14 10.33 23.51
C LEU A 18 29.25 10.09 25.00
N GLU A 19 30.32 10.55 25.63
CA GLU A 19 30.41 10.38 27.09
C GLU A 19 29.45 11.32 27.80
N ASP A 20 28.68 12.07 27.02
CA ASP A 20 27.70 13.00 27.55
C ASP A 20 26.24 12.55 27.35
N VAL A 21 26.03 11.36 26.81
CA VAL A 21 24.66 10.88 26.55
C VAL A 21 23.69 11.03 27.73
N ASN A 22 24.17 10.92 28.97
CA ASN A 22 23.28 11.16 30.12
C ASN A 22 23.13 12.63 30.52
N LYS A 23 23.75 13.56 29.81
CA LYS A 23 23.65 14.99 30.16
C LYS A 23 22.75 15.75 29.21
N TRP A 24 21.90 16.61 29.76
CA TRP A 24 21.09 17.53 28.94
C TRP A 24 22.02 18.40 28.12
N GLY A 25 21.68 18.62 26.85
CA GLY A 25 22.49 19.49 25.99
C GLY A 25 23.73 18.83 25.41
N LEU A 26 23.68 17.52 25.22
CA LEU A 26 24.70 16.81 24.48
C LEU A 26 24.88 17.58 23.19
N HIS A 27 26.08 17.69 22.66
CA HIS A 27 26.16 18.36 21.37
C HIS A 27 25.84 17.44 20.21
N VAL A 28 24.54 17.39 19.92
CA VAL A 28 23.99 16.46 18.98
C VAL A 28 24.48 16.77 17.55
N PHE A 29 24.71 18.04 17.27
CA PHE A 29 25.17 18.48 15.96
C PHE A 29 26.63 18.11 15.67
N ARG A 30 27.47 18.16 16.70
CA ARG A 30 28.83 17.63 16.58
C ARG A 30 28.79 16.12 16.27
N ILE A 31 28.08 15.39 17.14
CA ILE A 31 27.85 13.95 17.00
C ILE A 31 27.39 13.56 15.59
N ALA A 32 26.51 14.35 15.00
CA ALA A 32 26.10 14.09 13.62
C ALA A 32 27.29 14.21 12.65
N GLU A 33 28.18 15.18 12.90
CA GLU A 33 29.33 15.41 12.02
C GLU A 33 30.35 14.30 12.20
N LEU A 34 30.78 14.13 13.44
CA LEU A 34 31.73 13.08 13.76
C LEU A 34 31.26 11.71 13.26
N SER A 35 29.96 11.49 13.24
CA SER A 35 29.41 10.16 12.95
C SER A 35 29.07 9.87 11.50
N GLY A 36 29.36 10.79 10.58
CA GLY A 36 29.00 10.60 9.19
C GLY A 36 27.48 10.69 9.00
N ASN A 37 26.85 11.55 9.78
CA ASN A 37 25.39 11.69 9.74
C ASN A 37 24.68 10.42 10.20
N ARG A 38 25.20 9.88 11.29
CA ARG A 38 24.62 8.73 11.94
C ARG A 38 24.32 9.08 13.37
N PRO A 39 23.80 10.29 13.62
CA PRO A 39 23.60 10.57 15.05
C PRO A 39 22.60 9.59 15.66
N LEU A 40 21.58 9.19 14.89
CA LEU A 40 20.53 8.32 15.41
C LEU A 40 21.06 6.93 15.74
N THR A 41 21.78 6.34 14.79
CA THR A 41 22.41 5.05 15.00
C THR A 41 23.35 5.00 16.22
N VAL A 42 24.27 5.95 16.33
CA VAL A 42 25.24 5.94 17.43
C VAL A 42 24.68 6.27 18.81
N ILE A 43 23.74 7.21 18.88
CA ILE A 43 23.09 7.51 20.17
C ILE A 43 22.19 6.37 20.67
N MET A 44 21.40 5.79 19.76
CA MET A 44 20.57 4.62 20.11
C MET A 44 21.42 3.44 20.61
N HIS A 45 22.50 3.15 19.90
CA HIS A 45 23.34 2.02 20.26
C HIS A 45 23.93 2.26 21.64
N THR A 46 24.43 3.49 21.82
CA THR A 46 25.05 3.88 23.07
C THR A 46 24.06 3.71 24.21
N ILE A 47 22.84 4.19 24.00
CA ILE A 47 21.81 4.13 25.03
C ILE A 47 21.44 2.68 25.34
N PHE A 48 21.38 1.86 24.30
CA PHE A 48 20.97 0.47 24.42
C PHE A 48 21.98 -0.37 25.18
N GLN A 49 23.27 -0.15 24.92
CA GLN A 49 24.31 -0.80 25.70
C GLN A 49 24.24 -0.26 27.11
N GLU A 50 24.17 1.07 27.20
CA GLU A 50 24.18 1.77 28.47
C GLU A 50 23.09 1.26 29.39
N ARG A 51 21.92 0.99 28.81
CA ARG A 51 20.78 0.55 29.59
C ARG A 51 20.62 -0.95 29.57
N ASP A 52 21.61 -1.64 28.99
CA ASP A 52 21.59 -3.11 28.85
C ASP A 52 20.41 -3.72 28.07
N LEU A 53 19.82 -2.95 27.17
CA LEU A 53 18.63 -3.39 26.48
C LEU A 53 18.89 -4.62 25.59
N LEU A 54 20.11 -4.77 25.08
CA LEU A 54 20.38 -5.87 24.16
C LEU A 54 20.32 -7.25 24.82
N LYS A 55 20.90 -7.36 26.01
CA LYS A 55 20.85 -8.61 26.75
C LYS A 55 19.44 -8.89 27.29
N THR A 56 18.84 -7.90 27.93
CA THR A 56 17.51 -8.06 28.49
C THR A 56 16.44 -8.54 27.47
N PHE A 57 16.60 -8.14 26.22
CA PHE A 57 15.63 -8.50 25.19
C PHE A 57 16.25 -9.37 24.10
N LYS A 58 17.46 -9.84 24.35
CA LYS A 58 18.15 -10.73 23.44
C LYS A 58 18.17 -10.19 22.03
N ILE A 59 18.58 -8.94 21.86
CA ILE A 59 18.63 -8.36 20.52
C ILE A 59 20.01 -8.57 19.95
N PRO A 60 20.12 -9.35 18.86
CA PRO A 60 21.45 -9.50 18.25
C PRO A 60 21.97 -8.14 17.78
N VAL A 61 23.24 -7.87 18.03
CA VAL A 61 23.76 -6.53 17.85
C VAL A 61 23.85 -6.11 16.38
N ASP A 62 24.10 -7.07 15.49
CA ASP A 62 24.15 -6.74 14.08
C ASP A 62 22.75 -6.39 13.56
N THR A 63 21.73 -7.05 14.11
CA THR A 63 20.34 -6.76 13.75
C THR A 63 20.00 -5.36 14.21
N LEU A 64 20.31 -5.05 15.46
CA LEU A 64 20.17 -3.70 15.99
C LEU A 64 20.81 -2.64 15.10
N ILE A 65 22.05 -2.88 14.71
CA ILE A 65 22.73 -1.94 13.86
C ILE A 65 22.06 -1.81 12.49
N THR A 66 21.80 -2.95 11.86
CA THR A 66 21.12 -2.95 10.58
C THR A 66 19.79 -2.20 10.64
N TYR A 67 18.96 -2.47 11.65
CA TYR A 67 17.71 -1.72 11.77
C TYR A 67 17.95 -0.21 12.04
N LEU A 68 18.85 0.13 12.95
CA LEU A 68 19.10 1.55 13.25
C LEU A 68 19.47 2.27 11.98
N MET A 69 20.33 1.65 11.19
CA MET A 69 20.76 2.32 9.98
C MET A 69 19.69 2.45 8.89
N THR A 70 18.75 1.53 8.89
CA THR A 70 17.68 1.53 7.91
C THR A 70 16.72 2.63 8.34
N LEU A 71 16.45 2.67 9.64
CA LEU A 71 15.63 3.70 10.26
C LEU A 71 16.16 5.10 9.96
N GLU A 72 17.47 5.28 10.12
CA GLU A 72 18.02 6.60 9.96
C GLU A 72 17.96 7.05 8.48
N ASP A 73 18.17 6.12 7.56
CA ASP A 73 18.08 6.42 6.14
C ASP A 73 16.67 6.70 5.63
N HIS A 74 15.65 6.47 6.46
CA HIS A 74 14.29 6.81 6.08
C HIS A 74 13.90 8.15 6.72
N TYR A 75 14.80 8.73 7.50
CA TYR A 75 14.71 10.19 7.71
C TYR A 75 15.29 10.89 6.47
N HIS A 76 14.75 12.06 6.14
CA HIS A 76 15.19 12.81 4.95
C HIS A 76 16.35 13.76 5.26
N ALA A 77 17.43 13.60 4.50
CA ALA A 77 18.60 14.47 4.67
C ALA A 77 18.28 15.87 4.12
N ASP A 78 17.35 15.95 3.17
CA ASP A 78 16.92 17.23 2.61
C ASP A 78 15.88 17.97 3.46
N VAL A 79 15.71 17.60 4.72
CA VAL A 79 14.72 18.26 5.56
C VAL A 79 15.40 18.94 6.76
N ALA A 80 15.25 20.25 6.88
CA ALA A 80 16.03 21.02 7.84
C ALA A 80 15.81 20.66 9.34
N TYR A 81 14.57 20.44 9.76
CA TYR A 81 14.30 20.12 11.17
C TYR A 81 13.95 18.66 11.40
N HIS A 82 12.81 18.24 10.85
CA HIS A 82 12.29 16.90 11.07
C HIS A 82 13.13 15.80 10.41
N ASN A 83 14.36 15.66 10.89
CA ASN A 83 15.31 14.71 10.33
C ASN A 83 15.93 13.81 11.38
N ASN A 84 16.94 13.06 10.94
CA ASN A 84 17.60 12.11 11.82
C ASN A 84 18.22 12.76 13.07
N ILE A 85 18.73 14.00 12.93
CA ILE A 85 19.35 14.67 14.06
C ILE A 85 18.31 15.05 15.09
N HIS A 86 17.18 15.59 14.66
CA HIS A 86 16.03 15.77 15.54
C HIS A 86 15.60 14.42 16.16
N ALA A 87 15.57 13.36 15.36
CA ALA A 87 15.29 12.02 15.91
C ALA A 87 16.22 11.68 17.08
N ALA A 88 17.53 11.78 16.84
CA ALA A 88 18.56 11.46 17.86
C ALA A 88 18.44 12.34 19.11
N ASP A 89 18.09 13.59 18.89
CA ASP A 89 17.97 14.54 19.95
C ASP A 89 16.83 14.14 20.89
N VAL A 90 15.67 13.82 20.32
CA VAL A 90 14.51 13.43 21.12
C VAL A 90 14.74 12.12 21.87
N VAL A 91 15.44 11.20 21.22
CA VAL A 91 15.80 9.92 21.83
C VAL A 91 16.68 10.14 23.06
N GLN A 92 17.76 10.89 22.89
CA GLN A 92 18.65 11.16 24.00
C GLN A 92 17.96 11.98 25.11
N SER A 93 17.08 12.92 24.74
CA SER A 93 16.34 13.71 25.75
C SER A 93 15.39 12.81 26.53
N THR A 94 14.69 11.94 25.81
CA THR A 94 13.83 10.95 26.43
C THR A 94 14.66 10.07 27.37
N HIS A 95 15.88 9.78 26.94
CA HIS A 95 16.77 8.95 27.74
C HIS A 95 17.15 9.64 29.05
N VAL A 96 17.45 10.93 28.96
CA VAL A 96 17.81 11.68 30.17
C VAL A 96 16.60 11.76 31.11
N LEU A 97 15.45 12.16 30.57
CA LEU A 97 14.21 12.23 31.36
C LEU A 97 13.83 10.92 32.04
N LEU A 98 14.17 9.78 31.46
CA LEU A 98 13.89 8.49 32.09
C LEU A 98 14.73 8.31 33.34
N SER A 99 15.92 8.90 33.32
CA SER A 99 16.84 8.76 34.44
C SER A 99 16.51 9.71 35.59
N THR A 100 15.49 10.53 35.42
CA THR A 100 15.19 11.53 36.46
C THR A 100 14.89 10.84 37.81
N PRO A 101 15.44 11.39 38.90
CA PRO A 101 15.40 10.75 40.22
C PRO A 101 13.98 10.43 40.69
N ALA A 102 13.00 11.22 40.25
CA ALA A 102 11.61 11.04 40.69
C ALA A 102 10.92 9.86 40.00
N LEU A 103 11.61 9.26 39.04
CA LEU A 103 11.13 8.05 38.40
C LEU A 103 12.14 6.91 38.59
N GLU A 104 12.88 6.97 39.70
CA GLU A 104 13.87 5.95 39.98
C GLU A 104 13.15 4.65 40.23
N ALA A 105 13.46 3.65 39.41
CA ALA A 105 12.92 2.32 39.58
C ALA A 105 11.41 2.20 39.34
N VAL A 106 10.80 3.22 38.73
CA VAL A 106 9.36 3.17 38.44
C VAL A 106 8.99 2.30 37.24
N PHE A 107 9.58 2.57 36.08
CA PHE A 107 9.19 1.92 34.83
C PHE A 107 9.96 0.61 34.59
N THR A 108 9.28 -0.39 34.04
CA THR A 108 9.93 -1.65 33.62
C THR A 108 10.80 -1.49 32.36
N ASP A 109 11.69 -2.46 32.12
CA ASP A 109 12.55 -2.42 30.93
C ASP A 109 11.71 -2.32 29.65
N LEU A 110 10.60 -3.05 29.62
CA LEU A 110 9.70 -3.00 28.48
C LEU A 110 9.21 -1.59 28.23
N GLU A 111 8.93 -0.85 29.30
CA GLU A 111 8.37 0.51 29.15
C GLU A 111 9.46 1.49 28.71
N ILE A 112 10.64 1.35 29.29
CA ILE A 112 11.83 2.07 28.86
C ILE A 112 12.11 1.81 27.39
N LEU A 113 12.23 0.54 27.05
CA LEU A 113 12.39 0.12 25.67
C LEU A 113 11.35 0.76 24.76
N ALA A 114 10.09 0.77 25.20
CA ALA A 114 9.03 1.34 24.37
C ALA A 114 9.10 2.87 24.26
N ALA A 115 9.60 3.56 25.29
CA ALA A 115 9.69 5.01 25.19
C ALA A 115 10.86 5.46 24.31
N ILE A 116 11.99 4.78 24.44
CA ILE A 116 13.14 5.06 23.63
C ILE A 116 12.84 4.72 22.18
N PHE A 117 12.20 3.57 21.95
CA PHE A 117 11.93 3.18 20.58
C PHE A 117 10.91 4.12 19.97
N ALA A 118 9.94 4.56 20.76
CA ALA A 118 8.93 5.46 20.20
C ALA A 118 9.59 6.78 19.79
N SER A 119 10.58 7.22 20.55
CA SER A 119 11.33 8.42 20.22
C SER A 119 12.05 8.26 18.89
N ALA A 120 12.65 7.10 18.68
CA ALA A 120 13.50 6.91 17.52
C ALA A 120 12.71 6.93 16.20
N ILE A 121 11.47 6.49 16.22
CA ILE A 121 10.74 6.33 14.97
C ILE A 121 9.72 7.42 14.82
N HIS A 122 9.64 8.29 15.83
CA HIS A 122 8.52 9.20 16.00
C HIS A 122 8.25 10.19 14.86
N ASP A 123 9.26 10.52 14.06
CA ASP A 123 9.06 11.39 12.89
C ASP A 123 9.59 10.79 11.60
N VAL A 124 9.89 9.50 11.59
CA VAL A 124 10.57 8.91 10.46
C VAL A 124 9.79 9.13 9.18
N ASP A 125 10.52 9.43 8.12
CA ASP A 125 9.96 9.67 6.79
C ASP A 125 9.13 10.96 6.73
N HIS A 126 9.39 11.89 7.65
CA HIS A 126 8.74 13.21 7.64
C HIS A 126 9.11 14.02 6.39
N PRO A 127 8.10 14.55 5.69
CA PRO A 127 8.37 15.29 4.44
C PRO A 127 8.79 16.76 4.64
N GLY A 128 8.61 17.32 5.82
CA GLY A 128 9.00 18.71 6.04
C GLY A 128 7.88 19.71 5.80
N VAL A 129 6.66 19.20 5.68
CA VAL A 129 5.47 20.02 5.62
C VAL A 129 4.52 19.44 6.64
N SER A 130 3.37 20.09 6.81
CA SER A 130 2.46 19.77 7.90
C SER A 130 1.26 18.89 7.51
N ASN A 131 0.58 18.35 8.53
CA ASN A 131 -0.64 17.60 8.33
C ASN A 131 -1.65 18.37 7.52
N GLN A 132 -1.87 19.63 7.91
CA GLN A 132 -2.84 20.48 7.24
C GLN A 132 -2.46 20.68 5.80
N PHE A 133 -1.16 20.83 5.56
CA PHE A 133 -0.66 20.95 4.20
C PHE A 133 -1.00 19.68 3.42
N LEU A 134 -0.73 18.53 4.05
CA LEU A 134 -0.98 17.23 3.42
C LEU A 134 -2.45 17.01 3.12
N ILE A 135 -3.31 17.54 3.99
CA ILE A 135 -4.73 17.42 3.81
C ILE A 135 -5.19 18.38 2.72
N ASN A 136 -4.62 19.58 2.70
CA ASN A 136 -5.03 20.60 1.73
C ASN A 136 -4.60 20.24 0.30
N THR A 137 -3.45 19.58 0.15
CA THR A 137 -2.95 19.20 -1.16
C THR A 137 -3.68 17.96 -1.64
N ASN A 138 -4.56 17.46 -0.78
CA ASN A 138 -5.23 16.20 -1.07
C ASN A 138 -4.23 15.08 -1.35
N SER A 139 -3.22 14.96 -0.50
CA SER A 139 -2.16 14.00 -0.71
C SER A 139 -2.59 12.59 -0.34
N GLU A 140 -1.96 11.61 -1.00
CA GLU A 140 -2.22 10.20 -0.78
C GLU A 140 -2.25 9.84 0.72
N LEU A 141 -1.14 10.10 1.40
CA LEU A 141 -1.00 9.98 2.86
C LEU A 141 -2.23 10.44 3.64
N ALA A 142 -2.74 11.62 3.28
CA ALA A 142 -3.98 12.15 3.86
C ALA A 142 -5.21 11.28 3.53
N LEU A 143 -5.32 10.79 2.30
CA LEU A 143 -6.39 9.84 1.96
C LEU A 143 -6.28 8.52 2.74
N MET A 144 -5.06 8.01 2.88
CA MET A 144 -4.88 6.75 3.62
C MET A 144 -5.38 6.86 5.05
N TYR A 145 -4.97 7.93 5.72
CA TYR A 145 -5.26 8.12 7.13
C TYR A 145 -6.45 9.05 7.39
N ASN A 146 -7.23 9.29 6.34
CA ASN A 146 -8.49 9.98 6.51
C ASN A 146 -8.28 11.28 7.30
N ASP A 147 -7.25 12.03 6.92
CA ASP A 147 -6.99 13.33 7.49
C ASP A 147 -6.79 13.30 9.00
N SER A 148 -6.63 12.12 9.56
CA SER A 148 -6.47 11.98 11.01
C SER A 148 -5.05 11.64 11.40
N SER A 149 -4.41 12.53 12.15
CA SER A 149 -3.03 12.35 12.55
C SER A 149 -2.16 11.75 11.43
N VAL A 150 -2.29 12.32 10.23
CA VAL A 150 -1.63 11.80 9.03
C VAL A 150 -0.16 11.42 9.23
N LEU A 151 0.70 12.40 9.48
CA LEU A 151 2.13 12.11 9.63
C LEU A 151 2.43 11.12 10.73
N GLU A 152 1.88 11.37 11.92
CA GLU A 152 2.10 10.50 13.06
C GLU A 152 1.63 9.04 12.86
N ASN A 153 0.52 8.82 12.16
CA ASN A 153 0.15 7.48 11.78
C ASN A 153 1.20 6.89 10.84
N HIS A 154 1.66 7.74 9.91
CA HIS A 154 2.64 7.30 8.95
C HIS A 154 4.00 6.91 9.58
N HIS A 155 4.48 7.70 10.55
CA HIS A 155 5.75 7.41 11.21
C HIS A 155 5.74 6.02 11.85
N LEU A 156 4.62 5.68 12.46
CA LEU A 156 4.44 4.37 13.09
C LEU A 156 4.45 3.24 12.05
N ALA A 157 3.59 3.35 11.06
CA ALA A 157 3.49 2.31 10.02
C ALA A 157 4.86 1.99 9.44
N VAL A 158 5.66 3.04 9.24
CA VAL A 158 6.98 2.95 8.62
C VAL A 158 8.02 2.40 9.58
N GLY A 159 8.00 2.90 10.82
CA GLY A 159 8.85 2.36 11.86
C GLY A 159 8.67 0.87 12.07
N PHE A 160 7.43 0.40 12.01
CA PHE A 160 7.17 -1.03 12.21
C PHE A 160 7.48 -1.88 10.96
N LYS A 161 7.09 -1.39 9.79
CA LYS A 161 7.34 -2.11 8.55
CA LYS A 161 7.34 -2.08 8.53
C LYS A 161 8.84 -2.31 8.31
N LEU A 162 9.65 -1.40 8.84
CA LEU A 162 11.07 -1.47 8.66
C LEU A 162 11.69 -2.68 9.36
N LEU A 163 10.99 -3.23 10.34
CA LEU A 163 11.48 -4.43 11.04
C LEU A 163 11.44 -5.69 10.17
N GLN A 164 10.78 -5.60 9.02
CA GLN A 164 10.63 -6.74 8.13
C GLN A 164 11.74 -6.81 7.10
N GLU A 165 12.49 -5.72 6.96
CA GLU A 165 13.58 -5.75 6.00
C GLU A 165 14.65 -6.75 6.50
N GLU A 166 15.53 -7.14 5.58
CA GLU A 166 16.52 -8.18 5.83
C GLU A 166 17.34 -7.89 7.07
N ASN A 167 17.39 -8.87 7.96
CA ASN A 167 18.08 -8.77 9.25
C ASN A 167 17.74 -7.51 10.07
N CYS A 168 16.46 -7.15 10.10
CA CYS A 168 16.06 -5.96 10.82
C CYS A 168 15.15 -6.17 12.03
N ASP A 169 14.64 -7.39 12.26
CA ASP A 169 13.70 -7.55 13.39
C ASP A 169 14.38 -7.59 14.75
N ILE A 170 14.49 -6.43 15.36
CA ILE A 170 15.13 -6.32 16.64
C ILE A 170 14.26 -6.90 17.76
N PHE A 171 12.98 -7.14 17.50
CA PHE A 171 12.10 -7.77 18.50
C PHE A 171 11.84 -9.26 18.25
N GLN A 172 12.75 -9.92 17.55
CA GLN A 172 12.54 -11.32 17.14
C GLN A 172 12.53 -12.31 18.29
N ASN A 173 13.08 -11.92 19.43
CA ASN A 173 13.09 -12.81 20.58
C ASN A 173 12.12 -12.45 21.70
N LEU A 174 11.34 -11.39 21.53
CA LEU A 174 10.30 -11.08 22.51
C LEU A 174 9.15 -12.05 22.37
N THR A 175 8.52 -12.43 23.49
CA THR A 175 7.32 -13.27 23.44
C THR A 175 6.21 -12.52 22.74
N LYS A 176 5.16 -13.22 22.34
CA LYS A 176 4.00 -12.52 21.79
C LYS A 176 3.52 -11.46 22.77
N LYS A 177 3.39 -11.83 24.05
CA LYS A 177 2.95 -10.94 25.10
C LYS A 177 3.79 -9.67 25.16
N GLN A 178 5.11 -9.82 25.19
CA GLN A 178 5.98 -8.65 25.21
C GLN A 178 5.74 -7.80 23.97
N ARG A 179 5.62 -8.45 22.81
CA ARG A 179 5.48 -7.73 21.56
C ARG A 179 4.16 -6.95 21.48
N GLN A 180 3.08 -7.53 21.99
CA GLN A 180 1.78 -6.85 21.90
C GLN A 180 1.68 -5.66 22.85
N SER A 181 2.37 -5.75 23.97
CA SER A 181 2.31 -4.72 24.97
C SER A 181 3.21 -3.58 24.52
N LEU A 182 4.39 -3.93 24.04
CA LEU A 182 5.33 -2.96 23.53
C LEU A 182 4.68 -2.19 22.39
N ARG A 183 4.10 -2.92 21.45
CA ARG A 183 3.51 -2.28 20.30
C ARG A 183 2.47 -1.25 20.72
N LYS A 184 1.57 -1.65 21.61
CA LYS A 184 0.49 -0.77 22.01
C LYS A 184 1.08 0.47 22.67
N MET A 185 2.09 0.27 23.52
CA MET A 185 2.76 1.39 24.15
C MET A 185 3.38 2.32 23.12
N VAL A 186 4.11 1.75 22.17
CA VAL A 186 4.71 2.56 21.13
C VAL A 186 3.68 3.34 20.30
N ILE A 187 2.57 2.70 19.96
CA ILE A 187 1.48 3.44 19.30
C ILE A 187 0.82 4.56 20.12
N ASP A 188 0.71 4.41 21.44
CA ASP A 188 0.08 5.46 22.23
C ASP A 188 1.02 6.64 22.36
N ILE A 189 2.30 6.36 22.51
CA ILE A 189 3.30 7.39 22.65
C ILE A 189 3.43 8.22 21.38
N VAL A 190 3.60 7.55 20.23
CA VAL A 190 3.79 8.29 18.99
C VAL A 190 2.55 9.09 18.53
N LEU A 191 1.35 8.55 18.73
CA LEU A 191 0.15 9.30 18.32
C LEU A 191 -0.04 10.56 19.18
N ALA A 192 0.61 10.57 20.34
CA ALA A 192 0.52 11.67 21.28
C ALA A 192 1.54 12.79 20.98
N THR A 193 2.38 12.58 19.96
CA THR A 193 3.32 13.62 19.58
C THR A 193 2.64 14.65 18.71
N ASP A 194 1.51 14.26 18.14
CA ASP A 194 0.68 15.15 17.34
C ASP A 194 0.35 16.40 18.18
N MET A 195 0.63 17.58 17.62
CA MET A 195 0.47 18.80 18.40
C MET A 195 -0.99 19.08 18.76
N SER A 196 -1.90 18.62 17.93
CA SER A 196 -3.31 18.81 18.22
C SER A 196 -3.79 18.01 19.45
N LYS A 197 -2.93 17.19 20.05
CA LYS A 197 -3.29 16.50 21.27
C LYS A 197 -2.73 17.23 22.48
N HIS A 198 -1.97 18.29 22.22
CA HIS A 198 -1.21 18.99 23.26
C HIS A 198 -1.99 19.42 24.53
N MET A 199 -3.04 20.22 24.38
CA MET A 199 -3.85 20.67 25.51
C MET A 199 -4.42 19.49 26.30
N ASN A 200 -5.02 18.56 25.60
CA ASN A 200 -5.59 17.39 26.25
C ASN A 200 -4.52 16.65 27.04
N LEU A 201 -3.41 16.35 26.38
CA LEU A 201 -2.26 15.76 27.06
C LEU A 201 -1.84 16.60 28.26
N LEU A 202 -1.64 17.90 28.05
CA LEU A 202 -1.22 18.81 29.14
C LEU A 202 -2.23 18.88 30.29
N ALA A 203 -3.51 18.81 29.97
CA ALA A 203 -4.53 18.84 31.00
C ALA A 203 -4.41 17.63 31.91
N ASP A 204 -4.32 16.43 31.32
CA ASP A 204 -4.20 15.21 32.12
C ASP A 204 -2.97 15.27 33.00
N LEU A 205 -1.84 15.74 32.45
CA LEU A 205 -0.65 15.91 33.26
C LEU A 205 -0.95 16.79 34.49
N LYS A 206 -1.59 17.93 34.29
CA LYS A 206 -1.96 18.78 35.43
C LYS A 206 -2.77 18.02 36.48
N THR A 207 -3.81 17.33 36.02
CA THR A 207 -4.63 16.50 36.88
C THR A 207 -3.77 15.45 37.59
N MET A 208 -2.76 14.95 36.90
CA MET A 208 -1.83 14.00 37.48
C MET A 208 -1.09 14.66 38.64
N VAL A 209 -0.65 15.89 38.40
CA VAL A 209 0.09 16.67 39.39
C VAL A 209 -0.79 17.09 40.56
N GLU A 210 -1.99 17.55 40.24
CA GLU A 210 -3.01 17.83 41.26
C GLU A 210 -3.17 16.66 42.24
N THR A 211 -3.57 15.51 41.74
CA THR A 211 -3.89 14.35 42.55
C THR A 211 -2.66 13.48 42.82
N LYS A 212 -1.48 14.06 42.63
CA LYS A 212 -0.22 13.32 42.64
C LYS A 212 0.05 12.55 43.92
N LYS A 213 0.33 11.25 43.78
CA LYS A 213 0.71 10.46 44.94
C LYS A 213 2.17 10.00 44.89
N VAL A 214 2.74 9.73 46.05
CA VAL A 214 4.12 9.30 46.19
C VAL A 214 4.17 8.35 47.35
N THR A 215 4.97 7.29 47.24
CA THR A 215 5.00 6.31 48.32
C THR A 215 6.37 5.66 48.52
N SER A 216 6.63 5.26 49.75
CA SER A 216 7.87 4.58 50.13
C SER A 216 9.05 5.19 49.39
N SER A 217 9.76 6.10 50.05
CA SER A 217 10.85 6.83 49.42
C SER A 217 10.36 7.67 48.23
N GLY A 218 11.23 8.54 47.74
CA GLY A 218 10.89 9.45 46.66
C GLY A 218 10.68 8.75 45.33
N VAL A 219 9.43 8.37 45.08
CA VAL A 219 9.06 7.72 43.83
C VAL A 219 7.58 7.90 43.58
N LEU A 220 7.24 8.29 42.35
CA LEU A 220 5.87 8.45 41.92
C LEU A 220 5.08 7.14 41.92
N LEU A 221 3.83 7.21 42.40
CA LEU A 221 2.95 6.05 42.42
C LEU A 221 2.07 6.02 41.18
N LEU A 222 2.37 5.08 40.28
CA LEU A 222 1.58 4.91 39.08
C LEU A 222 1.21 3.44 39.04
N ASP A 223 -0.07 3.14 39.26
CA ASP A 223 -0.44 1.74 39.51
C ASP A 223 -1.48 1.17 38.55
N ASN A 224 -1.81 1.91 37.50
CA ASN A 224 -2.67 1.41 36.45
C ASN A 224 -2.11 1.84 35.09
N TYR A 225 -2.60 1.25 34.00
CA TYR A 225 -2.07 1.58 32.67
C TYR A 225 -2.23 3.05 32.32
N SER A 226 -3.46 3.56 32.43
CA SER A 226 -3.76 4.95 32.06
C SER A 226 -2.72 5.92 32.61
N ASP A 227 -2.39 5.75 33.88
CA ASP A 227 -1.48 6.68 34.51
C ASP A 227 -0.05 6.51 34.01
N ARG A 228 0.38 5.27 33.86
CA ARG A 228 1.75 4.96 33.44
C ARG A 228 2.00 5.44 32.02
N ILE A 229 1.03 5.20 31.15
CA ILE A 229 1.19 5.58 29.76
C ILE A 229 1.07 7.10 29.56
N GLN A 230 0.27 7.77 30.38
CA GLN A 230 0.13 9.22 30.24
C GLN A 230 1.47 9.90 30.56
N VAL A 231 2.14 9.42 31.59
CA VAL A 231 3.47 9.92 31.91
C VAL A 231 4.45 9.72 30.75
N LEU A 232 4.57 8.48 30.27
CA LEU A 232 5.47 8.23 29.14
C LEU A 232 5.12 9.13 27.96
N GLN A 233 3.85 9.16 27.61
CA GLN A 233 3.36 10.08 26.59
C GLN A 233 3.80 11.53 26.83
N ASN A 234 3.64 12.01 28.05
CA ASN A 234 4.07 13.37 28.36
C ASN A 234 5.59 13.54 28.30
N MET A 235 6.30 12.55 28.81
CA MET A 235 7.76 12.51 28.76
C MET A 235 8.27 12.74 27.32
N VAL A 236 7.86 11.89 26.39
CA VAL A 236 8.30 11.99 25.00
C VAL A 236 7.86 13.29 24.32
N HIS A 237 6.66 13.74 24.65
CA HIS A 237 6.14 14.97 24.09
C HIS A 237 6.94 16.13 24.65
N CYS A 238 7.30 16.06 25.93
CA CYS A 238 8.29 16.97 26.52
C CYS A 238 9.64 16.96 25.80
N ALA A 239 10.11 15.77 25.42
CA ALA A 239 11.36 15.67 24.69
C ALA A 239 11.23 16.21 23.27
N ASP A 240 10.07 16.05 22.67
CA ASP A 240 9.84 16.61 21.37
C ASP A 240 9.88 18.15 21.41
N LEU A 241 9.58 18.72 22.57
CA LEU A 241 9.49 20.17 22.69
C LEU A 241 10.56 20.70 23.65
N SER A 242 11.73 20.08 23.60
CA SER A 242 12.78 20.43 24.57
C SER A 242 13.83 21.39 24.03
N ASN A 243 13.75 21.74 22.75
CA ASN A 243 14.70 22.69 22.14
C ASN A 243 14.90 24.00 22.92
N PRO A 244 13.81 24.64 23.38
CA PRO A 244 14.01 25.91 24.07
C PRO A 244 14.53 25.74 25.49
N THR A 245 14.66 24.50 25.96
CA THR A 245 15.23 24.27 27.29
C THR A 245 16.70 23.89 27.18
N LYS A 246 17.18 23.73 25.95
CA LYS A 246 18.58 23.42 25.73
C LYS A 246 19.42 24.67 25.85
N PRO A 247 20.74 24.52 26.02
CA PRO A 247 21.59 25.71 25.95
C PRO A 247 21.39 26.48 24.63
N LEU A 248 21.41 27.80 24.72
CA LEU A 248 21.02 28.67 23.63
C LEU A 248 21.71 28.37 22.30
N GLN A 249 22.97 27.95 22.38
CA GLN A 249 23.71 27.63 21.16
C GLN A 249 22.95 26.58 20.34
N LEU A 250 22.40 25.59 21.05
CA LEU A 250 21.63 24.53 20.43
C LEU A 250 20.27 25.04 20.00
N TYR A 251 19.51 25.54 20.97
CA TYR A 251 18.22 26.16 20.70
C TYR A 251 18.25 27.02 19.43
N ARG A 252 19.20 27.95 19.32
CA ARG A 252 19.25 28.84 18.15
C ARG A 252 19.43 28.06 16.85
N GLN A 253 20.17 26.94 16.90
CA GLN A 253 20.39 26.13 15.72
C GLN A 253 19.11 25.42 15.37
N TRP A 254 18.37 24.99 16.38
CA TRP A 254 17.07 24.38 16.13
C TRP A 254 16.06 25.38 15.58
N THR A 255 16.06 26.61 16.13
CA THR A 255 15.13 27.62 15.66
C THR A 255 15.44 27.94 14.21
N ASP A 256 16.73 28.01 13.86
CA ASP A 256 17.12 28.20 12.46
C ASP A 256 16.46 27.15 11.57
N ARG A 257 16.53 25.90 12.00
CA ARG A 257 16.11 24.78 11.18
C ARG A 257 14.59 24.71 11.01
N ILE A 258 13.86 24.87 12.09
CA ILE A 258 12.41 24.83 11.95
C ILE A 258 11.86 26.03 11.16
N MET A 259 12.50 27.18 11.30
CA MET A 259 12.09 28.35 10.52
C MET A 259 12.38 28.14 9.04
N GLU A 260 13.47 27.47 8.72
CA GLU A 260 13.78 27.15 7.33
C GLU A 260 12.73 26.21 6.75
N GLU A 261 12.36 25.22 7.53
CA GLU A 261 11.32 24.28 7.12
C GLU A 261 9.99 25.02 6.92
N PHE A 262 9.62 25.89 7.85
CA PHE A 262 8.34 26.61 7.77
C PHE A 262 8.27 27.55 6.57
N PHE A 263 9.32 28.35 6.37
CA PHE A 263 9.33 29.25 5.21
C PHE A 263 9.30 28.46 3.92
N ARG A 264 10.08 27.38 3.85
CA ARG A 264 10.05 26.54 2.67
C ARG A 264 8.62 25.97 2.41
N GLN A 265 7.86 25.66 3.46
CA GLN A 265 6.45 25.28 3.26
C GLN A 265 5.60 26.47 2.82
N GLY A 266 5.88 27.65 3.39
CA GLY A 266 5.24 28.88 2.96
C GLY A 266 5.50 29.15 1.48
N ASP A 267 6.74 28.92 1.05
CA ASP A 267 7.11 28.99 -0.36
C ASP A 267 6.27 28.03 -1.22
N ARG A 268 6.15 26.78 -0.77
CA ARG A 268 5.42 25.80 -1.53
C ARG A 268 3.94 26.15 -1.55
N GLU A 269 3.49 26.92 -0.56
CA GLU A 269 2.09 27.34 -0.50
C GLU A 269 1.84 28.50 -1.46
N ARG A 270 2.83 29.39 -1.60
CA ARG A 270 2.79 30.46 -2.61
C ARG A 270 2.79 29.86 -4.01
N GLU A 271 3.79 29.02 -4.28
CA GLU A 271 3.97 28.30 -5.54
C GLU A 271 2.77 27.43 -5.94
N ARG A 272 1.64 27.62 -5.27
CA ARG A 272 0.44 26.84 -5.54
C ARG A 272 -0.81 27.65 -5.21
N GLY A 273 -0.64 28.96 -5.10
CA GLY A 273 -1.76 29.86 -4.84
C GLY A 273 -2.39 29.69 -3.47
N MET A 274 -2.10 28.56 -2.82
CA MET A 274 -2.62 28.27 -1.48
C MET A 274 -2.49 29.51 -0.62
N GLU A 275 -3.31 29.59 0.42
CA GLU A 275 -3.14 30.66 1.39
C GLU A 275 -2.02 30.33 2.40
N ILE A 276 -1.50 31.37 3.03
CA ILE A 276 -0.31 31.24 3.87
C ILE A 276 -0.57 30.63 5.25
N SER A 277 0.40 29.88 5.74
CA SER A 277 0.29 29.22 7.04
C SER A 277 0.54 30.21 8.18
N PRO A 278 0.12 29.85 9.41
CA PRO A 278 0.29 30.74 10.56
C PRO A 278 1.76 31.10 10.83
N MET A 279 2.21 32.24 10.30
CA MET A 279 3.59 32.71 10.47
C MET A 279 4.64 31.80 9.80
N CYS A 280 4.24 31.21 8.67
CA CYS A 280 5.17 30.54 7.78
C CYS A 280 5.55 31.57 6.73
N ASP A 281 5.39 32.84 7.08
CA ASP A 281 5.51 33.89 6.08
C ASP A 281 6.92 34.44 5.93
N LYS A 282 7.65 33.88 4.96
CA LYS A 282 8.88 34.50 4.50
C LYS A 282 8.51 35.95 4.23
N HIS A 283 9.39 36.87 4.62
CA HIS A 283 9.19 38.31 4.42
C HIS A 283 8.36 39.00 5.51
N ASN A 284 7.40 38.29 6.10
CA ASN A 284 6.39 38.95 6.94
C ASN A 284 6.17 38.42 8.37
N ALA A 285 7.03 37.52 8.84
CA ALA A 285 6.86 36.94 10.18
C ALA A 285 8.11 37.06 11.05
N SER A 286 7.94 37.59 12.28
CA SER A 286 9.06 37.81 13.21
C SER A 286 9.40 36.60 14.08
N VAL A 287 10.52 35.95 13.76
CA VAL A 287 10.96 34.75 14.48
C VAL A 287 11.05 34.96 15.99
N GLU A 288 11.60 36.10 16.40
CA GLU A 288 11.83 36.34 17.83
C GLU A 288 10.52 36.35 18.60
N LYS A 289 9.51 36.99 18.01
CA LYS A 289 8.19 37.04 18.63
C LYS A 289 7.57 35.65 18.67
N SER A 290 7.56 34.97 17.52
CA SER A 290 7.02 33.62 17.45
C SER A 290 7.61 32.66 18.50
N GLN A 291 8.92 32.73 18.71
CA GLN A 291 9.56 31.96 19.77
C GLN A 291 9.00 32.31 21.14
N VAL A 292 8.86 33.60 21.44
CA VAL A 292 8.42 34.03 22.76
C VAL A 292 6.99 33.59 23.09
N GLY A 293 6.08 33.75 22.14
CA GLY A 293 4.71 33.35 22.38
C GLY A 293 4.60 31.85 22.50
N PHE A 294 5.42 31.17 21.70
CA PHE A 294 5.44 29.71 21.67
C PHE A 294 5.96 29.16 23.00
N ILE A 295 6.87 29.88 23.62
CA ILE A 295 7.32 29.53 24.96
C ILE A 295 6.26 29.81 26.02
N ASP A 296 5.68 31.02 25.98
CA ASP A 296 4.71 31.45 27.01
C ASP A 296 3.42 30.66 26.97
N TYR A 297 3.03 30.24 25.76
CA TYR A 297 1.74 29.59 25.58
C TYR A 297 1.78 28.06 25.56
N ILE A 298 2.84 27.49 24.99
CA ILE A 298 2.94 26.04 24.90
C ILE A 298 4.10 25.47 25.72
N VAL A 299 5.33 25.88 25.39
CA VAL A 299 6.49 25.24 25.99
C VAL A 299 6.64 25.43 27.51
N HIS A 300 6.42 26.65 28.00
CA HIS A 300 6.59 26.90 29.45
C HIS A 300 5.53 26.20 30.29
N PRO A 301 4.27 26.22 29.85
CA PRO A 301 3.23 25.58 30.66
C PRO A 301 3.46 24.09 30.77
N LEU A 302 3.77 23.46 29.65
CA LEU A 302 4.09 22.05 29.63
C LEU A 302 5.17 21.71 30.65
N TRP A 303 6.34 22.31 30.45
CA TRP A 303 7.50 22.06 31.29
C TRP A 303 7.35 22.51 32.73
N GLU A 304 6.56 23.55 32.95
CA GLU A 304 6.22 23.95 34.30
C GLU A 304 5.47 22.81 35.00
N THR A 305 4.49 22.22 34.33
CA THR A 305 3.78 21.09 34.93
C THR A 305 4.72 19.93 35.20
N TRP A 306 5.50 19.55 34.19
CA TRP A 306 6.41 18.41 34.33
C TRP A 306 7.35 18.61 35.52
N ALA A 307 7.95 19.80 35.59
CA ALA A 307 8.76 20.17 36.75
C ALA A 307 8.01 19.89 38.05
N ASP A 308 6.76 20.32 38.08
CA ASP A 308 5.93 20.01 39.23
C ASP A 308 5.98 18.52 39.49
N LEU A 309 5.60 17.72 38.49
CA LEU A 309 5.51 16.29 38.66
C LEU A 309 6.77 15.69 39.29
N VAL A 310 7.94 16.10 38.81
CA VAL A 310 9.19 15.48 39.26
C VAL A 310 10.02 16.38 40.18
N HIS A 311 9.37 17.39 40.75
CA HIS A 311 10.02 18.38 41.60
C HIS A 311 10.98 17.76 42.59
N PRO A 312 12.21 18.25 42.59
CA PRO A 312 12.64 19.41 41.80
C PRO A 312 13.73 19.08 40.78
N ASP A 313 13.70 17.90 40.16
CA ASP A 313 14.80 17.47 39.30
C ASP A 313 14.87 18.25 37.97
N ALA A 314 13.80 18.97 37.64
CA ALA A 314 13.75 19.72 36.40
C ALA A 314 14.01 21.21 36.59
N GLN A 315 14.60 21.58 37.72
CA GLN A 315 14.80 22.99 38.03
C GLN A 315 15.70 23.74 37.06
N ASP A 316 16.86 23.18 36.76
CA ASP A 316 17.82 23.84 35.87
C ASP A 316 17.22 23.90 34.48
N ILE A 317 16.46 22.86 34.12
CA ILE A 317 15.78 22.84 32.84
C ILE A 317 14.80 24.01 32.74
N LEU A 318 13.89 24.13 33.71
CA LEU A 318 12.93 25.24 33.73
C LEU A 318 13.66 26.57 33.66
N ASP A 319 14.76 26.66 34.41
CA ASP A 319 15.55 27.88 34.48
C ASP A 319 16.16 28.28 33.14
N THR A 320 16.79 27.33 32.46
CA THR A 320 17.32 27.58 31.14
C THR A 320 16.25 28.08 30.18
N LEU A 321 15.08 27.45 30.23
CA LEU A 321 13.99 27.83 29.35
C LEU A 321 13.61 29.26 29.62
N GLU A 322 13.46 29.57 30.90
CA GLU A 322 13.12 30.93 31.33
C GLU A 322 14.21 31.96 30.91
N ASP A 323 15.47 31.58 30.99
CA ASP A 323 16.51 32.44 30.44
C ASP A 323 16.39 32.59 28.92
N ASN A 324 16.29 31.48 28.22
CA ASN A 324 16.24 31.54 26.77
C ASN A 324 15.05 32.35 26.33
N ARG A 325 14.05 32.41 27.18
CA ARG A 325 12.84 33.17 26.88
C ARG A 325 13.13 34.67 27.01
N GLU A 326 13.77 35.06 28.11
CA GLU A 326 14.15 36.45 28.28
C GLU A 326 15.17 36.88 27.24
N TRP A 327 16.02 35.95 26.82
CA TRP A 327 16.97 36.27 25.76
C TRP A 327 16.30 36.57 24.43
N TYR A 328 15.18 35.91 24.16
CA TYR A 328 14.49 36.12 22.90
C TYR A 328 13.71 37.44 22.95
N GLN A 329 13.38 37.86 24.16
CA GLN A 329 12.71 39.14 24.40
C GLN A 329 13.66 40.29 24.17
N SER A 330 14.86 40.19 24.71
CA SER A 330 15.93 41.13 24.42
C SER A 330 15.92 41.51 22.96
N THR A 331 15.67 40.53 22.08
CA THR A 331 15.69 40.77 20.64
C THR A 331 14.41 41.50 20.19
N ILE A 332 13.73 42.14 21.14
CA ILE A 332 12.40 42.71 20.93
C ILE A 332 11.50 41.78 20.13
N GLU B 11 -39.75 -9.17 -10.99
CA GLU B 11 -39.55 -7.81 -11.49
C GLU B 11 -40.74 -6.96 -11.12
N ASP B 12 -41.93 -7.53 -11.34
CA ASP B 12 -43.16 -6.94 -10.86
C ASP B 12 -43.12 -6.98 -9.33
N VAL B 13 -43.05 -8.20 -8.79
CA VAL B 13 -43.07 -8.42 -7.34
C VAL B 13 -42.02 -7.62 -6.57
N LEU B 14 -40.86 -7.38 -7.21
CA LEU B 14 -39.84 -6.57 -6.57
C LEU B 14 -40.30 -5.12 -6.48
N ALA B 15 -40.51 -4.51 -7.65
CA ALA B 15 -40.96 -3.12 -7.72
C ALA B 15 -42.05 -2.86 -6.70
N LYS B 16 -42.92 -3.84 -6.51
CA LYS B 16 -43.95 -3.73 -5.50
C LYS B 16 -43.33 -3.72 -4.10
N GLU B 17 -42.57 -4.77 -3.80
CA GLU B 17 -41.93 -4.91 -2.48
C GLU B 17 -41.15 -3.66 -2.06
N LEU B 18 -40.57 -2.98 -3.04
CA LEU B 18 -39.82 -1.75 -2.78
C LEU B 18 -40.73 -0.60 -2.38
N GLU B 19 -42.04 -0.79 -2.44
CA GLU B 19 -42.96 0.29 -2.07
C GLU B 19 -42.75 0.72 -0.60
N ASP B 20 -42.22 -0.19 0.21
CA ASP B 20 -42.03 0.06 1.63
C ASP B 20 -40.65 0.66 1.93
N VAL B 21 -40.00 1.26 0.94
CA VAL B 21 -38.63 1.74 1.13
C VAL B 21 -38.56 2.87 2.15
N ASN B 22 -39.71 3.37 2.57
CA ASN B 22 -39.76 4.43 3.56
C ASN B 22 -40.20 3.93 4.92
N LYS B 23 -40.49 2.64 5.01
CA LYS B 23 -40.98 2.03 6.22
C LYS B 23 -39.89 1.28 6.98
N TRP B 24 -40.02 1.26 8.30
CA TRP B 24 -39.16 0.45 9.16
C TRP B 24 -39.63 -0.98 9.07
N GLY B 25 -38.81 -1.86 8.54
CA GLY B 25 -39.12 -3.26 8.57
C GLY B 25 -39.32 -3.85 7.19
N LEU B 26 -38.77 -3.18 6.17
CA LEU B 26 -38.74 -3.71 4.81
C LEU B 26 -38.16 -5.11 4.86
N HIS B 27 -38.83 -6.09 4.25
CA HIS B 27 -38.23 -7.42 4.15
C HIS B 27 -37.09 -7.31 3.15
N VAL B 28 -35.92 -6.92 3.66
CA VAL B 28 -34.73 -6.68 2.85
C VAL B 28 -34.20 -8.00 2.30
N PHE B 29 -34.47 -9.10 2.99
CA PHE B 29 -34.06 -10.38 2.50
C PHE B 29 -34.80 -10.69 1.20
N ARG B 30 -36.10 -10.46 1.21
CA ARG B 30 -36.93 -10.57 0.02
C ARG B 30 -36.34 -9.79 -1.16
N ILE B 31 -35.99 -8.52 -0.92
CA ILE B 31 -35.33 -7.70 -1.95
C ILE B 31 -34.05 -8.39 -2.42
N ALA B 32 -33.30 -8.97 -1.48
CA ALA B 32 -32.06 -9.66 -1.83
C ALA B 32 -32.30 -10.77 -2.84
N GLU B 33 -33.26 -11.65 -2.55
CA GLU B 33 -33.64 -12.68 -3.50
C GLU B 33 -34.14 -12.03 -4.80
N LEU B 34 -35.22 -11.26 -4.71
CA LEU B 34 -35.91 -10.73 -5.88
C LEU B 34 -35.03 -9.87 -6.77
N SER B 35 -33.88 -9.45 -6.27
CA SER B 35 -33.05 -8.51 -7.02
C SER B 35 -31.79 -9.17 -7.57
N GLY B 36 -31.71 -10.49 -7.48
CA GLY B 36 -30.53 -11.22 -7.89
C GLY B 36 -29.35 -10.85 -6.99
N ASN B 37 -29.61 -10.79 -5.69
CA ASN B 37 -28.60 -10.41 -4.70
C ASN B 37 -28.00 -9.06 -5.04
N ARG B 38 -28.87 -8.13 -5.39
CA ARG B 38 -28.51 -6.72 -5.52
C ARG B 38 -29.34 -5.81 -4.60
N PRO B 39 -29.57 -6.23 -3.34
CA PRO B 39 -30.32 -5.34 -2.45
C PRO B 39 -29.68 -3.98 -2.36
N LEU B 40 -28.37 -3.93 -2.15
CA LEU B 40 -27.74 -2.62 -1.98
C LEU B 40 -28.03 -1.70 -3.16
N THR B 41 -27.88 -2.21 -4.36
CA THR B 41 -27.98 -1.36 -5.55
C THR B 41 -29.39 -0.84 -5.75
N VAL B 42 -30.37 -1.74 -5.69
CA VAL B 42 -31.75 -1.38 -6.01
C VAL B 42 -32.29 -0.37 -5.02
N ILE B 43 -31.98 -0.59 -3.74
CA ILE B 43 -32.48 0.24 -2.64
C ILE B 43 -31.87 1.63 -2.68
N MET B 44 -30.58 1.70 -2.97
CA MET B 44 -29.91 2.98 -3.09
C MET B 44 -30.48 3.73 -4.28
N HIS B 45 -30.66 3.01 -5.38
CA HIS B 45 -31.20 3.60 -6.59
C HIS B 45 -32.58 4.20 -6.29
N THR B 46 -33.44 3.39 -5.69
CA THR B 46 -34.76 3.84 -5.25
C THR B 46 -34.64 5.07 -4.36
N ILE B 47 -33.88 4.95 -3.29
CA ILE B 47 -33.76 6.06 -2.36
C ILE B 47 -33.32 7.32 -3.10
N PHE B 48 -32.45 7.16 -4.09
CA PHE B 48 -31.85 8.31 -4.76
C PHE B 48 -32.86 9.04 -5.65
N GLN B 49 -33.69 8.27 -6.36
CA GLN B 49 -34.82 8.79 -7.11
C GLN B 49 -35.75 9.46 -6.12
N GLU B 50 -36.12 8.69 -5.09
CA GLU B 50 -36.94 9.17 -4.00
C GLU B 50 -36.63 10.62 -3.64
N ARG B 51 -35.37 10.90 -3.27
CA ARG B 51 -35.01 12.21 -2.72
C ARG B 51 -34.40 13.08 -3.79
N ASP B 52 -34.57 12.64 -5.03
CA ASP B 52 -34.19 13.44 -6.20
C ASP B 52 -32.72 13.86 -6.11
N LEU B 53 -31.86 13.00 -5.57
CA LEU B 53 -30.43 13.30 -5.43
C LEU B 53 -29.70 13.19 -6.78
N LEU B 54 -30.23 12.34 -7.65
CA LEU B 54 -29.77 12.25 -9.02
C LEU B 54 -29.95 13.61 -9.69
N LYS B 55 -31.15 14.14 -9.59
CA LYS B 55 -31.45 15.46 -10.14
C LYS B 55 -30.67 16.52 -9.36
N THR B 56 -30.83 16.53 -8.03
CA THR B 56 -30.18 17.53 -7.19
C THR B 56 -28.70 17.70 -7.54
N PHE B 57 -27.93 16.61 -7.42
CA PHE B 57 -26.48 16.68 -7.57
C PHE B 57 -25.98 16.34 -8.96
N LYS B 58 -26.89 16.09 -9.89
CA LYS B 58 -26.50 15.82 -11.27
C LYS B 58 -25.71 14.52 -11.36
N ILE B 59 -26.39 13.42 -11.08
CA ILE B 59 -25.73 12.14 -11.02
C ILE B 59 -26.22 11.28 -12.15
N PRO B 60 -25.32 10.97 -13.08
CA PRO B 60 -25.72 10.14 -14.21
C PRO B 60 -26.15 8.76 -13.71
N VAL B 61 -27.36 8.35 -14.04
CA VAL B 61 -27.84 7.05 -13.58
C VAL B 61 -26.96 5.91 -14.06
N ASP B 62 -26.33 6.09 -15.21
CA ASP B 62 -25.37 5.11 -15.70
C ASP B 62 -24.20 5.01 -14.72
N THR B 63 -23.77 6.15 -14.18
CA THR B 63 -22.63 6.21 -13.28
C THR B 63 -23.02 5.79 -11.87
N LEU B 64 -24.32 5.85 -11.59
CA LEU B 64 -24.79 5.50 -10.27
C LEU B 64 -24.93 4.02 -10.18
N ILE B 65 -25.57 3.42 -11.16
CA ILE B 65 -25.79 1.99 -11.14
C ILE B 65 -24.45 1.28 -11.21
N THR B 66 -23.59 1.72 -12.11
CA THR B 66 -22.27 1.12 -12.25
C THR B 66 -21.43 1.22 -10.97
N TYR B 67 -21.57 2.29 -10.21
CA TYR B 67 -20.91 2.36 -8.90
C TYR B 67 -21.58 1.48 -7.84
N LEU B 68 -22.89 1.57 -7.73
CA LEU B 68 -23.58 0.70 -6.80
C LEU B 68 -23.22 -0.75 -7.10
N MET B 69 -23.32 -1.12 -8.37
CA MET B 69 -22.99 -2.47 -8.80
C MET B 69 -21.61 -2.83 -8.28
N THR B 70 -20.67 -1.93 -8.51
CA THR B 70 -19.29 -2.15 -8.16
C THR B 70 -19.11 -2.25 -6.65
N LEU B 71 -19.71 -1.35 -5.91
CA LEU B 71 -19.62 -1.37 -4.46
C LEU B 71 -20.22 -2.64 -3.87
N GLU B 72 -21.43 -2.99 -4.31
CA GLU B 72 -22.06 -4.19 -3.77
C GLU B 72 -21.19 -5.44 -3.96
N ASP B 73 -20.38 -5.42 -5.02
CA ASP B 73 -19.54 -6.55 -5.38
C ASP B 73 -18.27 -6.60 -4.53
N HIS B 74 -18.02 -5.56 -3.75
CA HIS B 74 -16.88 -5.57 -2.85
C HIS B 74 -17.32 -5.90 -1.45
N TYR B 75 -18.53 -6.41 -1.35
CA TYR B 75 -18.98 -7.08 -0.13
C TYR B 75 -18.84 -8.56 -0.40
N HIS B 76 -18.29 -9.28 0.57
CA HIS B 76 -18.05 -10.72 0.40
C HIS B 76 -19.31 -11.54 0.60
N ALA B 77 -19.71 -12.28 -0.42
CA ALA B 77 -20.94 -13.07 -0.37
C ALA B 77 -20.89 -14.19 0.67
N ASP B 78 -19.69 -14.67 0.97
CA ASP B 78 -19.49 -15.77 1.92
C ASP B 78 -19.61 -15.33 3.39
N VAL B 79 -19.57 -14.02 3.64
CA VAL B 79 -19.76 -13.52 4.99
C VAL B 79 -21.26 -13.53 5.36
N ALA B 80 -21.62 -14.20 6.45
CA ALA B 80 -23.05 -14.35 6.76
C ALA B 80 -23.71 -13.06 7.24
N TYR B 81 -22.97 -12.22 7.96
CA TYR B 81 -23.55 -10.99 8.47
C TYR B 81 -23.14 -9.69 7.77
N HIS B 82 -21.85 -9.37 7.79
CA HIS B 82 -21.35 -8.13 7.22
C HIS B 82 -21.32 -8.09 5.69
N ASN B 83 -22.45 -8.40 5.06
CA ASN B 83 -22.47 -8.43 3.59
C ASN B 83 -23.28 -7.29 2.97
N ASN B 84 -23.63 -7.45 1.71
CA ASN B 84 -24.36 -6.42 0.99
C ASN B 84 -25.79 -6.27 1.51
N ILE B 85 -26.36 -7.38 1.95
CA ILE B 85 -27.67 -7.33 2.56
C ILE B 85 -27.66 -6.42 3.77
N HIS B 86 -26.62 -6.54 4.61
CA HIS B 86 -26.49 -5.68 5.79
C HIS B 86 -26.27 -4.21 5.43
N ALA B 87 -25.50 -3.96 4.38
CA ALA B 87 -25.25 -2.59 3.94
C ALA B 87 -26.54 -1.92 3.49
N ALA B 88 -27.31 -2.61 2.65
CA ALA B 88 -28.63 -2.15 2.24
C ALA B 88 -29.53 -1.89 3.44
N ASP B 89 -29.54 -2.82 4.40
CA ASP B 89 -30.43 -2.68 5.55
C ASP B 89 -30.13 -1.41 6.35
N VAL B 90 -28.86 -1.02 6.38
CA VAL B 90 -28.42 0.15 7.14
C VAL B 90 -28.78 1.40 6.37
N VAL B 91 -28.64 1.31 5.05
CA VAL B 91 -28.96 2.42 4.14
C VAL B 91 -30.46 2.76 4.20
N GLN B 92 -31.27 1.72 4.09
CA GLN B 92 -32.71 1.85 4.15
C GLN B 92 -33.14 2.29 5.55
N SER B 93 -32.38 1.88 6.57
CA SER B 93 -32.65 2.32 7.93
C SER B 93 -32.24 3.78 8.18
N THR B 94 -31.06 4.18 7.70
CA THR B 94 -30.61 5.56 7.84
C THR B 94 -31.57 6.50 7.11
N HIS B 95 -32.10 6.00 6.00
CA HIS B 95 -33.01 6.77 5.14
C HIS B 95 -34.34 7.04 5.84
N VAL B 96 -34.72 6.13 6.72
CA VAL B 96 -35.98 6.29 7.40
C VAL B 96 -35.80 7.22 8.59
N LEU B 97 -34.71 7.01 9.32
CA LEU B 97 -34.38 7.91 10.42
C LEU B 97 -34.23 9.35 9.95
N LEU B 98 -33.80 9.54 8.70
CA LEU B 98 -33.61 10.89 8.19
C LEU B 98 -34.95 11.59 7.98
N SER B 99 -35.90 10.87 7.39
CA SER B 99 -37.24 11.41 7.18
C SER B 99 -37.99 11.65 8.48
N THR B 100 -37.30 11.55 9.61
CA THR B 100 -37.97 11.66 10.91
C THR B 100 -38.50 13.07 11.15
N PRO B 101 -39.81 13.17 11.36
CA PRO B 101 -40.52 14.43 11.58
C PRO B 101 -39.70 15.44 12.36
N ALA B 102 -39.18 15.06 13.53
CA ALA B 102 -38.45 15.99 14.37
C ALA B 102 -37.14 16.50 13.74
N LEU B 103 -36.82 16.02 12.54
CA LEU B 103 -35.63 16.51 11.87
C LEU B 103 -35.94 17.19 10.53
N GLU B 104 -37.22 17.24 10.15
CA GLU B 104 -37.60 17.86 8.89
C GLU B 104 -36.91 19.21 8.71
N ALA B 105 -36.28 19.38 7.54
CA ALA B 105 -35.62 20.64 7.21
C ALA B 105 -34.34 20.94 8.02
N VAL B 106 -34.01 20.07 8.98
CA VAL B 106 -32.80 20.23 9.77
C VAL B 106 -31.54 20.04 8.94
N PHE B 107 -31.56 19.08 8.02
CA PHE B 107 -30.33 18.71 7.32
C PHE B 107 -30.26 19.10 5.83
N THR B 108 -29.13 19.68 5.43
CA THR B 108 -28.90 20.03 4.04
C THR B 108 -28.83 18.77 3.18
N ASP B 109 -29.08 18.94 1.89
CA ASP B 109 -29.08 17.83 0.95
C ASP B 109 -27.70 17.17 0.86
N LEU B 110 -26.64 17.96 1.05
CA LEU B 110 -25.27 17.44 1.07
C LEU B 110 -25.07 16.56 2.30
N GLU B 111 -25.69 16.94 3.40
CA GLU B 111 -25.55 16.15 4.61
C GLU B 111 -26.36 14.87 4.46
N ILE B 112 -27.45 14.95 3.73
CA ILE B 112 -28.30 13.79 3.52
C ILE B 112 -27.61 12.81 2.57
N LEU B 113 -26.91 13.37 1.60
CA LEU B 113 -26.13 12.58 0.65
C LEU B 113 -25.08 11.82 1.44
N ALA B 114 -24.37 12.54 2.30
CA ALA B 114 -23.32 11.96 3.13
C ALA B 114 -23.82 10.77 3.95
N ALA B 115 -24.82 10.99 4.80
CA ALA B 115 -25.28 9.95 5.71
C ALA B 115 -25.62 8.70 4.92
N ILE B 116 -26.32 8.90 3.81
CA ILE B 116 -26.78 7.75 3.04
C ILE B 116 -25.57 6.99 2.48
N PHE B 117 -24.75 7.70 1.73
CA PHE B 117 -23.50 7.17 1.21
C PHE B 117 -22.68 6.47 2.31
N ALA B 118 -22.41 7.19 3.41
CA ALA B 118 -21.68 6.60 4.52
C ALA B 118 -22.18 5.20 4.83
N SER B 119 -23.48 5.08 5.07
CA SER B 119 -24.15 3.81 5.35
C SER B 119 -23.86 2.72 4.31
N ALA B 120 -23.94 3.06 3.03
CA ALA B 120 -23.77 2.02 2.00
C ALA B 120 -22.34 1.48 1.89
N ILE B 121 -21.38 2.25 2.39
CA ILE B 121 -19.98 1.85 2.28
C ILE B 121 -19.37 1.49 3.63
N HIS B 122 -20.14 1.64 4.71
CA HIS B 122 -19.58 1.57 6.04
C HIS B 122 -18.98 0.20 6.41
N ASP B 123 -19.22 -0.82 5.61
CA ASP B 123 -18.67 -2.16 5.88
C ASP B 123 -18.07 -2.81 4.64
N VAL B 124 -17.86 -2.04 3.58
CA VAL B 124 -17.34 -2.58 2.33
C VAL B 124 -16.04 -3.40 2.54
N ASP B 125 -16.04 -4.60 1.98
CA ASP B 125 -14.89 -5.50 2.00
C ASP B 125 -14.64 -6.15 3.36
N HIS B 126 -15.68 -6.27 4.17
CA HIS B 126 -15.56 -6.81 5.51
C HIS B 126 -15.26 -8.30 5.43
N PRO B 127 -14.22 -8.73 6.14
CA PRO B 127 -13.71 -10.11 6.12
C PRO B 127 -14.49 -11.11 6.98
N GLY B 128 -15.30 -10.64 7.92
CA GLY B 128 -16.03 -11.54 8.79
C GLY B 128 -15.28 -11.82 10.07
N VAL B 129 -14.25 -11.02 10.33
CA VAL B 129 -13.52 -11.14 11.58
C VAL B 129 -13.35 -9.76 12.19
N SER B 130 -13.03 -9.73 13.47
CA SER B 130 -12.93 -8.48 14.22
C SER B 130 -11.58 -7.77 14.06
N ASN B 131 -11.56 -6.49 14.40
CA ASN B 131 -10.32 -5.75 14.47
C ASN B 131 -9.28 -6.52 15.24
N GLN B 132 -9.70 -7.11 16.35
CA GLN B 132 -8.76 -7.75 17.26
C GLN B 132 -8.16 -8.97 16.59
N PHE B 133 -8.97 -9.70 15.83
CA PHE B 133 -8.48 -10.81 15.05
C PHE B 133 -7.41 -10.34 14.06
N LEU B 134 -7.66 -9.23 13.38
CA LEU B 134 -6.68 -8.69 12.43
C LEU B 134 -5.42 -8.21 13.16
N ILE B 135 -5.59 -7.69 14.36
CA ILE B 135 -4.47 -7.26 15.15
C ILE B 135 -3.61 -8.44 15.62
N ASN B 136 -4.25 -9.47 16.17
CA ASN B 136 -3.53 -10.58 16.76
C ASN B 136 -2.74 -11.37 15.71
N THR B 137 -3.11 -11.22 14.45
CA THR B 137 -2.45 -11.96 13.39
C THR B 137 -1.38 -11.15 12.68
N ASN B 138 -1.20 -9.89 13.09
CA ASN B 138 -0.36 -8.94 12.39
C ASN B 138 -0.72 -8.91 10.93
N SER B 139 -1.98 -8.65 10.63
CA SER B 139 -2.34 -8.51 9.24
C SER B 139 -1.76 -7.18 8.76
N GLU B 140 -1.51 -7.09 7.46
CA GLU B 140 -1.04 -5.88 6.82
CA GLU B 140 -1.00 -5.85 6.87
C GLU B 140 -1.92 -4.67 7.17
N LEU B 141 -3.23 -4.92 7.22
CA LEU B 141 -4.21 -3.89 7.50
C LEU B 141 -4.07 -3.34 8.91
N ALA B 142 -3.88 -4.23 9.89
CA ALA B 142 -3.61 -3.77 11.27
C ALA B 142 -2.30 -2.94 11.36
N LEU B 143 -1.29 -3.36 10.61
CA LEU B 143 -0.03 -2.64 10.51
C LEU B 143 -0.19 -1.26 9.88
N MET B 144 -0.96 -1.22 8.80
CA MET B 144 -1.13 -0.01 8.02
C MET B 144 -1.80 1.04 8.87
N TYR B 145 -2.78 0.61 9.67
CA TYR B 145 -3.59 1.56 10.45
C TYR B 145 -3.30 1.48 11.94
N ASN B 146 -2.09 1.09 12.29
CA ASN B 146 -1.66 1.04 13.68
C ASN B 146 -2.68 0.49 14.69
N ASP B 147 -3.30 -0.64 14.36
CA ASP B 147 -4.17 -1.35 15.31
C ASP B 147 -5.41 -0.54 15.71
N SER B 148 -5.69 0.54 15.00
CA SER B 148 -6.72 1.47 15.44
C SER B 148 -7.82 1.67 14.44
N SER B 149 -9.06 1.35 14.85
CA SER B 149 -10.20 1.38 13.95
C SER B 149 -9.84 0.74 12.61
N VAL B 150 -9.12 -0.37 12.70
CA VAL B 150 -8.53 -1.00 11.51
C VAL B 150 -9.53 -1.18 10.36
N LEU B 151 -10.53 -2.02 10.60
CA LEU B 151 -11.57 -2.26 9.60
C LEU B 151 -12.25 -0.97 9.13
N GLU B 152 -12.53 -0.04 10.05
CA GLU B 152 -13.27 1.15 9.65
C GLU B 152 -12.48 2.07 8.72
N ASN B 153 -11.20 2.28 9.02
CA ASN B 153 -10.31 2.97 8.09
C ASN B 153 -10.36 2.33 6.71
N HIS B 154 -10.26 1.02 6.68
CA HIS B 154 -10.31 0.28 5.42
C HIS B 154 -11.64 0.47 4.70
N HIS B 155 -12.74 0.46 5.45
CA HIS B 155 -14.05 0.67 4.84
C HIS B 155 -14.10 2.02 4.14
N LEU B 156 -13.66 3.07 4.83
CA LEU B 156 -13.56 4.38 4.19
C LEU B 156 -12.71 4.30 2.93
N ALA B 157 -11.50 3.76 3.04
CA ALA B 157 -10.52 3.75 1.95
C ALA B 157 -11.01 3.05 0.68
N VAL B 158 -11.84 2.04 0.83
CA VAL B 158 -12.33 1.24 -0.28
C VAL B 158 -13.58 1.87 -0.88
N GLY B 159 -14.40 2.46 -0.02
CA GLY B 159 -15.61 3.13 -0.48
C GLY B 159 -15.22 4.28 -1.37
N PHE B 160 -14.18 5.00 -0.94
CA PHE B 160 -13.65 6.07 -1.75
C PHE B 160 -13.08 5.55 -3.05
N LYS B 161 -11.92 4.90 -2.98
CA LYS B 161 -11.19 4.53 -4.18
C LYS B 161 -12.12 3.89 -5.23
N LEU B 162 -13.14 3.17 -4.79
CA LEU B 162 -14.05 2.55 -5.77
C LEU B 162 -14.70 3.58 -6.68
N LEU B 163 -14.62 4.85 -6.29
CA LEU B 163 -15.13 5.95 -7.09
C LEU B 163 -14.32 6.09 -8.37
N GLN B 164 -13.04 5.75 -8.30
CA GLN B 164 -12.11 5.97 -9.39
C GLN B 164 -12.13 4.86 -10.44
N GLU B 165 -13.05 3.91 -10.30
CA GLU B 165 -13.19 2.86 -11.31
C GLU B 165 -13.95 3.37 -12.54
N GLU B 166 -14.16 2.52 -13.54
CA GLU B 166 -14.74 2.98 -14.79
C GLU B 166 -16.17 3.49 -14.63
N ASN B 167 -16.36 4.79 -14.85
CA ASN B 167 -17.67 5.43 -14.79
C ASN B 167 -18.34 5.20 -13.43
N CYS B 168 -17.68 5.66 -12.38
CA CYS B 168 -18.07 5.32 -11.00
C CYS B 168 -18.03 6.51 -10.07
N ASP B 169 -17.58 7.64 -10.57
CA ASP B 169 -17.27 8.80 -9.72
C ASP B 169 -18.49 9.38 -8.96
N ILE B 170 -19.67 9.33 -9.56
CA ILE B 170 -20.94 9.83 -8.98
C ILE B 170 -20.92 11.18 -8.23
N PHE B 171 -19.76 11.80 -8.08
CA PHE B 171 -19.68 13.15 -7.56
C PHE B 171 -18.88 13.92 -8.57
N GLN B 172 -18.76 13.33 -9.76
CA GLN B 172 -18.03 13.92 -10.86
C GLN B 172 -18.62 15.27 -11.29
N ASN B 173 -19.73 15.66 -10.67
CA ASN B 173 -20.38 16.93 -11.00
C ASN B 173 -20.54 17.86 -9.81
N LEU B 174 -20.04 17.42 -8.65
CA LEU B 174 -20.10 18.23 -7.44
C LEU B 174 -19.14 19.40 -7.56
N THR B 175 -18.69 19.94 -6.43
CA THR B 175 -17.82 21.10 -6.39
C THR B 175 -16.78 21.05 -5.27
N LYS B 176 -15.66 21.74 -5.47
CA LYS B 176 -14.50 21.71 -4.57
C LYS B 176 -14.80 21.91 -3.08
N LYS B 177 -15.86 22.65 -2.76
CA LYS B 177 -16.22 22.84 -1.37
C LYS B 177 -17.20 21.76 -0.91
N GLN B 178 -18.12 21.41 -1.79
CA GLN B 178 -18.94 20.25 -1.53
C GLN B 178 -18.02 19.07 -1.19
N ARG B 179 -17.15 18.70 -2.13
CA ARG B 179 -16.23 17.57 -1.93
C ARG B 179 -15.54 17.63 -0.59
N GLN B 180 -14.91 18.76 -0.28
CA GLN B 180 -14.26 18.91 1.01
C GLN B 180 -15.25 18.71 2.17
N SER B 181 -16.54 18.88 1.90
CA SER B 181 -17.52 18.76 2.94
C SER B 181 -18.06 17.33 3.02
N LEU B 182 -18.42 16.76 1.88
CA LEU B 182 -18.96 15.41 1.84
C LEU B 182 -17.93 14.40 2.38
N ARG B 183 -16.70 14.52 1.90
CA ARG B 183 -15.65 13.61 2.36
C ARG B 183 -15.47 13.71 3.87
N LYS B 184 -15.44 14.94 4.37
CA LYS B 184 -15.13 15.14 5.78
C LYS B 184 -16.24 14.53 6.63
N MET B 185 -17.48 14.70 6.19
CA MET B 185 -18.63 14.20 6.91
C MET B 185 -18.65 12.68 6.94
N VAL B 186 -18.35 12.10 5.79
CA VAL B 186 -18.35 10.65 5.60
C VAL B 186 -17.30 9.97 6.46
N ILE B 187 -16.13 10.58 6.55
CA ILE B 187 -15.04 10.07 7.38
C ILE B 187 -15.45 10.09 8.83
N ASP B 188 -16.22 11.09 9.22
CA ASP B 188 -16.60 11.22 10.61
C ASP B 188 -17.70 10.24 10.98
N ILE B 189 -18.50 9.85 10.00
CA ILE B 189 -19.66 9.01 10.27
C ILE B 189 -19.23 7.55 10.38
N VAL B 190 -18.63 7.05 9.30
CA VAL B 190 -18.12 5.70 9.25
C VAL B 190 -17.23 5.37 10.44
N LEU B 191 -16.16 6.14 10.62
CA LEU B 191 -15.22 5.91 11.72
C LEU B 191 -15.92 5.74 13.05
N ALA B 192 -17.10 6.33 13.19
CA ALA B 192 -17.80 6.30 14.47
C ALA B 192 -18.59 5.01 14.61
N THR B 193 -18.67 4.24 13.53
CA THR B 193 -19.27 2.91 13.56
C THR B 193 -18.36 1.88 14.28
N ASP B 194 -17.14 2.28 14.60
CA ASP B 194 -16.26 1.44 15.39
C ASP B 194 -16.82 1.33 16.81
N MET B 195 -17.18 0.12 17.23
CA MET B 195 -17.89 -0.06 18.49
C MET B 195 -17.12 0.44 19.70
N SER B 196 -15.80 0.48 19.59
CA SER B 196 -15.01 0.94 20.70
C SER B 196 -15.24 2.44 20.95
N LYS B 197 -16.02 3.08 20.09
CA LYS B 197 -16.31 4.51 20.23
C LYS B 197 -17.71 4.73 20.82
N HIS B 198 -18.47 3.64 20.87
CA HIS B 198 -19.86 3.62 21.27
C HIS B 198 -20.18 4.49 22.50
N MET B 199 -19.49 4.22 23.61
CA MET B 199 -19.72 4.93 24.86
C MET B 199 -19.66 6.45 24.73
N ASN B 200 -18.68 6.94 23.99
CA ASN B 200 -18.54 8.38 23.85
C ASN B 200 -19.65 8.94 22.98
N LEU B 201 -19.97 8.24 21.90
CA LEU B 201 -21.07 8.68 21.06
C LEU B 201 -22.31 8.82 21.93
N LEU B 202 -22.50 7.88 22.84
CA LEU B 202 -23.68 7.84 23.68
C LEU B 202 -23.70 8.97 24.72
N ALA B 203 -22.56 9.22 25.37
CA ALA B 203 -22.44 10.33 26.29
C ALA B 203 -22.79 11.67 25.62
N ASP B 204 -22.34 11.87 24.39
CA ASP B 204 -22.62 13.13 23.69
C ASP B 204 -24.07 13.23 23.26
N LEU B 205 -24.66 12.09 22.91
CA LEU B 205 -26.08 12.06 22.50
C LEU B 205 -26.95 12.34 23.70
N LYS B 206 -26.53 11.82 24.86
CA LYS B 206 -27.21 12.11 26.12
C LYS B 206 -27.18 13.61 26.44
N THR B 207 -25.98 14.16 26.49
CA THR B 207 -25.75 15.57 26.79
C THR B 207 -26.61 16.44 25.90
N MET B 208 -26.50 16.22 24.59
CA MET B 208 -27.28 16.98 23.64
C MET B 208 -28.77 16.90 23.94
N VAL B 209 -29.22 15.74 24.41
CA VAL B 209 -30.63 15.54 24.73
C VAL B 209 -31.01 16.38 25.95
N GLU B 210 -30.04 16.64 26.82
CA GLU B 210 -30.30 17.48 28.00
C GLU B 210 -29.91 18.94 27.80
N THR B 211 -29.75 19.35 26.54
CA THR B 211 -29.51 20.74 26.21
C THR B 211 -30.24 20.99 24.90
N LYS B 212 -31.05 20.02 24.49
CA LYS B 212 -31.86 20.06 23.28
C LYS B 212 -32.45 21.46 23.06
N LYS B 213 -32.55 21.87 21.80
CA LYS B 213 -33.11 23.18 21.44
C LYS B 213 -33.88 23.04 20.13
N VAL B 214 -34.94 23.82 19.96
CA VAL B 214 -35.73 23.69 18.74
C VAL B 214 -36.05 25.02 18.07
N THR B 215 -36.05 25.02 16.74
CA THR B 215 -36.38 26.22 15.99
C THR B 215 -37.79 26.66 16.34
N SER B 216 -38.27 27.69 15.64
CA SER B 216 -39.63 28.14 15.83
C SER B 216 -40.58 27.01 15.42
N SER B 217 -40.17 26.26 14.40
CA SER B 217 -40.94 25.11 13.90
C SER B 217 -41.04 24.00 14.95
N GLY B 218 -40.11 24.00 15.90
CA GLY B 218 -40.02 22.91 16.86
C GLY B 218 -39.30 21.72 16.24
N VAL B 219 -38.52 21.99 15.18
CA VAL B 219 -37.64 20.99 14.61
C VAL B 219 -36.29 21.20 15.25
N LEU B 220 -35.44 20.19 15.19
CA LEU B 220 -34.19 20.18 15.95
C LEU B 220 -33.28 21.35 15.59
N LEU B 221 -32.73 22.01 16.60
CA LEU B 221 -31.83 23.14 16.38
C LEU B 221 -30.36 22.73 16.47
N LEU B 222 -29.71 22.64 15.31
CA LEU B 222 -28.33 22.21 15.22
C LEU B 222 -27.51 23.29 14.53
N ASP B 223 -26.66 23.97 15.31
CA ASP B 223 -26.06 25.22 14.83
C ASP B 223 -24.53 25.21 14.68
N ASN B 224 -23.90 24.06 14.88
CA ASN B 224 -22.45 23.98 14.78
C ASN B 224 -22.03 22.60 14.35
N TYR B 225 -21.01 22.52 13.50
CA TYR B 225 -20.60 21.25 12.93
C TYR B 225 -20.53 20.12 13.96
N SER B 226 -19.90 20.37 15.10
CA SER B 226 -19.78 19.37 16.14
C SER B 226 -21.14 18.76 16.41
N ASP B 227 -22.10 19.60 16.77
CA ASP B 227 -23.41 19.12 17.17
C ASP B 227 -24.16 18.49 16.01
N ARG B 228 -24.02 19.05 14.81
CA ARG B 228 -24.73 18.52 13.66
C ARG B 228 -24.20 17.15 13.27
N ILE B 229 -22.86 16.98 13.36
CA ILE B 229 -22.22 15.73 12.93
C ILE B 229 -22.39 14.60 13.94
N GLN B 230 -22.41 14.92 15.24
CA GLN B 230 -22.67 13.91 16.25
C GLN B 230 -24.06 13.28 16.04
N VAL B 231 -25.03 14.10 15.65
CA VAL B 231 -26.36 13.61 15.35
C VAL B 231 -26.34 12.61 14.19
N LEU B 232 -25.58 12.93 13.14
CA LEU B 232 -25.42 12.01 12.02
C LEU B 232 -24.61 10.77 12.42
N GLN B 233 -23.61 10.94 13.26
CA GLN B 233 -22.88 9.79 13.75
C GLN B 233 -23.82 8.85 14.50
N ASN B 234 -24.53 9.37 15.49
CA ASN B 234 -25.43 8.51 16.24
C ASN B 234 -26.56 7.98 15.41
N MET B 235 -26.97 8.73 14.38
CA MET B 235 -28.02 8.23 13.48
C MET B 235 -27.55 6.96 12.80
N VAL B 236 -26.44 7.05 12.08
CA VAL B 236 -25.86 5.87 11.42
C VAL B 236 -25.44 4.75 12.41
N HIS B 237 -24.95 5.14 13.59
CA HIS B 237 -24.67 4.13 14.62
C HIS B 237 -25.95 3.34 14.95
N CYS B 238 -27.08 4.05 15.08
CA CYS B 238 -28.36 3.42 15.41
C CYS B 238 -28.85 2.51 14.29
N ALA B 239 -28.70 2.95 13.05
CA ALA B 239 -29.06 2.12 11.90
C ALA B 239 -28.19 0.87 11.91
N ASP B 240 -26.88 1.06 12.13
CA ASP B 240 -25.98 -0.07 12.30
C ASP B 240 -26.47 -1.04 13.39
N LEU B 241 -26.88 -0.52 14.55
CA LEU B 241 -27.45 -1.36 15.61
C LEU B 241 -28.97 -1.33 15.58
N SER B 242 -29.58 -1.57 14.43
CA SER B 242 -31.02 -1.43 14.32
C SER B 242 -31.75 -2.76 14.36
N ASN B 243 -30.99 -3.83 14.46
CA ASN B 243 -31.54 -5.18 14.25
C ASN B 243 -32.59 -5.62 15.26
N PRO B 244 -32.31 -5.41 16.57
CA PRO B 244 -33.30 -5.81 17.57
C PRO B 244 -34.53 -4.89 17.60
N THR B 245 -34.53 -3.79 16.86
CA THR B 245 -35.69 -2.89 16.82
C THR B 245 -36.53 -3.14 15.59
N LYS B 246 -36.34 -4.28 14.96
CA LYS B 246 -37.09 -4.62 13.76
C LYS B 246 -38.11 -5.67 14.12
N PRO B 247 -39.11 -5.87 13.25
CA PRO B 247 -40.01 -7.00 13.41
C PRO B 247 -39.21 -8.27 13.76
N LEU B 248 -39.75 -9.04 14.70
CA LEU B 248 -39.09 -10.24 15.22
C LEU B 248 -38.57 -11.22 14.15
N GLN B 249 -39.25 -11.28 13.01
CA GLN B 249 -38.89 -12.21 11.95
C GLN B 249 -37.61 -11.79 11.23
N LEU B 250 -37.30 -10.50 11.29
CA LEU B 250 -36.05 -9.99 10.74
C LEU B 250 -34.93 -10.14 11.77
N TYR B 251 -35.22 -9.72 12.99
CA TYR B 251 -34.27 -9.82 14.08
C TYR B 251 -33.66 -11.23 14.18
N ARG B 252 -34.50 -12.27 14.19
CA ARG B 252 -34.00 -13.64 14.27
C ARG B 252 -33.09 -14.04 13.10
N GLN B 253 -33.49 -13.67 11.88
CA GLN B 253 -32.67 -13.93 10.71
C GLN B 253 -31.30 -13.28 10.87
N TRP B 254 -31.27 -12.03 11.31
CA TRP B 254 -30.02 -11.33 11.58
C TRP B 254 -29.24 -12.02 12.68
N THR B 255 -29.93 -12.37 13.77
CA THR B 255 -29.26 -13.05 14.87
C THR B 255 -28.61 -14.35 14.38
N ASP B 256 -29.36 -15.15 13.62
CA ASP B 256 -28.84 -16.39 13.05
C ASP B 256 -27.56 -16.14 12.25
N ARG B 257 -27.58 -15.08 11.45
CA ARG B 257 -26.45 -14.74 10.58
C ARG B 257 -25.23 -14.25 11.36
N ILE B 258 -25.45 -13.32 12.29
CA ILE B 258 -24.35 -12.76 13.05
C ILE B 258 -23.66 -13.86 13.87
N MET B 259 -24.43 -14.84 14.32
CA MET B 259 -23.85 -15.91 15.14
C MET B 259 -23.10 -16.93 14.29
N GLU B 260 -23.55 -17.14 13.06
CA GLU B 260 -22.79 -17.92 12.10
C GLU B 260 -21.39 -17.32 11.89
N GLU B 261 -21.32 -16.01 11.78
CA GLU B 261 -20.05 -15.31 11.56
C GLU B 261 -19.12 -15.39 12.77
N PHE B 262 -19.64 -15.15 13.95
CA PHE B 262 -18.86 -15.29 15.17
C PHE B 262 -18.31 -16.73 15.37
N PHE B 263 -19.17 -17.72 15.17
CA PHE B 263 -18.75 -19.09 15.28
C PHE B 263 -17.67 -19.41 14.25
N ARG B 264 -17.80 -18.91 13.01
CA ARG B 264 -16.73 -19.12 12.05
C ARG B 264 -15.43 -18.46 12.54
N GLN B 265 -15.54 -17.35 13.26
CA GLN B 265 -14.32 -16.74 13.81
C GLN B 265 -13.73 -17.57 14.96
N GLY B 266 -14.59 -18.14 15.80
CA GLY B 266 -14.11 -19.00 16.88
C GLY B 266 -13.42 -20.22 16.30
N ASP B 267 -14.06 -20.82 15.30
CA ASP B 267 -13.52 -21.97 14.63
C ASP B 267 -12.14 -21.63 14.06
N ARG B 268 -11.99 -20.41 13.56
CA ARG B 268 -10.72 -20.03 12.96
C ARG B 268 -9.64 -19.79 14.01
N GLU B 269 -10.02 -19.12 15.10
CA GLU B 269 -9.11 -18.92 16.21
C GLU B 269 -8.61 -20.27 16.77
N ARG B 270 -9.53 -21.20 17.00
CA ARG B 270 -9.18 -22.56 17.44
C ARG B 270 -8.11 -23.20 16.56
N GLU B 271 -8.35 -23.23 15.25
CA GLU B 271 -7.39 -23.77 14.29
C GLU B 271 -6.01 -23.20 14.50
N ARG B 272 -5.93 -21.88 14.43
CA ARG B 272 -4.67 -21.17 14.43
C ARG B 272 -4.05 -21.19 15.80
N GLY B 273 -4.70 -21.88 16.72
CA GLY B 273 -4.25 -21.97 18.09
C GLY B 273 -4.61 -20.75 18.91
N MET B 274 -4.95 -19.64 18.24
CA MET B 274 -5.31 -18.38 18.92
C MET B 274 -6.23 -18.62 20.10
N GLU B 275 -6.30 -17.65 21.01
CA GLU B 275 -7.27 -17.72 22.10
C GLU B 275 -8.68 -17.39 21.60
N ILE B 276 -9.68 -18.08 22.12
CA ILE B 276 -11.04 -18.01 21.56
C ILE B 276 -11.93 -16.93 22.18
N SER B 277 -12.64 -16.20 21.32
CA SER B 277 -13.39 -14.99 21.69
C SER B 277 -14.61 -15.24 22.59
N PRO B 278 -15.18 -14.15 23.15
CA PRO B 278 -16.41 -14.23 23.94
C PRO B 278 -17.56 -14.68 23.07
N MET B 279 -18.20 -15.80 23.42
CA MET B 279 -19.31 -16.34 22.63
C MET B 279 -19.02 -16.35 21.13
N CYS B 280 -17.73 -16.45 20.77
CA CYS B 280 -17.35 -16.84 19.43
C CYS B 280 -17.24 -18.37 19.42
N ASP B 281 -17.24 -18.95 20.61
CA ASP B 281 -17.12 -20.39 20.78
C ASP B 281 -18.49 -21.06 20.60
N LYS B 282 -18.66 -21.83 19.53
CA LYS B 282 -19.93 -22.50 19.24
C LYS B 282 -20.27 -23.61 20.25
N HIS B 283 -19.39 -23.86 21.22
CA HIS B 283 -19.67 -24.84 22.27
C HIS B 283 -20.17 -24.14 23.54
N ASN B 284 -19.31 -23.33 24.15
CA ASN B 284 -19.71 -22.55 25.33
C ASN B 284 -20.44 -21.29 24.89
N ALA B 285 -21.64 -21.44 24.34
CA ALA B 285 -22.37 -20.32 23.74
C ALA B 285 -23.81 -20.20 24.23
N SER B 286 -24.30 -18.96 24.28
CA SER B 286 -25.63 -18.67 24.82
C SER B 286 -26.31 -17.57 24.00
N VAL B 287 -26.66 -17.88 22.77
CA VAL B 287 -27.16 -16.87 21.83
C VAL B 287 -28.27 -15.99 22.42
N GLU B 288 -29.26 -16.64 23.04
CA GLU B 288 -30.36 -15.94 23.67
C GLU B 288 -29.89 -15.02 24.77
N LYS B 289 -29.15 -15.57 25.74
CA LYS B 289 -28.66 -14.77 26.84
C LYS B 289 -27.89 -13.57 26.29
N SER B 290 -27.13 -13.80 25.21
CA SER B 290 -26.22 -12.79 24.72
C SER B 290 -26.97 -11.64 24.07
N GLN B 291 -27.99 -11.98 23.30
CA GLN B 291 -28.85 -10.99 22.70
C GLN B 291 -29.49 -10.14 23.80
N VAL B 292 -30.06 -10.78 24.80
CA VAL B 292 -30.67 -10.04 25.90
C VAL B 292 -29.67 -9.15 26.62
N GLY B 293 -28.45 -9.65 26.81
CA GLY B 293 -27.41 -8.82 27.39
C GLY B 293 -27.10 -7.65 26.49
N PHE B 294 -26.91 -7.93 25.20
CA PHE B 294 -26.54 -6.94 24.22
C PHE B 294 -27.60 -5.83 24.16
N ILE B 295 -28.87 -6.22 24.26
CA ILE B 295 -29.96 -5.23 24.26
C ILE B 295 -29.90 -4.39 25.53
N ASP B 296 -29.68 -5.05 26.66
CA ASP B 296 -29.70 -4.37 27.96
C ASP B 296 -28.64 -3.30 28.09
N TYR B 297 -27.40 -3.65 27.76
CA TYR B 297 -26.28 -2.72 27.96
C TYR B 297 -25.96 -1.85 26.76
N ILE B 298 -26.29 -2.30 25.55
CA ILE B 298 -25.86 -1.59 24.36
C ILE B 298 -27.01 -0.97 23.55
N VAL B 299 -27.90 -1.81 23.05
CA VAL B 299 -28.88 -1.36 22.08
C VAL B 299 -30.01 -0.53 22.65
N HIS B 300 -30.44 -0.88 23.86
CA HIS B 300 -31.54 -0.17 24.47
C HIS B 300 -31.15 1.21 24.98
N PRO B 301 -30.00 1.34 25.66
CA PRO B 301 -29.63 2.71 26.07
C PRO B 301 -29.27 3.59 24.87
N LEU B 302 -29.03 3.01 23.71
CA LEU B 302 -28.66 3.83 22.58
C LEU B 302 -29.94 4.38 22.01
N TRP B 303 -30.89 3.47 21.81
CA TRP B 303 -32.17 3.79 21.20
C TRP B 303 -33.06 4.64 22.12
N GLU B 304 -33.05 4.31 23.40
CA GLU B 304 -33.83 5.06 24.36
C GLU B 304 -33.38 6.51 24.32
N THR B 305 -32.08 6.71 24.16
CA THR B 305 -31.55 8.06 24.12
C THR B 305 -31.93 8.73 22.79
N TRP B 306 -31.95 7.96 21.71
CA TRP B 306 -32.35 8.51 20.43
C TRP B 306 -33.85 8.86 20.37
N ALA B 307 -34.68 8.02 21.00
CA ALA B 307 -36.13 8.24 21.08
C ALA B 307 -36.42 9.54 21.82
N ASP B 308 -35.66 9.79 22.88
CA ASP B 308 -35.72 11.05 23.61
C ASP B 308 -35.55 12.15 22.59
N LEU B 309 -34.43 12.06 21.87
CA LEU B 309 -33.99 13.11 20.98
C LEU B 309 -34.96 13.45 19.86
N VAL B 310 -35.67 12.46 19.33
CA VAL B 310 -36.63 12.71 18.23
C VAL B 310 -38.07 12.43 18.66
N HIS B 311 -38.29 12.48 19.97
CA HIS B 311 -39.60 12.21 20.56
C HIS B 311 -40.72 12.92 19.80
N PRO B 312 -41.82 12.20 19.52
CA PRO B 312 -42.06 10.81 19.88
C PRO B 312 -41.91 9.88 18.69
N ASP B 313 -41.08 10.28 17.73
CA ASP B 313 -41.03 9.58 16.45
C ASP B 313 -40.60 8.10 16.57
N ALA B 314 -39.77 7.79 17.54
CA ALA B 314 -39.21 6.44 17.60
C ALA B 314 -39.98 5.51 18.55
N GLN B 315 -41.04 6.02 19.14
CA GLN B 315 -41.77 5.25 20.16
C GLN B 315 -42.07 3.81 19.75
N ASP B 316 -42.44 3.61 18.48
CA ASP B 316 -42.75 2.28 17.97
C ASP B 316 -41.51 1.44 17.99
N ILE B 317 -40.45 1.99 17.40
CA ILE B 317 -39.13 1.38 17.40
C ILE B 317 -38.74 0.94 18.82
N LEU B 318 -38.70 1.89 19.75
CA LEU B 318 -38.33 1.57 21.12
C LEU B 318 -39.22 0.48 21.68
N ASP B 319 -40.51 0.51 21.33
CA ASP B 319 -41.46 -0.48 21.85
C ASP B 319 -41.28 -1.87 21.22
N THR B 320 -41.15 -1.95 19.91
CA THR B 320 -40.78 -3.22 19.29
C THR B 320 -39.49 -3.80 19.93
N LEU B 321 -38.46 -2.96 20.04
CA LEU B 321 -37.23 -3.36 20.71
C LEU B 321 -37.55 -3.99 22.04
N GLU B 322 -38.42 -3.34 22.81
CA GLU B 322 -38.78 -3.77 24.14
C GLU B 322 -39.42 -5.17 24.15
N ASP B 323 -40.18 -5.46 23.10
CA ASP B 323 -40.81 -6.77 22.93
C ASP B 323 -39.83 -7.87 22.56
N ASN B 324 -39.08 -7.65 21.48
CA ASN B 324 -38.08 -8.61 21.07
C ASN B 324 -37.17 -9.01 22.24
N ARG B 325 -36.90 -8.04 23.11
CA ARG B 325 -36.15 -8.30 24.33
C ARG B 325 -36.85 -9.37 25.18
N GLU B 326 -38.18 -9.32 25.24
CA GLU B 326 -38.98 -10.30 25.98
C GLU B 326 -38.97 -11.66 25.34
N TRP B 327 -39.11 -11.68 24.02
CA TRP B 327 -39.19 -12.93 23.27
C TRP B 327 -37.90 -13.77 23.40
N TYR B 328 -36.75 -13.12 23.26
CA TYR B 328 -35.49 -13.80 23.43
C TYR B 328 -35.31 -14.22 24.88
N GLN B 329 -35.65 -13.34 25.80
CA GLN B 329 -35.49 -13.62 27.23
C GLN B 329 -36.22 -14.90 27.63
N SER B 330 -37.42 -15.09 27.10
CA SER B 330 -38.19 -16.28 27.41
C SER B 330 -37.58 -17.51 26.77
N THR B 331 -36.71 -17.28 25.79
CA THR B 331 -36.02 -18.37 25.09
C THR B 331 -34.82 -18.93 25.88
N ILE B 332 -34.41 -18.22 26.93
CA ILE B 332 -33.23 -18.62 27.72
C ILE B 332 -33.53 -19.79 28.66
N PRO B 333 -32.80 -20.91 28.49
CA PRO B 333 -33.02 -22.10 29.32
C PRO B 333 -32.78 -21.84 30.81
N GLN B 334 -33.00 -22.85 31.64
CA GLN B 334 -32.76 -22.73 33.08
C GLN B 334 -33.35 -21.45 33.66
N THR C 8 13.66 41.73 -12.91
CA THR C 8 14.80 41.69 -12.00
C THR C 8 16.11 41.50 -12.76
N GLU C 9 17.14 41.01 -12.06
CA GLU C 9 18.45 40.82 -12.65
C GLU C 9 18.75 39.34 -12.89
N GLN C 10 18.57 38.55 -11.84
CA GLN C 10 18.75 37.10 -11.91
C GLN C 10 17.82 36.54 -12.97
N GLU C 11 16.56 36.99 -12.93
CA GLU C 11 15.55 36.55 -13.89
C GLU C 11 16.04 36.79 -15.30
N ASP C 12 16.68 37.92 -15.53
CA ASP C 12 17.21 38.22 -16.86
C ASP C 12 18.12 37.09 -17.31
N VAL C 13 19.06 36.70 -16.43
CA VAL C 13 20.01 35.63 -16.75
C VAL C 13 19.27 34.35 -17.10
N LEU C 14 18.31 33.99 -16.25
CA LEU C 14 17.49 32.82 -16.46
C LEU C 14 16.95 32.78 -17.88
N ALA C 15 16.18 33.80 -18.24
CA ALA C 15 15.54 33.86 -19.56
C ALA C 15 16.53 33.60 -20.68
N LYS C 16 17.70 34.21 -20.58
CA LYS C 16 18.71 34.09 -21.62
C LYS C 16 19.19 32.64 -21.73
N GLU C 17 19.34 31.99 -20.59
CA GLU C 17 19.73 30.58 -20.56
C GLU C 17 18.64 29.70 -21.18
N LEU C 18 17.40 29.89 -20.73
CA LEU C 18 16.27 29.14 -21.25
C LEU C 18 16.17 29.20 -22.78
N GLU C 19 16.85 30.16 -23.38
CA GLU C 19 16.80 30.34 -24.83
C GLU C 19 17.50 29.19 -25.59
N ASP C 20 18.49 28.56 -24.95
CA ASP C 20 19.17 27.42 -25.55
C ASP C 20 18.33 26.14 -25.51
N VAL C 21 17.09 26.24 -25.02
CA VAL C 21 16.22 25.08 -24.82
C VAL C 21 16.16 24.01 -25.94
N ASN C 22 16.37 24.40 -27.20
CA ASN C 22 16.32 23.44 -28.30
C ASN C 22 17.71 23.04 -28.74
N LYS C 23 18.69 23.31 -27.90
CA LYS C 23 20.06 22.98 -28.23
C LYS C 23 20.63 21.89 -27.32
N TRP C 24 21.40 20.99 -27.93
CA TRP C 24 22.11 19.95 -27.21
C TRP C 24 23.28 20.56 -26.43
N GLY C 25 23.07 20.87 -25.15
CA GLY C 25 24.13 21.41 -24.33
C GLY C 25 23.66 22.57 -23.47
N LEU C 26 22.35 22.61 -23.22
CA LEU C 26 21.78 23.58 -22.32
C LEU C 26 22.53 23.59 -21.00
N HIS C 27 22.82 24.77 -20.48
CA HIS C 27 23.50 24.89 -19.18
C HIS C 27 22.49 24.63 -18.04
N VAL C 28 22.18 23.34 -17.88
CA VAL C 28 21.10 22.90 -17.01
C VAL C 28 21.41 23.11 -15.53
N PHE C 29 22.70 23.09 -15.18
CA PHE C 29 23.15 23.40 -13.81
C PHE C 29 23.07 24.89 -13.51
N ARG C 30 23.50 25.70 -14.46
CA ARG C 30 23.36 27.14 -14.33
C ARG C 30 21.88 27.42 -14.11
N ILE C 31 21.05 26.83 -14.96
CA ILE C 31 19.61 27.03 -14.86
C ILE C 31 19.07 26.61 -13.51
N ALA C 32 19.52 25.47 -13.01
CA ALA C 32 19.16 25.03 -11.67
C ALA C 32 19.46 26.11 -10.64
N GLU C 33 20.68 26.67 -10.68
CA GLU C 33 21.10 27.70 -9.73
C GLU C 33 20.16 28.89 -9.77
N LEU C 34 19.90 29.38 -10.99
CA LEU C 34 19.17 30.62 -11.21
C LEU C 34 17.69 30.48 -10.89
N SER C 35 17.17 29.27 -11.08
CA SER C 35 15.76 29.01 -10.84
C SER C 35 15.43 28.72 -9.37
N GLY C 36 16.44 28.71 -8.51
CA GLY C 36 16.21 28.41 -7.11
C GLY C 36 16.03 26.91 -6.91
N ASN C 37 16.74 26.12 -7.71
CA ASN C 37 16.56 24.67 -7.73
C ASN C 37 15.18 24.31 -8.26
N ARG C 38 14.90 24.74 -9.49
CA ARG C 38 13.63 24.41 -10.14
C ARG C 38 13.77 24.17 -11.64
N PRO C 39 14.84 23.47 -12.03
CA PRO C 39 15.09 23.29 -13.46
C PRO C 39 13.98 22.52 -14.16
N LEU C 40 13.35 21.59 -13.45
CA LEU C 40 12.34 20.72 -14.04
C LEU C 40 11.07 21.52 -14.36
N THR C 41 10.65 22.34 -13.40
CA THR C 41 9.50 23.19 -13.62
C THR C 41 9.76 24.19 -14.75
N VAL C 42 10.82 24.99 -14.63
CA VAL C 42 11.09 26.03 -15.64
C VAL C 42 11.46 25.46 -17.01
N ILE C 43 12.13 24.31 -17.04
CA ILE C 43 12.40 23.66 -18.34
C ILE C 43 11.13 23.07 -18.96
N MET C 44 10.35 22.35 -18.18
CA MET C 44 9.11 21.78 -18.70
C MET C 44 8.17 22.85 -19.21
N HIS C 45 8.00 23.91 -18.42
CA HIS C 45 7.01 24.93 -18.73
C HIS C 45 7.38 25.62 -20.06
N THR C 46 8.63 26.05 -20.15
CA THR C 46 9.23 26.57 -21.36
C THR C 46 9.01 25.67 -22.58
N ILE C 47 9.30 24.38 -22.41
CA ILE C 47 9.10 23.42 -23.48
C ILE C 47 7.62 23.24 -23.86
N PHE C 48 6.72 23.42 -22.90
CA PHE C 48 5.29 23.21 -23.16
C PHE C 48 4.70 24.33 -24.03
N GLN C 49 5.09 25.57 -23.73
CA GLN C 49 4.72 26.70 -24.56
C GLN C 49 5.39 26.53 -25.91
N GLU C 50 6.71 26.33 -25.88
CA GLU C 50 7.48 26.13 -27.11
C GLU C 50 6.85 25.15 -28.07
N ARG C 51 6.18 24.12 -27.54
CA ARG C 51 5.53 23.09 -28.35
C ARG C 51 4.01 23.21 -28.31
N ASP C 52 3.51 24.30 -27.71
CA ASP C 52 2.08 24.65 -27.71
C ASP C 52 1.17 23.55 -27.17
N LEU C 53 1.70 22.77 -26.22
CA LEU C 53 0.93 21.69 -25.61
C LEU C 53 -0.19 22.22 -24.72
N LEU C 54 0.09 23.29 -24.00
CA LEU C 54 -0.95 23.87 -23.17
C LEU C 54 -2.16 24.12 -24.05
N LYS C 55 -1.97 24.88 -25.12
CA LYS C 55 -3.06 25.16 -26.05
C LYS C 55 -3.63 23.92 -26.76
N THR C 56 -2.77 23.00 -27.18
CA THR C 56 -3.25 21.82 -27.86
C THR C 56 -4.10 20.93 -26.97
N PHE C 57 -3.80 20.91 -25.67
CA PHE C 57 -4.45 19.98 -24.75
C PHE C 57 -5.26 20.71 -23.70
N LYS C 58 -5.31 22.03 -23.82
CA LYS C 58 -6.09 22.86 -22.93
C LYS C 58 -5.62 22.62 -21.51
N ILE C 59 -4.32 22.79 -21.29
CA ILE C 59 -3.79 22.64 -19.96
C ILE C 59 -3.73 23.99 -19.28
N PRO C 60 -4.58 24.20 -18.27
CA PRO C 60 -4.52 25.43 -17.48
C PRO C 60 -3.08 25.65 -16.97
N VAL C 61 -2.58 26.87 -17.05
CA VAL C 61 -1.24 27.17 -16.58
C VAL C 61 -1.06 26.87 -15.09
N ASP C 62 -2.04 27.24 -14.28
CA ASP C 62 -1.96 27.05 -12.84
C ASP C 62 -1.93 25.58 -12.46
N THR C 63 -2.58 24.74 -13.25
CA THR C 63 -2.51 23.31 -13.00
C THR C 63 -1.12 22.85 -13.42
N LEU C 64 -0.72 23.17 -14.66
CA LEU C 64 0.58 22.74 -15.13
C LEU C 64 1.67 23.07 -14.12
N ILE C 65 1.72 24.34 -13.73
CA ILE C 65 2.71 24.83 -12.79
C ILE C 65 2.62 24.13 -11.45
N THR C 66 1.40 23.97 -10.93
CA THR C 66 1.23 23.28 -9.64
C THR C 66 1.75 21.82 -9.68
N TYR C 67 1.28 21.05 -10.64
CA TYR C 67 1.79 19.70 -10.84
C TYR C 67 3.31 19.69 -11.02
N LEU C 68 3.84 20.71 -11.68
CA LEU C 68 5.27 20.72 -11.93
C LEU C 68 6.06 20.87 -10.63
N MET C 69 5.59 21.76 -9.76
CA MET C 69 6.23 21.95 -8.47
C MET C 69 6.10 20.68 -7.61
N THR C 70 4.91 20.10 -7.64
CA THR C 70 4.59 18.95 -6.83
C THR C 70 5.48 17.77 -7.21
N LEU C 71 5.62 17.55 -8.51
CA LEU C 71 6.47 16.49 -9.05
C LEU C 71 7.96 16.74 -8.74
N GLU C 72 8.41 17.96 -8.97
CA GLU C 72 9.80 18.31 -8.72
C GLU C 72 10.16 18.16 -7.22
N ASP C 73 9.18 18.39 -6.34
CA ASP C 73 9.38 18.21 -4.90
C ASP C 73 9.43 16.73 -4.47
N HIS C 74 9.14 15.83 -5.41
CA HIS C 74 9.20 14.42 -5.13
C HIS C 74 10.44 13.78 -5.76
N TYR C 75 11.33 14.60 -6.29
CA TYR C 75 12.70 14.15 -6.46
C TYR C 75 13.45 14.50 -5.19
N HIS C 76 14.46 13.71 -4.83
CA HIS C 76 15.18 13.99 -3.60
C HIS C 76 16.36 14.91 -3.85
N ALA C 77 16.31 16.06 -3.21
CA ALA C 77 17.42 17.00 -3.20
C ALA C 77 18.73 16.43 -2.62
N ASP C 78 18.67 15.39 -1.81
CA ASP C 78 19.88 14.81 -1.21
C ASP C 78 20.53 13.70 -2.04
N VAL C 79 19.99 13.43 -3.22
CA VAL C 79 20.55 12.40 -4.10
C VAL C 79 21.37 13.06 -5.21
N ALA C 80 22.63 12.68 -5.30
CA ALA C 80 23.57 13.40 -6.13
C ALA C 80 23.19 13.44 -7.61
N TYR C 81 22.71 12.33 -8.12
CA TYR C 81 22.47 12.20 -9.55
C TYR C 81 20.97 12.05 -9.91
N HIS C 82 20.32 10.97 -9.47
CA HIS C 82 18.89 10.77 -9.75
C HIS C 82 17.99 11.81 -9.04
N ASN C 83 18.05 13.05 -9.49
CA ASN C 83 17.23 14.11 -8.91
C ASN C 83 16.50 14.92 -9.97
N ASN C 84 16.08 16.12 -9.60
CA ASN C 84 15.32 16.98 -10.49
C ASN C 84 16.08 17.51 -11.72
N ILE C 85 17.38 17.79 -11.53
CA ILE C 85 18.19 18.33 -12.61
C ILE C 85 18.41 17.26 -13.64
N HIS C 86 18.56 16.02 -13.18
CA HIS C 86 18.65 14.88 -14.10
C HIS C 86 17.32 14.78 -14.86
N ALA C 87 16.20 14.80 -14.14
CA ALA C 87 14.87 14.78 -14.78
C ALA C 87 14.74 15.86 -15.88
N ALA C 88 15.04 17.10 -15.51
CA ALA C 88 15.03 18.22 -16.44
C ALA C 88 15.92 17.91 -17.62
N ASP C 89 17.07 17.31 -17.35
CA ASP C 89 18.01 17.06 -18.40
C ASP C 89 17.49 16.02 -19.39
N VAL C 90 17.07 14.87 -18.89
CA VAL C 90 16.49 13.86 -19.76
C VAL C 90 15.31 14.46 -20.53
N VAL C 91 14.54 15.31 -19.88
CA VAL C 91 13.41 15.99 -20.51
C VAL C 91 13.82 16.82 -21.71
N GLN C 92 14.72 17.77 -21.48
CA GLN C 92 15.23 18.66 -22.53
C GLN C 92 15.93 17.90 -23.65
N SER C 93 16.69 16.89 -23.29
CA SER C 93 17.33 16.02 -24.28
C SER C 93 16.32 15.36 -25.19
N THR C 94 15.25 14.84 -24.61
CA THR C 94 14.20 14.18 -25.38
C THR C 94 13.53 15.21 -26.31
N HIS C 95 13.28 16.40 -25.79
CA HIS C 95 12.70 17.49 -26.58
C HIS C 95 13.55 17.84 -27.81
N VAL C 96 14.86 17.87 -27.64
CA VAL C 96 15.76 18.06 -28.76
C VAL C 96 15.69 16.86 -29.72
N LEU C 97 15.68 15.64 -29.17
CA LEU C 97 15.73 14.44 -30.00
C LEU C 97 14.44 14.28 -30.81
N LEU C 98 13.32 14.78 -30.28
CA LEU C 98 12.09 14.79 -31.04
C LEU C 98 12.24 15.71 -32.28
N SER C 99 12.90 16.84 -32.11
CA SER C 99 13.03 17.81 -33.22
C SER C 99 13.83 17.27 -34.40
N THR C 100 14.65 16.24 -34.18
CA THR C 100 15.50 15.74 -35.25
C THR C 100 14.75 15.62 -36.59
N PRO C 101 15.36 16.12 -37.68
CA PRO C 101 14.69 16.24 -38.98
C PRO C 101 14.22 14.92 -39.56
N ALA C 102 15.02 13.86 -39.41
CA ALA C 102 14.58 12.53 -39.83
C ALA C 102 13.19 12.18 -39.29
N LEU C 103 12.79 12.84 -38.22
CA LEU C 103 11.53 12.51 -37.54
C LEU C 103 10.42 13.55 -37.73
N GLU C 104 10.71 14.58 -38.50
CA GLU C 104 9.71 15.61 -38.76
C GLU C 104 8.33 15.02 -39.02
N ALA C 105 7.35 15.44 -38.22
CA ALA C 105 5.95 15.08 -38.43
C ALA C 105 5.71 13.58 -38.49
N VAL C 106 6.58 12.79 -37.87
CA VAL C 106 6.29 11.37 -37.68
C VAL C 106 5.33 11.16 -36.50
N PHE C 107 5.65 11.72 -35.34
CA PHE C 107 4.81 11.50 -34.16
C PHE C 107 3.72 12.55 -33.98
N THR C 108 2.59 12.12 -33.44
CA THR C 108 1.46 12.98 -33.12
C THR C 108 1.77 13.83 -31.90
N ASP C 109 0.89 14.79 -31.60
CA ASP C 109 1.00 15.59 -30.38
C ASP C 109 0.87 14.75 -29.11
N LEU C 110 0.00 13.74 -29.14
CA LEU C 110 -0.26 12.89 -27.98
C LEU C 110 0.97 12.05 -27.64
N GLU C 111 1.59 11.46 -28.65
CA GLU C 111 2.83 10.75 -28.45
C GLU C 111 3.97 11.66 -28.01
N ILE C 112 3.99 12.90 -28.49
CA ILE C 112 5.00 13.88 -28.09
C ILE C 112 4.82 14.26 -26.63
N LEU C 113 3.55 14.46 -26.25
CA LEU C 113 3.17 14.65 -24.86
C LEU C 113 3.67 13.49 -23.98
N ALA C 114 3.52 12.27 -24.48
CA ALA C 114 3.85 11.09 -23.69
C ALA C 114 5.35 10.95 -23.52
N ALA C 115 6.11 11.20 -24.58
CA ALA C 115 7.55 11.00 -24.47
C ALA C 115 8.08 12.02 -23.47
N ILE C 116 7.54 13.22 -23.54
CA ILE C 116 8.06 14.31 -22.75
C ILE C 116 7.67 14.08 -21.30
N PHE C 117 6.40 13.77 -21.07
CA PHE C 117 5.90 13.47 -19.74
C PHE C 117 6.63 12.29 -19.11
N ALA C 118 6.94 11.27 -19.91
CA ALA C 118 7.64 10.10 -19.40
C ALA C 118 8.98 10.52 -18.85
N SER C 119 9.77 11.18 -19.69
CA SER C 119 11.07 11.75 -19.29
C SER C 119 10.97 12.51 -17.98
N ALA C 120 9.87 13.23 -17.79
CA ALA C 120 9.72 14.08 -16.61
C ALA C 120 9.55 13.31 -15.29
N ILE C 121 8.88 12.15 -15.32
CA ILE C 121 8.54 11.42 -14.10
C ILE C 121 9.39 10.16 -13.96
N HIS C 122 10.29 9.93 -14.91
CA HIS C 122 10.85 8.61 -15.06
C HIS C 122 11.84 8.22 -13.96
N ASP C 123 12.14 9.13 -13.05
CA ASP C 123 12.99 8.79 -11.91
C ASP C 123 12.42 9.38 -10.64
N VAL C 124 11.16 9.79 -10.67
CA VAL C 124 10.60 10.44 -9.49
C VAL C 124 10.68 9.54 -8.25
N ASP C 125 10.94 10.18 -7.12
CA ASP C 125 11.11 9.54 -5.84
C ASP C 125 12.17 8.44 -5.87
N HIS C 126 13.22 8.66 -6.64
CA HIS C 126 14.37 7.74 -6.68
C HIS C 126 15.12 7.89 -5.36
N PRO C 127 15.47 6.77 -4.70
CA PRO C 127 16.17 6.81 -3.41
C PRO C 127 17.71 6.86 -3.53
N GLY C 128 18.26 6.73 -4.73
CA GLY C 128 19.70 6.80 -4.88
C GLY C 128 20.38 5.48 -4.62
N VAL C 129 19.57 4.43 -4.59
CA VAL C 129 20.11 3.08 -4.55
C VAL C 129 19.47 2.29 -5.67
N SER C 130 20.08 1.19 -6.07
CA SER C 130 19.64 0.39 -7.21
C SER C 130 18.54 -0.63 -6.91
N ASN C 131 17.88 -1.08 -7.96
CA ASN C 131 16.95 -2.19 -7.87
C ASN C 131 17.47 -3.36 -7.01
N GLN C 132 18.71 -3.77 -7.25
CA GLN C 132 19.24 -4.92 -6.55
C GLN C 132 19.34 -4.66 -5.06
N PHE C 133 19.73 -3.42 -4.70
CA PHE C 133 19.92 -3.04 -3.31
C PHE C 133 18.59 -3.14 -2.58
N LEU C 134 17.54 -2.65 -3.23
CA LEU C 134 16.17 -2.81 -2.70
C LEU C 134 15.73 -4.27 -2.64
N ILE C 135 16.19 -5.10 -3.57
CA ILE C 135 15.84 -6.52 -3.56
C ILE C 135 16.54 -7.26 -2.44
N ASN C 136 17.82 -6.95 -2.22
CA ASN C 136 18.65 -7.59 -1.19
C ASN C 136 18.21 -7.23 0.23
N THR C 137 17.50 -6.12 0.40
CA THR C 137 17.10 -5.66 1.71
C THR C 137 15.66 -6.02 2.00
N ASN C 138 15.02 -6.70 1.06
CA ASN C 138 13.60 -7.00 1.15
C ASN C 138 12.71 -5.78 1.34
N SER C 139 13.04 -4.68 0.70
CA SER C 139 12.20 -3.49 0.78
C SER C 139 10.76 -3.81 0.41
N GLU C 140 9.82 -3.10 1.02
CA GLU C 140 8.41 -3.22 0.70
C GLU C 140 8.16 -3.02 -0.81
N LEU C 141 8.95 -2.14 -1.42
CA LEU C 141 8.88 -1.88 -2.86
C LEU C 141 9.22 -3.13 -3.69
N ALA C 142 10.35 -3.77 -3.41
CA ALA C 142 10.70 -5.00 -4.10
C ALA C 142 9.63 -6.08 -3.87
N LEU C 143 9.00 -6.03 -2.71
CA LEU C 143 7.96 -6.97 -2.34
C LEU C 143 6.73 -6.85 -3.23
N MET C 144 6.29 -5.62 -3.46
CA MET C 144 5.02 -5.42 -4.17
C MET C 144 5.17 -5.50 -5.69
N TYR C 145 6.41 -5.36 -6.17
CA TYR C 145 6.67 -5.50 -7.60
C TYR C 145 7.45 -6.79 -7.95
N ASN C 146 7.45 -7.74 -7.05
CA ASN C 146 8.02 -9.04 -7.38
C ASN C 146 9.41 -8.98 -7.99
N ASP C 147 10.19 -8.00 -7.52
CA ASP C 147 11.61 -7.86 -7.84
C ASP C 147 11.84 -7.45 -9.28
N SER C 148 10.77 -7.11 -9.99
CA SER C 148 10.92 -6.81 -11.41
C SER C 148 10.77 -5.33 -11.68
N SER C 149 11.83 -4.74 -12.22
CA SER C 149 11.79 -3.32 -12.58
C SER C 149 11.23 -2.48 -11.44
N VAL C 150 11.74 -2.73 -10.23
CA VAL C 150 11.19 -2.16 -9.01
C VAL C 150 11.07 -0.65 -9.03
N LEU C 151 12.19 0.05 -9.11
CA LEU C 151 12.15 1.51 -9.17
C LEU C 151 11.29 2.08 -10.33
N GLU C 152 11.41 1.49 -11.52
CA GLU C 152 10.71 2.02 -12.68
C GLU C 152 9.19 1.91 -12.51
N ASN C 153 8.73 0.78 -11.97
CA ASN C 153 7.32 0.63 -11.55
C ASN C 153 6.83 1.69 -10.55
N HIS C 154 7.67 1.93 -9.54
CA HIS C 154 7.41 2.93 -8.52
C HIS C 154 7.41 4.31 -9.17
N HIS C 155 8.34 4.53 -10.10
CA HIS C 155 8.41 5.83 -10.78
C HIS C 155 7.11 6.13 -11.52
N LEU C 156 6.61 5.14 -12.24
CA LEU C 156 5.32 5.27 -12.90
C LEU C 156 4.25 5.54 -11.87
N ALA C 157 4.26 4.78 -10.78
CA ALA C 157 3.20 4.93 -9.78
C ALA C 157 3.18 6.31 -9.11
N VAL C 158 4.33 6.87 -8.75
CA VAL C 158 4.33 8.20 -8.17
C VAL C 158 3.95 9.24 -9.21
N GLY C 159 4.44 9.04 -10.44
CA GLY C 159 4.17 9.94 -11.54
C GLY C 159 2.69 10.21 -11.76
N PHE C 160 1.90 9.15 -11.93
CA PHE C 160 0.47 9.26 -12.18
C PHE C 160 -0.29 9.72 -10.96
N LYS C 161 0.00 9.12 -9.82
CA LYS C 161 -0.72 9.39 -8.59
C LYS C 161 -0.64 10.85 -8.19
N LEU C 162 0.49 11.48 -8.54
CA LEU C 162 0.70 12.89 -8.29
C LEU C 162 -0.29 13.78 -9.04
N LEU C 163 -0.86 13.29 -10.15
CA LEU C 163 -1.91 14.06 -10.85
C LEU C 163 -3.16 14.32 -9.98
N GLN C 164 -3.40 13.43 -9.01
CA GLN C 164 -4.64 13.48 -8.23
C GLN C 164 -4.63 14.48 -7.09
N GLU C 165 -3.50 15.16 -6.88
CA GLU C 165 -3.48 16.17 -5.86
C GLU C 165 -4.26 17.41 -6.34
N GLU C 166 -4.61 18.26 -5.38
CA GLU C 166 -5.39 19.45 -5.63
C GLU C 166 -4.83 20.28 -6.77
N ASN C 167 -5.63 20.46 -7.81
CA ASN C 167 -5.24 21.24 -8.98
C ASN C 167 -3.94 20.78 -9.61
N CYS C 168 -3.83 19.46 -9.81
CA CYS C 168 -2.64 18.87 -10.38
C CYS C 168 -2.95 18.05 -11.61
N ASP C 169 -4.22 17.97 -11.97
CA ASP C 169 -4.58 17.12 -13.09
C ASP C 169 -4.44 17.85 -14.43
N ILE C 170 -3.24 17.80 -14.98
CA ILE C 170 -2.93 18.47 -16.21
C ILE C 170 -3.48 17.74 -17.45
N PHE C 171 -4.13 16.61 -17.24
CA PHE C 171 -4.77 15.89 -18.35
C PHE C 171 -6.28 15.95 -18.22
N GLN C 172 -6.75 16.90 -17.42
CA GLN C 172 -8.16 16.98 -17.06
C GLN C 172 -9.09 17.24 -18.24
N ASN C 173 -8.55 17.81 -19.31
CA ASN C 173 -9.35 18.11 -20.48
C ASN C 173 -9.04 17.19 -21.65
N LEU C 174 -8.23 16.16 -21.40
CA LEU C 174 -8.09 15.10 -22.39
C LEU C 174 -9.36 14.27 -22.29
N THR C 175 -9.66 13.48 -23.33
CA THR C 175 -10.78 12.56 -23.31
C THR C 175 -10.32 11.17 -22.96
N LYS C 176 -11.24 10.31 -22.54
CA LYS C 176 -10.87 8.97 -22.14
C LYS C 176 -9.93 8.31 -23.16
N LYS C 177 -10.26 8.37 -24.45
CA LYS C 177 -9.46 7.64 -25.42
C LYS C 177 -8.00 8.09 -25.39
N GLN C 178 -7.81 9.40 -25.38
CA GLN C 178 -6.49 10.02 -25.25
C GLN C 178 -5.83 9.58 -23.95
N ARG C 179 -6.56 9.73 -22.85
CA ARG C 179 -6.03 9.32 -21.54
C ARG C 179 -5.53 7.88 -21.55
N GLN C 180 -6.33 6.95 -22.06
CA GLN C 180 -5.91 5.55 -22.08
C GLN C 180 -4.66 5.37 -22.91
N SER C 181 -4.54 6.13 -23.99
CA SER C 181 -3.40 6.00 -24.90
C SER C 181 -2.14 6.65 -24.36
N LEU C 182 -2.28 7.82 -23.77
CA LEU C 182 -1.15 8.44 -23.11
C LEU C 182 -0.60 7.47 -22.05
N ARG C 183 -1.48 6.89 -21.23
CA ARG C 183 -1.04 6.01 -20.16
C ARG C 183 -0.20 4.86 -20.69
N LYS C 184 -0.75 4.12 -21.67
CA LYS C 184 -0.06 2.93 -22.16
C LYS C 184 1.33 3.30 -22.67
N MET C 185 1.42 4.47 -23.27
CA MET C 185 2.65 4.90 -23.92
C MET C 185 3.72 5.29 -22.90
N VAL C 186 3.30 5.98 -21.85
CA VAL C 186 4.21 6.39 -20.80
C VAL C 186 4.71 5.14 -20.06
N ILE C 187 3.79 4.29 -19.64
CA ILE C 187 4.16 3.01 -19.05
C ILE C 187 5.21 2.33 -19.92
N ASP C 188 4.94 2.21 -21.20
CA ASP C 188 5.86 1.50 -22.09
C ASP C 188 7.23 2.17 -22.10
N ILE C 189 7.24 3.51 -22.17
CA ILE C 189 8.51 4.23 -22.18
C ILE C 189 9.29 4.10 -20.88
N VAL C 190 8.65 4.41 -19.74
CA VAL C 190 9.34 4.44 -18.45
C VAL C 190 9.84 3.06 -18.01
N LEU C 191 9.09 2.01 -18.35
CA LEU C 191 9.48 0.64 -18.00
C LEU C 191 10.69 0.22 -18.79
N ALA C 192 10.93 0.90 -19.90
CA ALA C 192 12.10 0.59 -20.72
C ALA C 192 13.34 1.43 -20.36
N THR C 193 13.26 2.25 -19.30
CA THR C 193 14.44 2.98 -18.82
C THR C 193 15.27 2.11 -17.88
N ASP C 194 14.66 1.01 -17.42
CA ASP C 194 15.31 0.04 -16.56
C ASP C 194 16.47 -0.54 -17.34
N MET C 195 17.68 -0.28 -16.84
CA MET C 195 18.91 -0.71 -17.52
C MET C 195 19.03 -2.22 -17.73
N SER C 196 18.26 -3.00 -16.96
CA SER C 196 18.28 -4.44 -17.15
C SER C 196 17.92 -4.73 -18.60
N LYS C 197 17.19 -3.80 -19.22
CA LYS C 197 16.64 -4.02 -20.55
C LYS C 197 17.50 -3.46 -21.67
N HIS C 198 18.61 -2.83 -21.32
CA HIS C 198 19.39 -2.16 -22.36
C HIS C 198 19.68 -3.06 -23.58
N MET C 199 20.09 -4.31 -23.35
CA MET C 199 20.50 -5.15 -24.46
C MET C 199 19.40 -5.45 -25.47
N ASN C 200 18.20 -5.73 -24.99
CA ASN C 200 17.07 -6.01 -25.87
C ASN C 200 16.51 -4.73 -26.51
N LEU C 201 16.90 -3.58 -25.97
CA LEU C 201 16.52 -2.32 -26.56
C LEU C 201 17.36 -2.07 -27.80
N LEU C 202 18.67 -2.12 -27.61
CA LEU C 202 19.61 -1.97 -28.69
C LEU C 202 19.35 -2.96 -29.83
N ALA C 203 19.08 -4.21 -29.48
CA ALA C 203 18.85 -5.25 -30.47
C ALA C 203 17.64 -4.92 -31.36
N ASP C 204 16.57 -4.44 -30.77
CA ASP C 204 15.40 -4.04 -31.54
C ASP C 204 15.69 -2.80 -32.36
N LEU C 205 16.37 -1.83 -31.75
CA LEU C 205 16.78 -0.63 -32.46
C LEU C 205 17.64 -1.03 -33.67
N LYS C 206 18.70 -1.79 -33.42
CA LYS C 206 19.56 -2.32 -34.47
C LYS C 206 18.78 -2.97 -35.62
N THR C 207 17.72 -3.69 -35.28
CA THR C 207 16.92 -4.38 -36.29
C THR C 207 16.21 -3.38 -37.18
N MET C 208 15.54 -2.42 -36.55
CA MET C 208 14.78 -1.41 -37.28
C MET C 208 15.66 -0.67 -38.25
N VAL C 209 16.91 -0.43 -37.86
CA VAL C 209 17.86 0.18 -38.77
C VAL C 209 18.06 -0.69 -40.01
N GLU C 210 18.38 -1.96 -39.80
CA GLU C 210 18.52 -2.90 -40.91
C GLU C 210 17.33 -2.87 -41.87
N THR C 211 16.12 -2.75 -41.31
CA THR C 211 14.89 -2.79 -42.10
C THR C 211 14.31 -1.40 -42.35
N LYS C 212 15.19 -0.41 -42.30
CA LYS C 212 14.79 1.00 -42.38
C LYS C 212 13.91 1.34 -43.59
N LYS C 213 12.85 2.10 -43.34
CA LYS C 213 12.03 2.67 -44.41
C LYS C 213 12.12 4.18 -44.36
N VAL C 214 11.88 4.83 -45.49
CA VAL C 214 11.94 6.29 -45.56
C VAL C 214 10.82 6.81 -46.44
N THR C 215 9.83 7.46 -45.82
CA THR C 215 8.65 7.94 -46.54
C THR C 215 9.00 8.73 -47.80
N SER C 216 7.98 9.09 -48.57
CA SER C 216 8.16 9.85 -49.80
C SER C 216 8.94 11.13 -49.56
N SER C 217 8.83 11.66 -48.34
CA SER C 217 9.47 12.93 -47.99
C SER C 217 10.87 12.75 -47.38
N GLY C 218 11.41 11.54 -47.45
CA GLY C 218 12.74 11.29 -46.91
C GLY C 218 12.79 11.46 -45.40
N VAL C 219 11.80 10.86 -44.74
CA VAL C 219 11.63 10.93 -43.29
C VAL C 219 11.14 9.56 -42.84
N LEU C 220 11.58 9.12 -41.66
CA LEU C 220 11.34 7.73 -41.23
C LEU C 220 9.89 7.28 -41.28
N LEU C 221 9.70 6.03 -41.66
CA LEU C 221 8.38 5.42 -41.73
C LEU C 221 8.08 4.51 -40.52
N LEU C 222 6.90 4.69 -39.93
CA LEU C 222 6.46 3.88 -38.79
C LEU C 222 4.98 3.51 -38.93
N ASP C 223 4.69 2.24 -39.14
CA ASP C 223 3.36 1.83 -39.57
C ASP C 223 2.61 0.98 -38.55
N ASN C 224 3.26 0.70 -37.42
CA ASN C 224 2.64 -0.09 -36.35
C ASN C 224 2.97 0.51 -34.99
N TYR C 225 2.15 0.21 -33.99
CA TYR C 225 2.44 0.70 -32.64
C TYR C 225 3.84 0.29 -32.17
N SER C 226 4.20 -0.97 -32.41
CA SER C 226 5.47 -1.51 -31.95
C SER C 226 6.67 -0.74 -32.48
N ASP C 227 6.58 -0.26 -33.73
CA ASP C 227 7.67 0.47 -34.33
C ASP C 227 7.72 1.90 -33.83
N ARG C 228 6.56 2.50 -33.62
CA ARG C 228 6.50 3.88 -33.18
C ARG C 228 6.87 3.99 -31.70
N ILE C 229 6.48 2.99 -30.92
CA ILE C 229 6.81 2.98 -29.50
C ILE C 229 8.28 2.59 -29.26
N GLN C 230 8.80 1.66 -30.06
CA GLN C 230 10.18 1.27 -29.87
C GLN C 230 11.15 2.43 -30.18
N VAL C 231 10.83 3.26 -31.16
CA VAL C 231 11.65 4.45 -31.43
C VAL C 231 11.57 5.41 -30.26
N LEU C 232 10.38 5.55 -29.67
CA LEU C 232 10.22 6.39 -28.50
C LEU C 232 10.96 5.81 -27.29
N GLN C 233 11.00 4.50 -27.18
CA GLN C 233 11.66 3.89 -26.02
C GLN C 233 13.16 4.09 -26.09
N ASN C 234 13.72 3.90 -27.28
CA ASN C 234 15.15 4.11 -27.47
C ASN C 234 15.55 5.57 -27.36
N MET C 235 14.63 6.46 -27.74
CA MET C 235 14.86 7.89 -27.64
C MET C 235 15.03 8.31 -26.17
N VAL C 236 14.08 7.91 -25.32
CA VAL C 236 14.14 8.33 -23.93
C VAL C 236 15.27 7.60 -23.23
N HIS C 237 15.55 6.40 -23.72
CA HIS C 237 16.70 5.64 -23.22
C HIS C 237 18.01 6.37 -23.53
N CYS C 238 18.15 6.85 -24.77
CA CYS C 238 19.30 7.63 -25.22
C CYS C 238 19.38 8.95 -24.45
N ALA C 239 18.25 9.61 -24.25
CA ALA C 239 18.22 10.78 -23.39
C ALA C 239 18.79 10.44 -22.01
N ASP C 240 18.33 9.32 -21.46
CA ASP C 240 18.83 8.81 -20.19
C ASP C 240 20.35 8.53 -20.18
N LEU C 241 20.91 8.23 -21.34
CA LEU C 241 22.35 8.02 -21.40
C LEU C 241 22.98 9.05 -22.35
N SER C 242 22.41 10.26 -22.36
CA SER C 242 22.94 11.32 -23.21
C SER C 242 24.22 11.96 -22.64
N ASN C 243 24.47 11.80 -21.35
CA ASN C 243 25.55 12.50 -20.63
C ASN C 243 26.93 12.58 -21.32
N PRO C 244 27.54 11.44 -21.62
CA PRO C 244 28.87 11.62 -22.23
C PRO C 244 28.85 12.22 -23.66
N THR C 245 27.69 12.45 -24.23
CA THR C 245 27.59 13.12 -25.54
C THR C 245 27.33 14.62 -25.36
N LYS C 246 27.59 15.10 -24.15
CA LYS C 246 27.37 16.49 -23.81
C LYS C 246 28.69 17.22 -23.60
N PRO C 247 28.69 18.53 -23.82
CA PRO C 247 29.85 19.40 -23.56
C PRO C 247 30.57 19.01 -22.26
N LEU C 248 31.86 18.71 -22.39
CA LEU C 248 32.71 18.27 -21.29
C LEU C 248 32.35 18.84 -19.91
N GLN C 249 32.14 20.13 -19.84
CA GLN C 249 31.86 20.75 -18.54
C GLN C 249 30.59 20.14 -17.91
N LEU C 250 29.67 19.69 -18.76
CA LEU C 250 28.43 19.10 -18.29
C LEU C 250 28.66 17.64 -17.90
N TYR C 251 29.12 16.86 -18.88
CA TYR C 251 29.55 15.51 -18.64
C TYR C 251 30.32 15.40 -17.31
N ARG C 252 31.23 16.32 -17.03
CA ARG C 252 32.07 16.20 -15.82
C ARG C 252 31.27 16.28 -14.52
N GLN C 253 30.23 17.10 -14.51
CA GLN C 253 29.45 17.25 -13.29
C GLN C 253 28.58 16.02 -13.08
N TRP C 254 28.00 15.50 -14.16
CA TRP C 254 27.23 14.27 -14.12
C TRP C 254 28.08 13.09 -13.62
N THR C 255 29.33 13.04 -14.04
CA THR C 255 30.19 11.96 -13.67
C THR C 255 30.55 12.08 -12.18
N ASP C 256 30.89 13.27 -11.71
CA ASP C 256 31.10 13.45 -10.27
C ASP C 256 29.88 12.98 -9.50
N ARG C 257 28.71 13.32 -10.01
CA ARG C 257 27.50 13.10 -9.26
C ARG C 257 27.08 11.64 -9.23
N ILE C 258 27.26 10.94 -10.34
CA ILE C 258 26.84 9.55 -10.37
C ILE C 258 27.81 8.67 -9.57
N MET C 259 29.10 8.97 -9.65
CA MET C 259 30.10 8.30 -8.84
C MET C 259 29.81 8.45 -7.35
N GLU C 260 29.38 9.64 -6.95
CA GLU C 260 29.10 9.89 -5.54
C GLU C 260 27.90 9.10 -5.09
N GLU C 261 26.86 9.09 -5.92
CA GLU C 261 25.71 8.28 -5.60
C GLU C 261 26.11 6.81 -5.45
N PHE C 262 26.87 6.31 -6.43
CA PHE C 262 27.38 4.95 -6.38
C PHE C 262 28.21 4.68 -5.12
N PHE C 263 29.06 5.64 -4.75
CA PHE C 263 29.93 5.44 -3.59
C PHE C 263 29.12 5.45 -2.32
N ARG C 264 28.09 6.29 -2.29
CA ARG C 264 27.20 6.30 -1.15
C ARG C 264 26.44 4.99 -1.05
N GLN C 265 26.15 4.34 -2.17
CA GLN C 265 25.52 3.02 -2.10
C GLN C 265 26.46 1.98 -1.50
N GLY C 266 27.70 1.97 -1.97
CA GLY C 266 28.71 1.04 -1.48
C GLY C 266 28.97 1.25 0.00
N ASP C 267 28.83 2.49 0.46
CA ASP C 267 28.91 2.79 1.88
C ASP C 267 27.70 2.22 2.63
N ARG C 268 26.51 2.46 2.10
CA ARG C 268 25.30 1.80 2.61
C ARG C 268 25.52 0.29 2.62
N GLU C 269 26.05 -0.26 1.53
CA GLU C 269 26.19 -1.71 1.42
C GLU C 269 26.98 -2.31 2.58
N ARG C 270 28.20 -1.82 2.80
CA ARG C 270 28.96 -2.19 4.01
C ARG C 270 28.07 -2.14 5.28
N GLU C 271 27.72 -0.92 5.68
CA GLU C 271 26.89 -0.64 6.85
C GLU C 271 25.77 -1.63 7.18
N ARG C 272 25.14 -2.21 6.15
CA ARG C 272 24.01 -3.11 6.36
C ARG C 272 24.40 -4.60 6.36
N GLY C 273 25.70 -4.86 6.28
CA GLY C 273 26.18 -6.24 6.20
C GLY C 273 25.79 -6.81 4.85
N MET C 274 26.40 -6.27 3.81
CA MET C 274 26.21 -6.74 2.44
C MET C 274 27.55 -6.70 1.74
N GLU C 275 27.63 -7.40 0.61
CA GLU C 275 28.85 -7.51 -0.18
C GLU C 275 28.95 -6.32 -1.13
N ILE C 276 29.92 -5.43 -0.86
CA ILE C 276 30.05 -4.16 -1.56
C ILE C 276 29.97 -4.26 -3.08
N SER C 277 28.96 -3.63 -3.67
CA SER C 277 28.74 -3.65 -5.12
C SER C 277 29.97 -3.18 -5.93
N PRO C 278 30.28 -3.87 -7.03
CA PRO C 278 31.39 -3.55 -7.94
C PRO C 278 31.27 -2.16 -8.59
N MET C 279 32.33 -1.36 -8.46
CA MET C 279 32.38 0.02 -8.94
C MET C 279 31.64 1.00 -8.02
N CYS C 280 31.19 0.48 -6.88
CA CYS C 280 30.64 1.28 -5.80
C CYS C 280 31.64 1.37 -4.65
N ASP C 281 32.86 0.89 -4.87
CA ASP C 281 33.89 1.00 -3.84
C ASP C 281 34.75 2.25 -4.05
N LYS C 282 34.52 3.24 -3.20
CA LYS C 282 35.25 4.50 -3.28
C LYS C 282 36.76 4.29 -3.26
N HIS C 283 37.21 3.20 -2.63
CA HIS C 283 38.63 2.94 -2.47
C HIS C 283 39.23 2.16 -3.65
N ASN C 284 38.42 1.35 -4.30
CA ASN C 284 38.87 0.63 -5.49
C ASN C 284 37.95 0.85 -6.70
N ALA C 285 38.03 2.06 -7.23
CA ALA C 285 37.33 2.44 -8.46
C ALA C 285 38.23 3.35 -9.28
N SER C 286 38.32 3.07 -10.58
CA SER C 286 39.03 3.93 -11.49
C SER C 286 38.00 4.72 -12.28
N VAL C 287 37.58 5.85 -11.72
CA VAL C 287 36.50 6.64 -12.31
C VAL C 287 36.72 6.90 -13.80
N GLU C 288 37.90 7.43 -14.14
CA GLU C 288 38.25 7.69 -15.53
C GLU C 288 38.18 6.42 -16.37
N LYS C 289 38.79 5.33 -15.89
CA LYS C 289 38.73 4.06 -16.62
C LYS C 289 37.32 3.50 -16.73
N SER C 290 36.50 3.73 -15.70
CA SER C 290 35.11 3.30 -15.75
C SER C 290 34.33 4.04 -16.84
N GLN C 291 34.46 5.36 -16.85
CA GLN C 291 33.82 6.18 -17.86
C GLN C 291 34.18 5.73 -19.29
N VAL C 292 35.46 5.46 -19.52
CA VAL C 292 35.89 5.07 -20.86
C VAL C 292 35.29 3.72 -21.27
N GLY C 293 35.25 2.78 -20.32
CA GLY C 293 34.71 1.45 -20.57
C GLY C 293 33.20 1.46 -20.78
N PHE C 294 32.53 2.38 -20.08
CA PHE C 294 31.08 2.51 -20.19
C PHE C 294 30.71 3.10 -21.55
N ILE C 295 31.52 4.05 -22.02
CA ILE C 295 31.30 4.60 -23.35
C ILE C 295 31.49 3.50 -24.40
N ASP C 296 32.50 2.66 -24.20
CA ASP C 296 32.83 1.59 -25.15
C ASP C 296 31.82 0.43 -25.28
N TYR C 297 31.20 0.02 -24.18
CA TYR C 297 30.28 -1.12 -24.25
C TYR C 297 28.79 -0.76 -24.23
N ILE C 298 28.46 0.41 -23.69
CA ILE C 298 27.05 0.78 -23.64
C ILE C 298 26.73 2.07 -24.40
N VAL C 299 27.30 3.19 -23.98
CA VAL C 299 26.91 4.48 -24.55
C VAL C 299 27.12 4.57 -26.07
N HIS C 300 28.35 4.35 -26.53
CA HIS C 300 28.67 4.48 -27.96
C HIS C 300 27.91 3.55 -28.89
N PRO C 301 27.81 2.25 -28.53
CA PRO C 301 27.06 1.33 -29.38
C PRO C 301 25.63 1.80 -29.53
N LEU C 302 25.00 2.15 -28.41
CA LEU C 302 23.63 2.66 -28.43
C LEU C 302 23.49 3.83 -29.40
N TRP C 303 24.28 4.87 -29.19
CA TRP C 303 24.15 6.09 -29.97
C TRP C 303 24.57 5.86 -31.43
N GLU C 304 25.57 5.01 -31.62
CA GLU C 304 26.00 4.69 -32.96
C GLU C 304 24.78 4.17 -33.71
N THR C 305 24.02 3.30 -33.06
CA THR C 305 22.84 2.72 -33.70
C THR C 305 21.84 3.84 -33.99
N TRP C 306 21.60 4.70 -32.99
CA TRP C 306 20.65 5.81 -33.13
C TRP C 306 21.02 6.77 -34.26
N ALA C 307 22.28 7.16 -34.31
CA ALA C 307 22.80 7.94 -35.42
C ALA C 307 22.51 7.25 -36.74
N ASP C 308 22.88 5.98 -36.84
CA ASP C 308 22.67 5.21 -38.07
C ASP C 308 21.21 4.88 -38.26
N LEU C 309 20.34 5.68 -37.64
CA LEU C 309 18.91 5.57 -37.88
C LEU C 309 18.40 6.91 -38.35
N VAL C 310 18.80 7.98 -37.65
CA VAL C 310 18.42 9.34 -38.05
C VAL C 310 19.53 9.97 -38.87
N HIS C 311 20.30 9.13 -39.55
CA HIS C 311 21.42 9.63 -40.34
C HIS C 311 21.02 10.71 -41.35
N PRO C 312 21.74 11.84 -41.35
CA PRO C 312 22.92 12.09 -40.51
C PRO C 312 22.61 13.03 -39.36
N ASP C 313 21.36 13.12 -38.96
CA ASP C 313 20.93 14.14 -37.99
C ASP C 313 21.82 14.24 -36.76
N ALA C 314 22.39 13.14 -36.30
CA ALA C 314 23.08 13.18 -35.01
C ALA C 314 24.60 12.98 -35.05
N GLN C 315 25.23 13.29 -36.18
CA GLN C 315 26.67 13.08 -36.33
C GLN C 315 27.50 13.91 -35.36
N ASP C 316 27.00 15.09 -35.02
CA ASP C 316 27.71 15.97 -34.09
C ASP C 316 27.70 15.44 -32.66
N ILE C 317 26.54 14.97 -32.24
CA ILE C 317 26.42 14.31 -30.96
C ILE C 317 27.48 13.19 -30.90
N LEU C 318 27.48 12.33 -31.92
CA LEU C 318 28.41 11.21 -31.95
C LEU C 318 29.83 11.75 -31.88
N ASP C 319 30.04 12.91 -32.49
CA ASP C 319 31.37 13.52 -32.46
C ASP C 319 31.79 13.94 -31.06
N THR C 320 30.91 14.64 -30.34
CA THR C 320 31.26 15.06 -28.98
C THR C 320 31.48 13.82 -28.11
N LEU C 321 30.61 12.83 -28.28
CA LEU C 321 30.80 11.55 -27.61
C LEU C 321 32.24 11.04 -27.69
N GLU C 322 32.71 10.78 -28.91
CA GLU C 322 34.04 10.22 -29.08
C GLU C 322 35.14 11.14 -28.58
N ASP C 323 35.06 12.42 -28.95
CA ASP C 323 35.98 13.41 -28.39
C ASP C 323 36.03 13.25 -26.87
N ASN C 324 34.85 13.24 -26.25
CA ASN C 324 34.75 13.10 -24.80
C ASN C 324 35.40 11.81 -24.33
N ARG C 325 35.16 10.74 -25.06
CA ARG C 325 35.78 9.45 -24.78
C ARG C 325 37.28 9.62 -24.64
N GLU C 326 37.88 10.25 -25.65
CA GLU C 326 39.32 10.46 -25.66
C GLU C 326 39.75 11.34 -24.52
N TRP C 327 39.00 12.40 -24.24
CA TRP C 327 39.37 13.23 -23.11
C TRP C 327 39.63 12.42 -21.84
N TYR C 328 38.67 11.58 -21.45
CA TYR C 328 38.83 10.80 -20.23
C TYR C 328 40.00 9.82 -20.34
N GLN C 329 40.11 9.17 -21.50
CA GLN C 329 41.20 8.22 -21.75
C GLN C 329 42.53 8.77 -21.26
N SER C 330 42.80 10.02 -21.60
CA SER C 330 44.05 10.67 -21.23
C SER C 330 44.19 10.84 -19.72
N THR C 331 44.08 9.73 -18.99
CA THR C 331 44.30 9.75 -17.54
C THR C 331 44.65 8.37 -17.02
N GLN D 10 -15.63 -40.89 10.57
CA GLN D 10 -14.55 -40.28 11.33
C GLN D 10 -13.77 -39.28 10.47
N GLU D 11 -12.60 -38.87 10.95
CA GLU D 11 -11.65 -38.12 10.12
C GLU D 11 -10.50 -39.07 9.76
N ASP D 12 -10.83 -40.34 9.69
CA ASP D 12 -9.89 -41.39 9.30
C ASP D 12 -10.21 -41.74 7.86
N VAL D 13 -11.46 -41.47 7.49
CA VAL D 13 -11.82 -41.51 6.10
C VAL D 13 -10.86 -40.51 5.44
N LEU D 14 -10.58 -39.42 6.15
CA LEU D 14 -9.70 -38.41 5.63
C LEU D 14 -8.31 -38.99 5.42
N ALA D 15 -7.80 -39.63 6.45
CA ALA D 15 -6.43 -40.14 6.41
C ALA D 15 -6.30 -41.31 5.45
N LYS D 16 -7.41 -41.95 5.13
CA LYS D 16 -7.33 -43.02 4.15
C LYS D 16 -7.19 -42.37 2.79
N GLU D 17 -8.03 -41.37 2.54
CA GLU D 17 -8.06 -40.66 1.25
C GLU D 17 -6.74 -39.96 0.91
N LEU D 18 -6.05 -39.46 1.93
CA LEU D 18 -4.79 -38.79 1.70
C LEU D 18 -3.68 -39.74 1.30
N GLU D 19 -3.98 -41.03 1.25
CA GLU D 19 -3.00 -42.00 0.79
C GLU D 19 -2.90 -42.01 -0.74
N ASP D 20 -3.90 -41.47 -1.43
CA ASP D 20 -3.82 -41.32 -2.88
C ASP D 20 -3.09 -40.04 -3.29
N VAL D 21 -2.52 -39.36 -2.30
CA VAL D 21 -1.80 -38.11 -2.52
C VAL D 21 -0.74 -38.18 -3.65
N ASN D 22 -0.29 -39.37 -3.99
CA ASN D 22 0.76 -39.57 -4.98
C ASN D 22 0.16 -40.06 -6.27
N LYS D 23 -1.16 -40.06 -6.34
CA LYS D 23 -1.82 -40.59 -7.51
C LYS D 23 -2.56 -39.52 -8.29
N TRP D 24 -2.36 -39.53 -9.60
CA TRP D 24 -3.16 -38.69 -10.48
C TRP D 24 -4.62 -39.08 -10.34
N GLY D 25 -5.48 -38.16 -9.88
CA GLY D 25 -6.90 -38.46 -9.83
C GLY D 25 -7.45 -38.49 -8.41
N LEU D 26 -6.67 -38.01 -7.46
CA LEU D 26 -7.09 -37.91 -6.08
C LEU D 26 -8.48 -37.29 -6.02
N HIS D 27 -9.35 -37.75 -5.10
CA HIS D 27 -10.65 -37.08 -5.03
C HIS D 27 -10.60 -35.83 -4.15
N VAL D 28 -10.08 -34.75 -4.72
CA VAL D 28 -9.78 -33.54 -3.99
C VAL D 28 -11.05 -32.94 -3.35
N PHE D 29 -12.19 -33.02 -4.05
CA PHE D 29 -13.50 -32.57 -3.54
C PHE D 29 -13.95 -33.35 -2.31
N ARG D 30 -13.79 -34.67 -2.35
CA ARG D 30 -14.09 -35.47 -1.18
C ARG D 30 -13.17 -35.03 -0.02
N ILE D 31 -11.89 -34.78 -0.33
CA ILE D 31 -10.94 -34.35 0.69
C ILE D 31 -11.40 -33.04 1.33
N ALA D 32 -11.86 -32.12 0.47
CA ALA D 32 -12.40 -30.81 0.86
C ALA D 32 -13.56 -30.91 1.85
N GLU D 33 -14.53 -31.78 1.53
CA GLU D 33 -15.66 -32.04 2.42
C GLU D 33 -15.22 -32.61 3.77
N LEU D 34 -14.44 -33.68 3.75
CA LEU D 34 -13.94 -34.33 4.96
C LEU D 34 -13.05 -33.45 5.86
N SER D 35 -12.27 -32.56 5.27
CA SER D 35 -11.34 -31.74 6.06
C SER D 35 -11.97 -30.42 6.52
N GLY D 36 -13.27 -30.29 6.35
CA GLY D 36 -13.94 -29.05 6.71
C GLY D 36 -13.52 -27.86 5.87
N ASN D 37 -13.44 -28.08 4.56
CA ASN D 37 -12.98 -27.06 3.62
C ASN D 37 -11.51 -26.66 3.80
N ARG D 38 -10.68 -27.61 4.22
CA ARG D 38 -9.24 -27.37 4.32
C ARG D 38 -8.39 -28.22 3.35
N PRO D 39 -8.83 -28.36 2.09
CA PRO D 39 -8.15 -29.34 1.25
C PRO D 39 -6.73 -28.90 0.94
N LEU D 40 -6.50 -27.59 0.97
CA LEU D 40 -5.18 -27.06 0.66
C LEU D 40 -4.27 -27.28 1.84
N THR D 41 -4.75 -26.95 3.03
CA THR D 41 -3.97 -27.13 4.24
C THR D 41 -3.58 -28.59 4.41
N VAL D 42 -4.55 -29.48 4.32
CA VAL D 42 -4.29 -30.92 4.51
C VAL D 42 -3.30 -31.51 3.47
N ILE D 43 -3.51 -31.22 2.19
CA ILE D 43 -2.67 -31.79 1.14
C ILE D 43 -1.23 -31.23 1.13
N MET D 44 -1.07 -29.94 1.40
CA MET D 44 0.27 -29.37 1.56
C MET D 44 0.99 -30.07 2.69
N HIS D 45 0.27 -30.29 3.78
CA HIS D 45 0.87 -30.86 4.99
C HIS D 45 1.33 -32.29 4.75
N THR D 46 0.45 -33.08 4.15
CA THR D 46 0.77 -34.44 3.78
C THR D 46 2.00 -34.46 2.87
N ILE D 47 1.99 -33.62 1.84
CA ILE D 47 3.13 -33.50 0.92
C ILE D 47 4.43 -33.08 1.61
N PHE D 48 4.39 -32.02 2.41
CA PHE D 48 5.59 -31.69 3.16
C PHE D 48 6.11 -32.87 4.01
N GLN D 49 5.23 -33.60 4.70
CA GLN D 49 5.65 -34.77 5.48
C GLN D 49 6.22 -35.85 4.58
N GLU D 50 5.49 -36.16 3.52
CA GLU D 50 5.88 -37.19 2.58
C GLU D 50 7.27 -36.91 2.03
N ARG D 51 7.50 -35.67 1.62
CA ARG D 51 8.75 -35.30 0.96
C ARG D 51 9.80 -34.90 1.96
N ASP D 52 9.45 -34.94 3.25
CA ASP D 52 10.39 -34.64 4.36
C ASP D 52 10.87 -33.18 4.33
N LEU D 53 10.05 -32.31 3.77
CA LEU D 53 10.41 -30.92 3.65
C LEU D 53 10.58 -30.24 5.00
N LEU D 54 9.80 -30.63 6.00
CA LEU D 54 9.95 -30.00 7.33
C LEU D 54 11.33 -30.21 7.94
N LYS D 55 11.82 -31.43 7.94
CA LYS D 55 13.16 -31.69 8.46
C LYS D 55 14.26 -30.97 7.65
N THR D 56 14.20 -31.09 6.32
CA THR D 56 15.23 -30.53 5.45
C THR D 56 15.39 -29.03 5.60
N PHE D 57 14.27 -28.31 5.71
CA PHE D 57 14.32 -26.85 5.81
C PHE D 57 14.03 -26.30 7.19
N LYS D 58 13.94 -27.20 8.16
CA LYS D 58 13.74 -26.84 9.55
C LYS D 58 12.53 -25.96 9.66
N ILE D 59 11.43 -26.45 9.12
CA ILE D 59 10.17 -25.76 9.22
C ILE D 59 9.47 -26.25 10.47
N PRO D 60 9.20 -25.34 11.41
CA PRO D 60 8.43 -25.78 12.57
C PRO D 60 7.03 -26.13 12.11
N VAL D 61 6.47 -27.19 12.67
CA VAL D 61 5.22 -27.70 12.15
C VAL D 61 4.02 -26.78 12.41
N ASP D 62 4.00 -26.11 13.56
CA ASP D 62 2.92 -25.15 13.86
C ASP D 62 2.98 -23.90 12.97
N THR D 63 4.19 -23.49 12.61
CA THR D 63 4.38 -22.39 11.66
C THR D 63 3.79 -22.83 10.32
N LEU D 64 4.11 -24.04 9.90
CA LEU D 64 3.65 -24.54 8.62
C LEU D 64 2.14 -24.62 8.55
N ILE D 65 1.51 -24.96 9.66
CA ILE D 65 0.07 -25.13 9.65
C ILE D 65 -0.63 -23.77 9.71
N THR D 66 -0.04 -22.87 10.50
CA THR D 66 -0.48 -21.49 10.56
C THR D 66 -0.43 -20.83 9.18
N TYR D 67 0.74 -20.87 8.54
CA TYR D 67 0.82 -20.32 7.21
C TYR D 67 -0.17 -20.98 6.24
N LEU D 68 -0.35 -22.29 6.31
CA LEU D 68 -1.29 -22.96 5.41
C LEU D 68 -2.72 -22.54 5.63
N MET D 69 -3.07 -22.29 6.89
CA MET D 69 -4.45 -21.88 7.14
C MET D 69 -4.70 -20.45 6.72
N THR D 70 -3.76 -19.57 7.04
CA THR D 70 -3.79 -18.18 6.60
C THR D 70 -3.93 -18.17 5.09
N LEU D 71 -3.01 -18.85 4.42
CA LEU D 71 -3.00 -18.88 2.97
C LEU D 71 -4.34 -19.33 2.38
N GLU D 72 -4.84 -20.48 2.84
CA GLU D 72 -6.12 -21.03 2.38
C GLU D 72 -7.29 -20.06 2.61
N ASP D 73 -7.22 -19.33 3.71
CA ASP D 73 -8.25 -18.35 4.03
C ASP D 73 -8.24 -17.14 3.10
N HIS D 74 -7.16 -16.94 2.35
CA HIS D 74 -7.11 -15.81 1.45
C HIS D 74 -7.50 -16.19 0.04
N TYR D 75 -7.82 -17.46 -0.16
CA TYR D 75 -8.60 -17.86 -1.31
C TYR D 75 -10.07 -17.56 -0.99
N HIS D 76 -10.84 -17.19 -2.01
CA HIS D 76 -12.25 -16.81 -1.78
C HIS D 76 -13.23 -17.97 -1.87
N ALA D 77 -14.01 -18.19 -0.83
CA ALA D 77 -15.00 -19.28 -0.82
C ALA D 77 -16.20 -19.04 -1.73
N ASP D 78 -16.38 -17.82 -2.24
CA ASP D 78 -17.50 -17.50 -3.14
C ASP D 78 -17.14 -17.58 -4.62
N VAL D 79 -15.87 -17.82 -4.90
CA VAL D 79 -15.44 -18.01 -6.27
C VAL D 79 -15.58 -19.50 -6.58
N ALA D 80 -16.24 -19.82 -7.69
CA ALA D 80 -16.61 -21.20 -7.98
C ALA D 80 -15.43 -22.06 -8.44
N TYR D 81 -14.44 -21.43 -9.06
CA TYR D 81 -13.32 -22.19 -9.62
C TYR D 81 -11.98 -21.85 -9.00
N HIS D 82 -11.61 -20.58 -9.07
CA HIS D 82 -10.32 -20.13 -8.54
C HIS D 82 -10.28 -20.00 -7.02
N ASN D 83 -10.40 -21.13 -6.34
CA ASN D 83 -10.43 -21.13 -4.89
C ASN D 83 -9.40 -22.07 -4.24
N ASN D 84 -9.50 -22.27 -2.93
CA ASN D 84 -8.63 -23.21 -2.20
C ASN D 84 -8.63 -24.65 -2.73
N ILE D 85 -9.74 -25.09 -3.33
CA ILE D 85 -9.78 -26.45 -3.86
C ILE D 85 -8.93 -26.58 -5.12
N HIS D 86 -9.01 -25.57 -5.99
CA HIS D 86 -8.16 -25.46 -7.17
C HIS D 86 -6.69 -25.36 -6.78
N ALA D 87 -6.40 -24.54 -5.79
CA ALA D 87 -5.05 -24.46 -5.26
C ALA D 87 -4.58 -25.85 -4.81
N ALA D 88 -5.40 -26.52 -3.99
CA ALA D 88 -5.06 -27.85 -3.53
C ALA D 88 -4.75 -28.78 -4.71
N ASP D 89 -5.62 -28.75 -5.72
CA ASP D 89 -5.51 -29.64 -6.85
C ASP D 89 -4.21 -29.39 -7.63
N VAL D 90 -3.88 -28.14 -7.89
CA VAL D 90 -2.68 -27.82 -8.67
C VAL D 90 -1.43 -28.22 -7.89
N VAL D 91 -1.49 -28.06 -6.57
CA VAL D 91 -0.42 -28.52 -5.70
C VAL D 91 -0.22 -30.05 -5.77
N GLN D 92 -1.30 -30.80 -5.63
CA GLN D 92 -1.20 -32.25 -5.71
C GLN D 92 -0.75 -32.72 -7.09
N SER D 93 -1.28 -32.12 -8.15
CA SER D 93 -0.84 -32.48 -9.50
C SER D 93 0.64 -32.17 -9.75
N THR D 94 1.09 -31.01 -9.32
CA THR D 94 2.51 -30.68 -9.40
C THR D 94 3.33 -31.70 -8.60
N HIS D 95 2.79 -32.11 -7.46
CA HIS D 95 3.46 -33.10 -6.62
C HIS D 95 3.72 -34.36 -7.45
N VAL D 96 2.70 -34.80 -8.18
CA VAL D 96 2.80 -36.06 -8.91
C VAL D 96 3.82 -35.91 -10.01
N LEU D 97 3.71 -34.83 -10.77
CA LEU D 97 4.62 -34.57 -11.87
C LEU D 97 6.08 -34.46 -11.41
N LEU D 98 6.30 -33.86 -10.25
CA LEU D 98 7.66 -33.76 -9.73
C LEU D 98 8.30 -35.14 -9.52
N SER D 99 7.47 -36.16 -9.31
CA SER D 99 7.99 -37.49 -9.05
C SER D 99 7.88 -38.48 -10.21
N THR D 100 7.62 -37.95 -11.40
CA THR D 100 7.68 -38.76 -12.61
C THR D 100 9.09 -39.39 -12.74
N PRO D 101 9.17 -40.65 -13.19
CA PRO D 101 10.47 -41.31 -13.27
C PRO D 101 11.48 -40.58 -14.14
N ALA D 102 11.04 -40.00 -15.25
CA ALA D 102 11.92 -39.23 -16.12
C ALA D 102 12.66 -38.09 -15.41
N LEU D 103 12.19 -37.72 -14.22
CA LEU D 103 12.73 -36.58 -13.47
C LEU D 103 13.36 -36.95 -12.14
N GLU D 104 13.52 -38.24 -11.89
CA GLU D 104 14.07 -38.66 -10.61
C GLU D 104 15.47 -38.10 -10.42
N ALA D 105 15.72 -37.54 -9.24
CA ALA D 105 17.02 -37.00 -8.85
C ALA D 105 17.42 -35.73 -9.60
N VAL D 106 16.62 -35.32 -10.57
CA VAL D 106 16.93 -34.13 -11.35
C VAL D 106 16.92 -32.81 -10.55
N PHE D 107 15.85 -32.56 -9.80
CA PHE D 107 15.71 -31.30 -9.06
C PHE D 107 16.20 -31.34 -7.61
N THR D 108 16.74 -30.21 -7.16
CA THR D 108 17.15 -30.07 -5.78
C THR D 108 15.94 -29.92 -4.85
N ASP D 109 16.19 -30.12 -3.57
CA ASP D 109 15.17 -29.93 -2.52
C ASP D 109 14.53 -28.55 -2.56
N LEU D 110 15.37 -27.53 -2.79
CA LEU D 110 14.98 -26.13 -2.88
C LEU D 110 14.10 -25.88 -4.09
N GLU D 111 14.43 -26.54 -5.19
CA GLU D 111 13.62 -26.40 -6.40
C GLU D 111 12.25 -27.06 -6.26
N ILE D 112 12.21 -28.21 -5.60
CA ILE D 112 10.96 -28.91 -5.30
C ILE D 112 10.05 -28.06 -4.42
N LEU D 113 10.64 -27.54 -3.35
CA LEU D 113 9.98 -26.61 -2.45
C LEU D 113 9.43 -25.42 -3.22
N ALA D 114 10.23 -24.85 -4.12
CA ALA D 114 9.78 -23.73 -4.93
C ALA D 114 8.55 -24.07 -5.75
N ALA D 115 8.59 -25.15 -6.52
CA ALA D 115 7.49 -25.53 -7.38
C ALA D 115 6.22 -25.78 -6.57
N ILE D 116 6.39 -26.46 -5.44
CA ILE D 116 5.23 -26.77 -4.60
C ILE D 116 4.64 -25.49 -3.98
N PHE D 117 5.52 -24.65 -3.45
CA PHE D 117 5.11 -23.37 -2.88
C PHE D 117 4.42 -22.49 -3.93
N ALA D 118 5.00 -22.41 -5.13
CA ALA D 118 4.40 -21.57 -6.17
C ALA D 118 2.97 -22.03 -6.45
N SER D 119 2.77 -23.35 -6.48
CA SER D 119 1.48 -23.95 -6.77
C SER D 119 0.46 -23.62 -5.69
N ALA D 120 0.91 -23.51 -4.46
CA ALA D 120 0.01 -23.25 -3.34
C ALA D 120 -0.55 -21.83 -3.41
N ILE D 121 0.27 -20.91 -3.89
CA ILE D 121 -0.08 -19.51 -3.84
C ILE D 121 -0.50 -18.97 -5.20
N HIS D 122 -0.37 -19.80 -6.23
CA HIS D 122 -0.41 -19.29 -7.60
C HIS D 122 -1.71 -18.57 -7.99
N ASP D 123 -2.80 -18.77 -7.25
CA ASP D 123 -4.05 -18.02 -7.51
C ASP D 123 -4.59 -17.36 -6.26
N VAL D 124 -3.75 -17.14 -5.24
CA VAL D 124 -4.31 -16.68 -3.98
C VAL D 124 -4.95 -15.30 -4.14
N ASP D 125 -6.10 -15.13 -3.51
CA ASP D 125 -6.83 -13.88 -3.51
C ASP D 125 -7.38 -13.51 -4.89
N HIS D 126 -7.63 -14.53 -5.70
CA HIS D 126 -8.29 -14.37 -7.01
C HIS D 126 -9.73 -13.89 -6.83
N PRO D 127 -10.10 -12.77 -7.48
CA PRO D 127 -11.45 -12.18 -7.38
C PRO D 127 -12.54 -12.86 -8.25
N GLY D 128 -12.17 -13.71 -9.20
CA GLY D 128 -13.16 -14.42 -10.00
C GLY D 128 -13.38 -13.82 -11.38
N VAL D 129 -12.58 -12.81 -11.70
CA VAL D 129 -12.67 -12.15 -12.98
C VAL D 129 -11.33 -12.22 -13.67
N SER D 130 -11.34 -12.06 -15.00
CA SER D 130 -10.13 -12.09 -15.81
C SER D 130 -9.29 -10.83 -15.59
N ASN D 131 -8.04 -10.86 -16.05
CA ASN D 131 -7.18 -9.67 -16.06
C ASN D 131 -7.80 -8.54 -16.87
N GLN D 132 -8.25 -8.87 -18.08
CA GLN D 132 -8.85 -7.91 -19.00
C GLN D 132 -9.99 -7.12 -18.34
N PHE D 133 -10.84 -7.84 -17.58
CA PHE D 133 -11.90 -7.22 -16.79
C PHE D 133 -11.34 -6.20 -15.78
N LEU D 134 -10.27 -6.56 -15.07
CA LEU D 134 -9.69 -5.64 -14.08
C LEU D 134 -9.11 -4.43 -14.77
N ILE D 135 -8.63 -4.64 -16.00
CA ILE D 135 -8.11 -3.52 -16.76
C ILE D 135 -9.25 -2.64 -17.30
N ASN D 136 -10.33 -3.25 -17.76
CA ASN D 136 -11.42 -2.49 -18.37
C ASN D 136 -12.35 -1.85 -17.34
N THR D 137 -11.98 -1.95 -16.08
CA THR D 137 -12.73 -1.31 -14.99
C THR D 137 -11.84 -0.29 -14.30
N ASN D 138 -10.62 -0.16 -14.78
CA ASN D 138 -9.67 0.77 -14.21
C ASN D 138 -9.52 0.53 -12.68
N SER D 139 -9.29 -0.72 -12.33
CA SER D 139 -9.19 -1.15 -10.94
C SER D 139 -7.82 -0.86 -10.39
N GLU D 140 -7.75 -0.61 -9.09
CA GLU D 140 -6.46 -0.33 -8.46
C GLU D 140 -5.35 -1.35 -8.79
N LEU D 141 -5.72 -2.62 -8.92
CA LEU D 141 -4.76 -3.67 -9.17
C LEU D 141 -4.15 -3.48 -10.56
N ALA D 142 -5.00 -3.51 -11.59
CA ALA D 142 -4.62 -3.20 -12.96
C ALA D 142 -3.66 -2.02 -13.05
N LEU D 143 -3.88 -1.02 -12.21
CA LEU D 143 -3.09 0.19 -12.26
C LEU D 143 -1.82 0.04 -11.45
N MET D 144 -1.83 -0.91 -10.52
CA MET D 144 -0.67 -1.13 -9.69
C MET D 144 0.36 -1.92 -10.46
N TYR D 145 -0.11 -2.68 -11.45
CA TYR D 145 0.71 -3.59 -12.21
C TYR D 145 0.70 -3.30 -13.70
N ASN D 146 0.41 -2.04 -14.03
CA ASN D 146 0.45 -1.59 -15.42
C ASN D 146 -0.19 -2.58 -16.38
N ASP D 147 -1.39 -3.01 -16.05
CA ASP D 147 -2.19 -3.84 -16.96
C ASP D 147 -1.53 -5.16 -17.39
N SER D 148 -0.41 -5.53 -16.80
CA SER D 148 0.36 -6.65 -17.33
C SER D 148 0.57 -7.77 -16.29
N SER D 149 -0.06 -8.91 -16.53
CA SER D 149 0.00 -10.02 -15.58
C SER D 149 -0.48 -9.49 -14.22
N VAL D 150 -1.62 -8.82 -14.22
CA VAL D 150 -2.06 -8.07 -13.05
C VAL D 150 -2.37 -9.02 -11.92
N LEU D 151 -3.23 -9.99 -12.22
CA LEU D 151 -3.62 -11.02 -11.28
C LEU D 151 -2.42 -11.79 -10.73
N GLU D 152 -1.54 -12.22 -11.63
CA GLU D 152 -0.40 -13.05 -11.26
C GLU D 152 0.62 -12.32 -10.36
N ASN D 153 0.89 -11.05 -10.67
CA ASN D 153 1.74 -10.22 -9.81
C ASN D 153 1.15 -10.13 -8.41
N HIS D 154 -0.17 -10.05 -8.36
CA HIS D 154 -0.90 -9.98 -7.10
C HIS D 154 -0.79 -11.26 -6.28
N HIS D 155 -1.03 -12.40 -6.91
CA HIS D 155 -0.94 -13.69 -6.26
C HIS D 155 0.39 -13.84 -5.52
N LEU D 156 1.49 -13.45 -6.17
CA LEU D 156 2.80 -13.51 -5.55
C LEU D 156 2.91 -12.54 -4.37
N ALA D 157 2.51 -11.29 -4.61
CA ALA D 157 2.70 -10.27 -3.60
C ALA D 157 1.99 -10.74 -2.33
N VAL D 158 0.76 -11.24 -2.46
CA VAL D 158 -0.03 -11.72 -1.32
C VAL D 158 0.56 -12.97 -0.66
N GLY D 159 0.99 -13.92 -1.49
CA GLY D 159 1.62 -15.12 -1.00
C GLY D 159 2.88 -14.88 -0.19
N PHE D 160 3.75 -13.96 -0.61
CA PHE D 160 4.95 -13.64 0.17
C PHE D 160 4.63 -12.77 1.38
N LYS D 161 3.60 -11.96 1.24
CA LYS D 161 3.26 -11.03 2.29
C LYS D 161 2.69 -11.83 3.46
N LEU D 162 1.89 -12.85 3.16
CA LEU D 162 1.25 -13.66 4.20
C LEU D 162 2.27 -14.31 5.16
N LEU D 163 3.51 -14.51 4.71
CA LEU D 163 4.55 -15.04 5.57
C LEU D 163 4.81 -14.13 6.75
N GLN D 164 4.40 -12.88 6.64
CA GLN D 164 4.69 -11.87 7.66
C GLN D 164 3.68 -11.89 8.80
N GLU D 165 2.57 -12.59 8.64
CA GLU D 165 1.60 -12.71 9.73
C GLU D 165 2.17 -13.53 10.90
N GLU D 166 1.51 -13.49 12.06
CA GLU D 166 2.03 -14.14 13.27
C GLU D 166 2.32 -15.64 13.07
N ASN D 167 3.56 -16.06 13.36
CA ASN D 167 3.99 -17.47 13.28
C ASN D 167 3.73 -18.09 11.91
N CYS D 168 4.03 -17.32 10.87
CA CYS D 168 3.74 -17.72 9.50
C CYS D 168 4.99 -17.93 8.64
N ASP D 169 6.18 -17.61 9.17
CA ASP D 169 7.42 -17.62 8.37
C ASP D 169 8.02 -19.00 8.22
N ILE D 170 7.47 -19.74 7.28
CA ILE D 170 7.92 -21.10 7.06
C ILE D 170 9.37 -21.14 6.53
N PHE D 171 9.90 -20.00 6.10
CA PHE D 171 11.25 -19.93 5.54
C PHE D 171 12.26 -19.31 6.49
N GLN D 172 11.84 -18.98 7.70
CA GLN D 172 12.68 -18.34 8.70
C GLN D 172 14.07 -19.00 8.88
N ASN D 173 14.21 -20.26 8.48
CA ASN D 173 15.46 -21.01 8.72
C ASN D 173 16.27 -21.38 7.49
N LEU D 174 15.90 -20.88 6.33
CA LEU D 174 16.77 -20.98 5.18
C LEU D 174 17.79 -19.84 5.28
N THR D 175 18.96 -20.03 4.68
CA THR D 175 19.96 -18.98 4.56
C THR D 175 19.46 -17.88 3.64
N LYS D 176 20.19 -16.78 3.59
CA LYS D 176 19.82 -15.70 2.69
C LYS D 176 19.84 -16.24 1.26
N LYS D 177 20.96 -16.86 0.87
CA LYS D 177 21.09 -17.39 -0.48
C LYS D 177 19.96 -18.35 -0.82
N GLN D 178 19.66 -19.27 0.09
CA GLN D 178 18.49 -20.13 -0.05
C GLN D 178 17.20 -19.33 -0.34
N ARG D 179 16.97 -18.27 0.42
CA ARG D 179 15.75 -17.49 0.28
C ARG D 179 15.71 -16.65 -1.00
N GLN D 180 16.86 -16.27 -1.51
CA GLN D 180 16.86 -15.51 -2.76
C GLN D 180 16.63 -16.44 -3.95
N SER D 181 17.16 -17.65 -3.89
CA SER D 181 16.97 -18.55 -5.01
C SER D 181 15.52 -19.01 -5.06
N LEU D 182 14.96 -19.28 -3.89
CA LEU D 182 13.61 -19.76 -3.82
C LEU D 182 12.70 -18.66 -4.31
N ARG D 183 12.90 -17.48 -3.74
CA ARG D 183 12.09 -16.33 -4.13
C ARG D 183 12.11 -16.13 -5.66
N LYS D 184 13.29 -16.14 -6.27
CA LYS D 184 13.37 -15.97 -7.72
C LYS D 184 12.60 -17.04 -8.49
N MET D 185 12.82 -18.29 -8.12
CA MET D 185 12.14 -19.36 -8.82
C MET D 185 10.64 -19.27 -8.64
N VAL D 186 10.19 -18.97 -7.43
CA VAL D 186 8.77 -18.87 -7.19
C VAL D 186 8.17 -17.78 -8.08
N ILE D 187 8.78 -16.59 -8.09
CA ILE D 187 8.35 -15.52 -8.99
C ILE D 187 8.35 -15.93 -10.49
N ASP D 188 9.41 -16.62 -10.94
CA ASP D 188 9.48 -17.01 -12.34
C ASP D 188 8.35 -17.99 -12.68
N ILE D 189 8.01 -18.85 -11.72
CA ILE D 189 6.96 -19.83 -11.96
C ILE D 189 5.56 -19.23 -11.95
N VAL D 190 5.24 -18.38 -10.97
CA VAL D 190 3.85 -17.90 -10.90
C VAL D 190 3.51 -17.01 -12.07
N LEU D 191 4.40 -16.08 -12.40
CA LEU D 191 4.22 -15.25 -13.58
C LEU D 191 3.89 -16.08 -14.83
N ALA D 192 4.59 -17.18 -15.05
CA ALA D 192 4.32 -18.06 -16.19
C ALA D 192 2.91 -18.69 -16.21
N THR D 193 2.11 -18.51 -15.16
CA THR D 193 0.77 -19.09 -15.16
C THR D 193 -0.22 -18.23 -15.89
N ASP D 194 0.18 -16.98 -16.17
CA ASP D 194 -0.58 -16.06 -17.01
C ASP D 194 -0.83 -16.69 -18.37
N MET D 195 -2.10 -16.95 -18.69
CA MET D 195 -2.43 -17.66 -19.92
C MET D 195 -1.80 -17.04 -21.18
N SER D 196 -1.86 -15.72 -21.27
CA SER D 196 -1.24 -15.00 -22.38
C SER D 196 0.15 -15.56 -22.74
N LYS D 197 0.86 -16.10 -21.75
CA LYS D 197 2.21 -16.55 -21.97
C LYS D 197 2.25 -18.02 -22.41
N HIS D 198 1.09 -18.65 -22.51
CA HIS D 198 1.00 -20.04 -22.93
C HIS D 198 1.83 -20.39 -24.17
N MET D 199 1.52 -19.76 -25.30
CA MET D 199 2.17 -20.10 -26.56
C MET D 199 3.69 -20.10 -26.49
N ASN D 200 4.26 -19.19 -25.72
CA ASN D 200 5.70 -19.05 -25.74
C ASN D 200 6.36 -20.08 -24.84
N LEU D 201 5.76 -20.27 -23.67
CA LEU D 201 6.09 -21.39 -22.82
C LEU D 201 6.13 -22.66 -23.67
N LEU D 202 5.05 -22.89 -24.42
CA LEU D 202 4.90 -24.08 -25.23
C LEU D 202 5.98 -24.19 -26.31
N ALA D 203 6.34 -23.08 -26.92
CA ALA D 203 7.41 -23.10 -27.92
C ALA D 203 8.73 -23.46 -27.25
N ASP D 204 8.99 -22.89 -26.07
CA ASP D 204 10.20 -23.25 -25.32
C ASP D 204 10.21 -24.74 -24.94
N LEU D 205 9.03 -25.27 -24.62
CA LEU D 205 8.90 -26.68 -24.33
C LEU D 205 9.19 -27.53 -25.57
N LYS D 206 8.67 -27.12 -26.73
CA LYS D 206 8.88 -27.87 -27.97
C LYS D 206 10.35 -27.92 -28.34
N THR D 207 11.04 -26.83 -28.03
CA THR D 207 12.46 -26.73 -28.31
C THR D 207 13.30 -27.60 -27.38
N MET D 208 12.87 -27.69 -26.12
CA MET D 208 13.48 -28.56 -25.13
C MET D 208 13.36 -29.99 -25.64
N VAL D 209 12.18 -30.32 -26.16
CA VAL D 209 11.97 -31.68 -26.62
C VAL D 209 12.82 -32.02 -27.85
N GLU D 210 12.90 -31.09 -28.79
CA GLU D 210 13.65 -31.33 -30.00
C GLU D 210 15.16 -31.52 -29.75
N THR D 211 15.63 -31.02 -28.60
CA THR D 211 17.06 -31.13 -28.28
C THR D 211 17.27 -31.90 -26.98
N LYS D 212 16.38 -32.84 -26.72
CA LYS D 212 16.27 -33.51 -25.43
C LYS D 212 17.43 -34.44 -25.13
N LYS D 213 18.07 -34.26 -23.98
CA LYS D 213 19.09 -35.23 -23.54
C LYS D 213 18.70 -35.99 -22.26
N VAL D 214 19.30 -37.16 -22.10
CA VAL D 214 19.23 -37.91 -20.86
C VAL D 214 20.63 -38.04 -20.29
N THR D 215 20.72 -38.28 -18.98
CA THR D 215 22.01 -38.49 -18.33
C THR D 215 22.37 -39.97 -18.37
N SER D 216 23.35 -40.38 -17.57
CA SER D 216 23.74 -41.81 -17.53
C SER D 216 22.65 -42.68 -16.91
N SER D 217 22.37 -42.42 -15.64
CA SER D 217 21.09 -42.76 -15.05
C SER D 217 20.16 -42.16 -16.06
N GLY D 218 19.06 -42.83 -16.39
CA GLY D 218 18.29 -42.42 -17.56
C GLY D 218 17.27 -41.31 -17.36
N VAL D 219 17.70 -40.18 -16.79
CA VAL D 219 16.79 -39.07 -16.54
C VAL D 219 17.15 -37.82 -17.35
N LEU D 220 16.23 -36.87 -17.37
CA LEU D 220 16.34 -35.66 -18.16
C LEU D 220 17.59 -34.84 -17.82
N LEU D 221 18.31 -34.38 -18.84
CA LEU D 221 19.46 -33.52 -18.61
C LEU D 221 19.09 -32.02 -18.68
N LEU D 222 19.25 -31.31 -17.56
CA LEU D 222 19.01 -29.87 -17.52
C LEU D 222 20.16 -29.15 -16.81
N ASP D 223 21.09 -28.58 -17.59
CA ASP D 223 22.32 -28.06 -17.00
C ASP D 223 22.50 -26.54 -17.05
N ASN D 224 21.40 -25.79 -17.09
CA ASN D 224 21.44 -24.34 -16.93
C ASN D 224 20.14 -23.82 -16.33
N TYR D 225 20.21 -22.73 -15.57
CA TYR D 225 19.02 -22.27 -14.87
C TYR D 225 17.82 -22.17 -15.78
N SER D 226 18.02 -21.56 -16.94
CA SER D 226 16.95 -21.35 -17.89
C SER D 226 16.22 -22.65 -18.28
N ASP D 227 16.97 -23.71 -18.54
CA ASP D 227 16.38 -25.00 -18.87
C ASP D 227 15.58 -25.56 -17.69
N ARG D 228 16.18 -25.49 -16.51
CA ARG D 228 15.56 -25.98 -15.29
C ARG D 228 14.23 -25.25 -15.03
N ILE D 229 14.25 -23.95 -15.15
CA ILE D 229 13.12 -23.15 -14.76
C ILE D 229 12.02 -23.25 -15.81
N GLN D 230 12.38 -23.39 -17.08
CA GLN D 230 11.35 -23.54 -18.10
C GLN D 230 10.63 -24.87 -17.93
N VAL D 231 11.36 -25.90 -17.51
CA VAL D 231 10.72 -27.17 -17.20
C VAL D 231 9.75 -27.01 -16.03
N LEU D 232 10.20 -26.36 -14.95
CA LEU D 232 9.34 -26.12 -13.79
C LEU D 232 8.11 -25.30 -14.15
N GLN D 233 8.31 -24.30 -14.99
CA GLN D 233 7.21 -23.40 -15.34
C GLN D 233 6.18 -24.20 -16.10
N ASN D 234 6.65 -24.95 -17.08
CA ASN D 234 5.78 -25.80 -17.86
C ASN D 234 5.08 -26.85 -17.04
N MET D 235 5.81 -27.41 -16.07
CA MET D 235 5.22 -28.34 -15.13
C MET D 235 4.01 -27.73 -14.39
N VAL D 236 4.20 -26.54 -13.80
CA VAL D 236 3.11 -25.93 -13.03
C VAL D 236 2.02 -25.43 -13.95
N HIS D 237 2.42 -25.08 -15.18
CA HIS D 237 1.47 -24.65 -16.19
C HIS D 237 0.63 -25.84 -16.59
N CYS D 238 1.28 -26.99 -16.77
CA CYS D 238 0.54 -28.24 -16.99
C CYS D 238 -0.42 -28.58 -15.85
N ALA D 239 0.05 -28.49 -14.61
CA ALA D 239 -0.83 -28.79 -13.47
C ALA D 239 -2.04 -27.84 -13.45
N ASP D 240 -1.79 -26.56 -13.72
CA ASP D 240 -2.88 -25.60 -13.87
C ASP D 240 -3.93 -26.07 -14.93
N LEU D 241 -3.45 -26.67 -16.00
CA LEU D 241 -4.33 -27.09 -17.08
C LEU D 241 -4.53 -28.59 -17.10
N SER D 242 -4.54 -29.20 -15.92
CA SER D 242 -4.61 -30.66 -15.87
C SER D 242 -6.04 -31.19 -15.79
N ASN D 243 -6.99 -30.28 -15.62
CA ASN D 243 -8.40 -30.67 -15.44
C ASN D 243 -8.97 -31.70 -16.42
N PRO D 244 -8.86 -31.45 -17.75
CA PRO D 244 -9.40 -32.37 -18.74
C PRO D 244 -8.68 -33.71 -18.80
N THR D 245 -7.65 -33.90 -17.97
CA THR D 245 -6.88 -35.13 -18.03
C THR D 245 -7.16 -35.96 -16.81
N LYS D 246 -8.06 -35.48 -15.96
CA LYS D 246 -8.42 -36.22 -14.77
C LYS D 246 -9.55 -37.20 -15.09
N PRO D 247 -9.80 -38.15 -14.18
CA PRO D 247 -11.01 -38.95 -14.32
C PRO D 247 -12.20 -38.05 -14.64
N LEU D 248 -12.98 -38.45 -15.65
CA LEU D 248 -14.08 -37.63 -16.20
C LEU D 248 -15.00 -37.00 -15.16
N GLN D 249 -15.24 -37.68 -14.05
CA GLN D 249 -16.14 -37.14 -13.04
C GLN D 249 -15.51 -35.99 -12.24
N LEU D 250 -14.18 -35.97 -12.16
CA LEU D 250 -13.49 -34.82 -11.62
C LEU D 250 -13.54 -33.70 -12.65
N TYR D 251 -13.18 -34.03 -13.88
CA TYR D 251 -13.20 -33.11 -15.00
C TYR D 251 -14.54 -32.37 -15.16
N ARG D 252 -15.65 -33.10 -15.13
CA ARG D 252 -16.97 -32.48 -15.29
C ARG D 252 -17.31 -31.47 -14.18
N GLN D 253 -16.93 -31.77 -12.94
CA GLN D 253 -17.14 -30.85 -11.83
C GLN D 253 -16.32 -29.57 -11.98
N TRP D 254 -15.14 -29.71 -12.55
CA TRP D 254 -14.29 -28.57 -12.78
C TRP D 254 -14.92 -27.72 -13.86
N THR D 255 -15.37 -28.37 -14.91
CA THR D 255 -16.03 -27.68 -16.01
C THR D 255 -17.24 -26.85 -15.53
N ASP D 256 -18.16 -27.47 -14.78
CA ASP D 256 -19.30 -26.76 -14.21
C ASP D 256 -18.85 -25.50 -13.49
N ARG D 257 -17.83 -25.65 -12.64
CA ARG D 257 -17.37 -24.58 -11.77
C ARG D 257 -16.72 -23.42 -12.53
N ILE D 258 -15.95 -23.72 -13.57
CA ILE D 258 -15.31 -22.63 -14.26
C ILE D 258 -16.31 -21.94 -15.17
N MET D 259 -17.23 -22.71 -15.74
CA MET D 259 -18.27 -22.12 -16.57
C MET D 259 -19.12 -21.25 -15.68
N GLU D 260 -19.38 -21.73 -14.48
CA GLU D 260 -20.13 -20.97 -13.51
C GLU D 260 -19.43 -19.65 -13.26
N GLU D 261 -18.14 -19.74 -12.96
CA GLU D 261 -17.36 -18.55 -12.68
C GLU D 261 -17.35 -17.64 -13.91
N PHE D 262 -17.27 -18.25 -15.09
CA PHE D 262 -17.24 -17.51 -16.34
C PHE D 262 -18.52 -16.71 -16.57
N PHE D 263 -19.66 -17.30 -16.22
CA PHE D 263 -20.93 -16.64 -16.41
C PHE D 263 -21.15 -15.50 -15.41
N ARG D 264 -20.67 -15.67 -14.18
CA ARG D 264 -20.71 -14.58 -13.21
C ARG D 264 -20.10 -13.36 -13.87
N GLN D 265 -18.93 -13.55 -14.46
CA GLN D 265 -18.24 -12.42 -15.04
C GLN D 265 -19.03 -11.89 -16.25
N GLY D 266 -19.74 -12.77 -16.93
CA GLY D 266 -20.58 -12.36 -18.04
C GLY D 266 -21.72 -11.46 -17.57
N ASP D 267 -22.31 -11.82 -16.43
CA ASP D 267 -23.35 -11.02 -15.83
C ASP D 267 -22.79 -9.69 -15.35
N ARG D 268 -21.62 -9.68 -14.72
CA ARG D 268 -21.05 -8.44 -14.22
C ARG D 268 -20.77 -7.50 -15.38
N GLU D 269 -20.48 -8.08 -16.53
CA GLU D 269 -20.15 -7.28 -17.70
C GLU D 269 -21.41 -6.70 -18.34
N ARG D 270 -22.38 -7.56 -18.62
CA ARG D 270 -23.66 -7.12 -19.18
C ARG D 270 -24.28 -6.11 -18.22
N GLU D 271 -24.31 -6.50 -16.96
CA GLU D 271 -24.79 -5.64 -15.88
C GLU D 271 -24.34 -4.21 -15.98
N ARG D 272 -23.04 -4.00 -16.16
CA ARG D 272 -22.44 -2.69 -15.96
C ARG D 272 -21.96 -2.05 -17.25
N GLY D 273 -22.57 -2.46 -18.35
CA GLY D 273 -22.28 -1.85 -19.64
C GLY D 273 -20.87 -2.12 -20.14
N MET D 274 -20.45 -3.37 -20.09
CA MET D 274 -19.26 -3.77 -20.81
C MET D 274 -19.71 -4.56 -22.04
N GLU D 275 -18.80 -4.82 -22.95
CA GLU D 275 -19.08 -5.75 -24.03
C GLU D 275 -18.77 -7.15 -23.52
N ILE D 276 -19.81 -7.94 -23.28
CA ILE D 276 -19.63 -9.29 -22.76
C ILE D 276 -18.40 -9.93 -23.38
N SER D 277 -17.38 -10.16 -22.57
CA SER D 277 -16.22 -10.95 -22.98
C SER D 277 -16.72 -12.26 -23.58
N PRO D 278 -16.27 -12.59 -24.81
CA PRO D 278 -16.70 -13.83 -25.48
C PRO D 278 -16.18 -15.07 -24.74
N MET D 279 -17.10 -15.94 -24.33
CA MET D 279 -16.83 -17.13 -23.50
C MET D 279 -17.59 -17.04 -22.18
N CYS D 280 -17.88 -15.81 -21.75
CA CYS D 280 -18.56 -15.53 -20.48
C CYS D 280 -20.04 -15.15 -20.68
N ASP D 281 -20.55 -15.26 -21.90
CA ASP D 281 -21.93 -14.92 -22.21
C ASP D 281 -22.85 -16.13 -22.05
N LYS D 282 -23.63 -16.16 -20.98
CA LYS D 282 -24.41 -17.36 -20.66
C LYS D 282 -25.52 -17.71 -21.68
N HIS D 283 -26.16 -16.70 -22.27
CA HIS D 283 -27.27 -16.93 -23.20
C HIS D 283 -26.83 -17.52 -24.54
N ASN D 284 -25.58 -17.23 -24.91
CA ASN D 284 -25.00 -17.67 -26.17
C ASN D 284 -23.82 -18.63 -25.90
N ALA D 285 -24.12 -19.78 -25.30
CA ALA D 285 -23.08 -20.67 -24.77
C ALA D 285 -23.01 -22.04 -25.46
N SER D 286 -21.85 -22.67 -25.42
CA SER D 286 -21.66 -24.02 -25.95
C SER D 286 -20.56 -24.78 -25.22
N VAL D 287 -20.75 -24.98 -23.92
CA VAL D 287 -19.75 -25.61 -23.06
C VAL D 287 -18.97 -26.77 -23.69
N GLU D 288 -19.67 -27.85 -24.04
CA GLU D 288 -19.01 -29.04 -24.53
C GLU D 288 -18.18 -28.73 -25.77
N LYS D 289 -18.75 -27.95 -26.68
CA LYS D 289 -18.05 -27.59 -27.90
C LYS D 289 -16.78 -26.79 -27.59
N SER D 290 -16.88 -25.91 -26.60
CA SER D 290 -15.76 -25.09 -26.16
C SER D 290 -14.70 -25.90 -25.45
N GLN D 291 -15.12 -26.90 -24.68
CA GLN D 291 -14.16 -27.80 -24.06
C GLN D 291 -13.37 -28.55 -25.13
N VAL D 292 -14.09 -29.10 -26.11
CA VAL D 292 -13.45 -29.76 -27.25
C VAL D 292 -12.43 -28.85 -27.93
N GLY D 293 -12.79 -27.58 -28.13
CA GLY D 293 -11.88 -26.64 -28.75
C GLY D 293 -10.68 -26.37 -27.87
N PHE D 294 -10.95 -26.13 -26.58
CA PHE D 294 -9.89 -25.87 -25.62
C PHE D 294 -8.87 -27.01 -25.58
N ILE D 295 -9.37 -28.24 -25.53
CA ILE D 295 -8.51 -29.41 -25.59
C ILE D 295 -7.75 -29.44 -26.91
N ASP D 296 -8.50 -29.35 -28.01
CA ASP D 296 -7.92 -29.39 -29.35
C ASP D 296 -6.78 -28.38 -29.56
N TYR D 297 -6.99 -27.14 -29.13
CA TYR D 297 -6.04 -26.11 -29.49
C TYR D 297 -5.06 -25.70 -28.39
N ILE D 298 -5.35 -26.09 -27.14
CA ILE D 298 -4.48 -25.67 -26.03
C ILE D 298 -3.96 -26.83 -25.18
N VAL D 299 -4.88 -27.60 -24.59
CA VAL D 299 -4.54 -28.64 -23.63
C VAL D 299 -3.78 -29.84 -24.20
N HIS D 300 -4.28 -30.43 -25.29
CA HIS D 300 -3.61 -31.58 -25.89
C HIS D 300 -2.26 -31.25 -26.54
N PRO D 301 -2.14 -30.05 -27.14
CA PRO D 301 -0.82 -29.66 -27.64
C PRO D 301 0.21 -29.55 -26.52
N LEU D 302 -0.22 -29.02 -25.38
CA LEU D 302 0.68 -28.89 -24.24
C LEU D 302 0.99 -30.26 -23.58
N TRP D 303 -0.03 -31.11 -23.44
CA TRP D 303 0.21 -32.38 -22.75
C TRP D 303 0.94 -33.37 -23.64
N GLU D 304 0.72 -33.25 -24.95
CA GLU D 304 1.47 -34.09 -25.86
C GLU D 304 2.97 -33.75 -25.86
N THR D 305 3.30 -32.47 -25.78
CA THR D 305 4.69 -32.07 -25.76
C THR D 305 5.34 -32.51 -24.45
N TRP D 306 4.60 -32.33 -23.35
CA TRP D 306 5.10 -32.77 -22.04
C TRP D 306 5.29 -34.26 -22.04
N ALA D 307 4.31 -34.98 -22.62
CA ALA D 307 4.37 -36.43 -22.65
C ALA D 307 5.65 -36.88 -23.36
N ASP D 308 6.02 -36.15 -24.41
CA ASP D 308 7.28 -36.40 -25.11
C ASP D 308 8.48 -36.21 -24.22
N LEU D 309 8.48 -35.13 -23.43
CA LEU D 309 9.64 -34.77 -22.61
C LEU D 309 9.95 -35.88 -21.60
N VAL D 310 8.90 -36.46 -21.01
CA VAL D 310 9.02 -37.50 -19.99
C VAL D 310 8.60 -38.91 -20.45
N HIS D 311 8.55 -39.10 -21.77
CA HIS D 311 8.11 -40.35 -22.37
C HIS D 311 8.74 -41.60 -21.74
N PRO D 312 7.93 -42.61 -21.41
CA PRO D 312 6.47 -42.77 -21.53
C PRO D 312 5.70 -42.48 -20.23
N ASP D 313 6.32 -41.79 -19.27
CA ASP D 313 5.70 -41.57 -17.97
C ASP D 313 4.26 -41.07 -18.06
N ALA D 314 3.95 -40.24 -19.04
CA ALA D 314 2.64 -39.60 -19.08
C ALA D 314 1.61 -40.27 -20.00
N GLN D 315 1.93 -41.44 -20.54
CA GLN D 315 1.07 -42.10 -21.52
C GLN D 315 -0.38 -42.17 -21.11
N ASP D 316 -0.62 -42.61 -19.87
CA ASP D 316 -1.98 -42.74 -19.38
C ASP D 316 -2.69 -41.40 -19.23
N ILE D 317 -1.96 -40.38 -18.79
CA ILE D 317 -2.55 -39.06 -18.69
C ILE D 317 -3.06 -38.68 -20.09
N LEU D 318 -2.17 -38.72 -21.09
CA LEU D 318 -2.59 -38.37 -22.44
C LEU D 318 -3.77 -39.22 -22.91
N ASP D 319 -3.76 -40.50 -22.55
CA ASP D 319 -4.85 -41.39 -22.90
C ASP D 319 -6.18 -40.84 -22.36
N THR D 320 -6.22 -40.54 -21.07
CA THR D 320 -7.45 -40.08 -20.45
C THR D 320 -7.97 -38.81 -21.09
N LEU D 321 -7.05 -37.90 -21.40
CA LEU D 321 -7.38 -36.64 -22.02
C LEU D 321 -8.17 -36.90 -23.30
N GLU D 322 -7.61 -37.68 -24.19
CA GLU D 322 -8.33 -38.07 -25.40
C GLU D 322 -9.70 -38.67 -25.09
N ASP D 323 -9.76 -39.65 -24.19
CA ASP D 323 -11.03 -40.20 -23.73
C ASP D 323 -12.05 -39.11 -23.36
N ASN D 324 -11.63 -38.15 -22.56
CA ASN D 324 -12.52 -37.09 -22.09
C ASN D 324 -12.93 -36.13 -23.19
N ARG D 325 -12.12 -36.01 -24.22
CA ARG D 325 -12.50 -35.17 -25.33
C ARG D 325 -13.71 -35.79 -26.02
N GLU D 326 -13.65 -37.09 -26.26
CA GLU D 326 -14.72 -37.75 -26.99
C GLU D 326 -16.01 -37.72 -26.19
N TRP D 327 -15.90 -37.69 -24.87
CA TRP D 327 -17.11 -37.57 -24.08
C TRP D 327 -17.81 -36.24 -24.31
N TYR D 328 -17.05 -35.15 -24.40
CA TYR D 328 -17.66 -33.87 -24.66
C TYR D 328 -18.13 -33.76 -26.11
N GLN D 329 -17.29 -34.24 -27.03
CA GLN D 329 -17.69 -34.27 -28.44
C GLN D 329 -19.12 -34.80 -28.55
N SER D 330 -19.30 -36.00 -28.02
CA SER D 330 -20.57 -36.72 -28.11
C SER D 330 -21.69 -36.11 -27.29
N THR D 331 -21.43 -35.00 -26.60
CA THR D 331 -22.53 -34.27 -25.95
C THR D 331 -22.66 -32.82 -26.39
N ILE D 332 -22.11 -32.50 -27.56
CA ILE D 332 -22.35 -31.19 -28.17
C ILE D 332 -23.74 -31.19 -28.80
N PRO D 333 -24.57 -30.19 -28.48
CA PRO D 333 -25.97 -30.23 -28.94
C PRO D 333 -26.14 -30.11 -30.47
C1 EDO E . 5.51 -3.65 30.82
O1 EDO E . 6.26 -4.73 31.38
C2 EDO E . 4.05 -3.76 31.24
O2 EDO E . 3.23 -2.83 30.52
ZN ZN F . 9.36 15.51 16.49
ZN ZN G . 6.08 14.93 14.84
C1 EDO H . 16.62 15.47 35.02
O1 EDO H . 16.72 14.27 34.25
C2 EDO H . 15.38 16.24 34.63
O2 EDO H . 14.21 15.59 35.14
C1 EDO I . 12.45 -12.36 25.80
O1 EDO I . 13.09 -11.08 25.88
C2 EDO I . 13.50 -13.49 25.83
O2 EDO I . 14.31 -13.36 27.01
C1 EDO J . 11.43 21.05 3.85
O1 EDO J . 11.99 20.27 2.77
C2 EDO J . 9.99 21.44 3.50
O2 EDO J . 9.62 22.63 4.21
C1 EDO K . -3.77 1.50 19.80
O1 EDO K . -3.36 0.23 20.31
C2 EDO K . -4.67 2.17 20.85
O2 EDO K . -4.03 2.08 22.14
C1 EDO L . 4.76 -8.13 28.57
O1 EDO L . 5.67 -8.52 29.61
C2 EDO L . 3.30 -8.07 29.06
O2 EDO L . 3.15 -7.22 30.22
C1 EDO M . 7.05 -5.88 18.23
O1 EDO M . 7.13 -6.69 17.06
C2 EDO M . 5.80 -5.03 18.12
O2 EDO M . 5.28 -5.12 16.79
C1 PEG N . 21.63 -11.03 23.55
O1 PEG N . 21.04 -11.83 22.59
C2 PEG N . 22.93 -10.36 23.18
O2 PEG N . 22.85 -9.24 22.37
C3 PEG N . 23.77 -9.05 21.36
C4 PEG N . 24.14 -10.20 20.46
O4 PEG N . 24.91 -9.89 19.35
C1 EDO O . 18.09 -4.62 5.08
O1 EDO O . 19.32 -5.31 5.32
C2 EDO O . 18.34 -3.12 5.25
O2 EDO O . 17.11 -2.46 5.62
C1 EDO P . 0.49 22.01 37.78
O1 EDO P . 1.09 23.10 37.06
C2 EDO P . -0.88 22.39 38.33
O2 EDO P . -1.83 22.57 37.25
C1 EDO Q . 14.10 1.19 36.25
O1 EDO Q . 12.87 1.93 36.36
C2 EDO Q . 13.81 -0.31 36.22
O2 EDO Q . 14.67 -0.96 35.26
C1 EDO R . -0.33 -2.70 28.82
O1 EDO R . 0.84 -3.50 28.61
C2 EDO R . -0.74 -2.15 27.47
O2 EDO R . -1.00 -3.28 26.63
C1 EDO S . 42.26 8.78 11.04
O1 EDO S . 42.77 8.29 12.30
C2 EDO S . 40.73 8.79 11.03
O2 EDO S . 40.23 9.75 11.97
C1 JN7 T . 4.14 26.78 15.90
C2 JN7 T . 2.73 26.26 15.50
N3 JN7 T . 2.38 25.03 16.19
C4 JN7 T . 3.23 23.86 15.97
C5 JN7 T . 4.69 24.21 16.26
C6 JN7 T . 5.14 25.66 16.24
S7 JN7 T . 5.93 23.27 16.66
C8 JN7 T . 7.25 24.31 16.88
C9 JN7 T . 6.80 25.72 16.65
C10 JN7 T . 1.61 24.94 17.42
O11 JN7 T . 1.79 23.97 18.22
O12 JN7 T . 0.94 25.96 17.79
C13 JN7 T . 0.07 25.93 18.86
C14 JN7 T . -0.36 27.25 19.42
C15 JN7 T . 7.72 26.92 16.78
N16 JN7 T . 8.59 23.95 17.29
C17 JN7 T . 9.00 22.70 17.88
C18 JN7 T . 10.43 22.61 18.30
C19 JN7 T . 11.22 23.89 18.26
S20 JN7 T . 11.11 25.19 19.27
C21 JN7 T . 12.16 26.30 18.76
C22 JN7 T . 12.88 25.75 17.52
C23 JN7 T . 12.31 24.25 17.20
O24 JN7 T . 8.32 21.69 17.77
O25 JN7 T . 7.65 28.01 16.12
O26 JN7 T . 8.78 26.75 17.44
C27 JN7 T . 6.51 28.51 15.52
C28 JN7 T . 6.60 29.04 14.07
C29 JN7 T . 5.96 30.45 14.07
C30 JN7 T . 5.02 30.45 15.29
C31 JN7 T . 5.66 29.51 16.30
C1 EDO U . 15.39 -0.29 1.96
O1 EDO U . 16.38 0.25 2.84
C2 EDO U . 14.56 0.87 1.42
O2 EDO U . 13.18 0.62 1.69
ZN ZN V . -18.49 -2.11 10.89
ZN ZN W . -22.26 -2.51 9.97
P PO4 X . -20.66 -3.93 12.98
O1 PO4 X . -20.41 -3.22 14.30
O2 PO4 X . -21.43 -5.21 13.24
O3 PO4 X . -21.47 -3.03 12.06
O4 PO4 X . -19.35 -4.24 12.29
C1 EDO Y . -2.36 -15.16 16.42
O1 EDO Y . -1.76 -14.64 17.62
C2 EDO Y . -1.65 -16.44 15.95
O2 EDO Y . -2.19 -16.88 14.70
C1 EDO Z . -20.46 -18.07 7.47
O1 EDO Z . -21.35 -17.94 6.35
C2 EDO Z . -20.39 -16.79 8.29
O2 EDO Z . -19.51 -15.84 7.67
C1 JN7 AA . -20.92 -8.20 20.38
C2 JN7 AA . -19.47 -7.66 20.48
N3 JN7 AA . -19.47 -6.23 20.29
C4 JN7 AA . -19.76 -5.74 18.92
C5 JN7 AA . -21.06 -6.35 18.44
C6 JN7 AA . -21.64 -7.54 19.18
S7 JN7 AA . -22.08 -5.95 17.26
C8 JN7 AA . -23.37 -7.05 17.35
C9 JN7 AA . -23.11 -7.98 18.48
C10 JN7 AA . -19.65 -5.25 21.35
O11 JN7 AA . -19.23 -5.53 22.50
O12 JN7 AA . -20.32 -4.17 21.19
C13 JN7 AA . -20.62 -3.40 22.31
C14 JN7 AA . -19.86 -2.14 22.56
C15 JN7 AA . -23.92 -9.14 19.04
N16 JN7 AA . -24.56 -7.07 16.53
C17 JN7 AA . -24.95 -5.99 15.68
C18 JN7 AA . -26.32 -6.10 15.10
C19 JN7 AA . -27.14 -7.12 15.84
S20 JN7 AA . -27.53 -8.64 15.36
C21 JN7 AA . -28.32 -9.36 16.56
C22 JN7 AA . -28.40 -8.36 17.71
C23 JN7 AA . -27.68 -6.96 17.28
O24 JN7 AA . -24.31 -4.96 15.65
O25 JN7 AA . -23.29 -9.96 19.77
O26 JN7 AA . -25.15 -9.32 18.82
C27 JN7 AA . -23.94 -10.84 20.58
C28 JN7 AA . -23.50 -12.31 20.51
C29 JN7 AA . -22.39 -12.38 21.57
C30 JN7 AA . -22.66 -11.22 22.54
C31 JN7 AA . -23.93 -10.54 22.06
C1 EDO BA . 4.13 3.00 -4.60
O1 EDO BA . 4.68 2.55 -5.86
C2 EDO BA . 2.72 3.57 -4.79
O2 EDO BA . 2.70 5.00 -4.60
C1 EDO CA . -7.93 17.38 -25.76
O1 EDO CA . -6.95 17.81 -26.71
C2 EDO CA . -8.90 18.53 -25.46
O2 EDO CA . -8.18 19.75 -25.56
C1 EDO DA . 0.44 -2.13 -21.38
O1 EDO DA . 1.82 -2.26 -20.99
C2 EDO DA . -0.08 -0.78 -20.88
O2 EDO DA . -1.50 -0.84 -20.69
ZN ZN EA . 15.81 5.19 -14.02
ZN ZN FA . 17.26 8.36 -15.41
P PO4 GA . 26.74 24.32 -16.77
O1 PO4 GA . 25.25 24.16 -16.60
O2 PO4 GA . 27.43 23.05 -16.37
O3 PO4 GA . 27.03 24.60 -18.23
O4 PO4 GA . 27.20 25.44 -15.86
S DMS HA . 13.26 19.04 -4.87
O DMS HA . 14.57 18.00 -5.56
C1 DMS HA . 13.23 19.01 -3.05
C2 DMS HA . 13.68 20.77 -5.22
C1 JN7 IA . 26.80 1.67 -14.55
C2 JN7 IA . 25.89 0.49 -14.13
N3 JN7 IA . 24.86 0.30 -15.13
C4 JN7 IA . 23.83 1.34 -15.26
C5 JN7 IA . 24.49 2.72 -15.37
C6 JN7 IA . 25.94 2.86 -15.03
S7 JN7 IA . 23.91 4.16 -15.76
C8 JN7 IA . 25.19 5.26 -15.67
C9 JN7 IA . 26.39 4.48 -15.24
C10 JN7 IA . 25.07 -0.33 -16.41
O11 JN7 IA . 26.03 -1.12 -16.56
O12 JN7 IA . 24.24 -0.11 -17.35
C13 JN7 IA . 24.45 -0.51 -18.66
C14 JN7 IA . 23.42 -0.11 -19.68
C15 JN7 IA . 27.81 4.96 -14.99
N16 JN7 IA . 25.18 6.67 -15.97
C17 JN7 IA . 24.15 7.26 -16.77
C18 JN7 IA . 24.41 8.67 -17.21
C19 JN7 IA . 25.88 8.92 -17.20
S20 JN7 IA . 26.70 9.74 -16.03
C21 JN7 IA . 28.28 9.65 -16.42
C22 JN7 IA . 28.41 8.86 -17.72
C23 JN7 IA . 26.93 8.39 -18.21
O24 JN7 IA . 23.47 6.54 -17.47
O25 JN7 IA . 28.62 4.06 -14.63
O26 JN7 IA . 28.17 6.13 -15.24
C27 JN7 IA . 29.93 4.28 -14.29
C28 JN7 IA . 30.42 3.50 -13.07
C29 JN7 IA . 30.68 2.11 -13.70
C30 JN7 IA . 30.95 2.39 -15.19
C31 JN7 IA . 30.97 3.90 -15.31
C1 EDO JA . 13.20 -17.01 -16.60
O1 EDO JA . 14.01 -16.66 -15.46
C2 EDO JA . 11.74 -16.82 -16.22
O2 EDO JA . 10.93 -16.76 -17.40
C1 EDO KA . -1.83 -15.93 12.15
O1 EDO KA . -0.78 -15.46 12.99
C2 EDO KA . -1.56 -15.51 10.71
O2 EDO KA . -2.78 -15.66 9.96
C1 EDO LA . -3.19 -32.20 9.35
O1 EDO LA . -3.57 -33.04 8.25
C2 EDO LA . -3.10 -30.74 8.91
O2 EDO LA . -3.36 -29.87 10.02
C1 EDO MA . 18.71 -24.87 -6.12
O1 EDO MA . 19.22 -25.49 -4.91
C2 EDO MA . 19.15 -23.40 -6.22
O2 EDO MA . 19.03 -22.94 -7.58
C1 EDO NA . 3.52 -38.05 -15.34
O1 EDO NA . 4.62 -37.19 -15.64
C2 EDO NA . 3.81 -38.87 -14.09
O2 EDO NA . 2.75 -39.81 -13.94
C1 PEG OA . 14.06 -12.51 -7.50
O1 PEG OA . 14.83 -12.77 -6.37
C2 PEG OA . 14.67 -11.75 -8.65
O2 PEG OA . 14.28 -12.03 -9.97
C3 PEG OA . 13.14 -11.50 -10.55
C4 PEG OA . 12.31 -12.36 -11.47
O4 PEG OA . 12.97 -13.22 -12.34
ZN ZN PA . -4.15 -18.07 -12.53
ZN ZN QA . -4.76 -21.64 -11.50
C1 EDO RA . 13.10 -35.73 -7.24
O1 EDO RA . 13.67 -37.05 -7.14
C2 EDO RA . 13.96 -34.82 -8.15
O2 EDO RA . 13.12 -34.08 -9.04
C1 EDO SA . -11.97 -17.10 2.91
O1 EDO SA . -11.62 -18.36 2.28
C2 EDO SA . -12.25 -16.02 1.87
O2 EDO SA . -13.53 -16.24 1.27
C1 EDO TA . 1.23 -41.49 -11.78
O1 EDO TA . 0.36 -40.60 -12.50
C2 EDO TA . 0.73 -41.68 -10.33
O2 EDO TA . -0.59 -42.25 -10.32
C1 EDO UA . 3.64 -44.46 -0.92
O1 EDO UA . 2.90 -43.57 -0.04
C2 EDO UA . 4.85 -45.00 -0.17
O2 EDO UA . 5.76 -43.91 0.12
C1 EDO VA . 7.04 -31.61 -29.65
O1 EDO VA . 8.06 -30.80 -30.26
C2 EDO VA . 5.66 -31.07 -30.03
O2 EDO VA . 4.66 -32.08 -29.82
C1 EDO WA . 7.57 -17.30 13.48
O1 EDO WA . 7.20 -18.63 13.88
C2 EDO WA . 7.03 -16.97 12.08
O2 EDO WA . 7.52 -15.67 11.67
S DMS XA . -14.63 -23.66 -1.80
O DMS XA . -15.58 -22.64 -2.95
C1 DMS XA . -13.87 -22.66 -0.48
C2 DMS XA . -15.81 -24.66 -0.87
C1 EDO YA . -0.72 -25.27 -30.74
O1 EDO YA . 0.37 -24.52 -30.22
C2 EDO YA . -1.74 -24.34 -31.39
O2 EDO YA . -3.06 -24.78 -31.01
C1 JN7 ZA . -10.31 -19.91 -21.99
C2 JN7 ZA . -9.27 -19.00 -22.70
N3 JN7 ZA . -7.95 -18.93 -22.08
C4 JN7 ZA . -7.81 -19.02 -20.61
C5 JN7 ZA . -8.55 -20.23 -20.04
C6 JN7 ZA . -9.79 -20.68 -20.76
S7 JN7 ZA . -8.27 -21.25 -18.81
C8 JN7 ZA . -9.52 -22.39 -18.84
C9 JN7 ZA . -10.39 -22.07 -19.99
C10 JN7 ZA . -6.69 -18.72 -22.75
O11 JN7 ZA . -6.30 -17.52 -22.93
O12 JN7 ZA . -6.15 -19.68 -23.38
C13 JN7 ZA . -4.85 -19.59 -23.92
C14 JN7 ZA . -4.52 -18.53 -24.93
C15 JN7 ZA . -11.62 -22.83 -20.40
N16 JN7 ZA . -9.71 -23.55 -18.01
C17 JN7 ZA . -8.65 -24.02 -17.17
C18 JN7 ZA . -8.80 -25.36 -16.54
C19 JN7 ZA . -9.91 -26.13 -17.15
S20 JN7 ZA . -11.36 -26.45 -16.47
C21 JN7 ZA . -12.26 -27.25 -17.55
C22 JN7 ZA . -11.42 -27.39 -18.82
C23 JN7 ZA . -9.96 -26.70 -18.60
O24 JN7 ZA . -7.55 -23.52 -17.32
O25 JN7 ZA . -12.57 -22.16 -20.91
O26 JN7 ZA . -11.78 -24.02 -20.05
C27 JN7 ZA . -13.58 -22.77 -21.61
C28 JN7 ZA . -14.70 -21.86 -22.09
C29 JN7 ZA . -14.11 -21.34 -23.42
C30 JN7 ZA . -13.14 -22.43 -23.91
C31 JN7 ZA . -13.19 -23.53 -22.85
#